data_7JOG
# 
_entry.id   7JOG 
# 
_audit_conform.dict_name       mmcif_pdbx.dic 
_audit_conform.dict_version    5.380 
_audit_conform.dict_location   http://mmcif.pdb.org/dictionaries/ascii/mmcif_pdbx.dic 
# 
loop_
_database_2.database_id 
_database_2.database_code 
_database_2.pdbx_database_accession 
_database_2.pdbx_DOI 
PDB   7JOG         pdb_00007jog 10.2210/pdb7jog/pdb 
WWPDB D_1000250937 ?            ?                   
# 
_pdbx_database_status.status_code                     REL 
_pdbx_database_status.status_code_sf                  REL 
_pdbx_database_status.status_code_mr                  ? 
_pdbx_database_status.entry_id                        7JOG 
_pdbx_database_status.recvd_initial_deposition_date   2020-08-06 
_pdbx_database_status.SG_entry                        N 
_pdbx_database_status.deposit_site                    RCSB 
_pdbx_database_status.process_site                    RCSB 
_pdbx_database_status.status_code_cs                  ? 
_pdbx_database_status.status_code_nmr_data            ? 
_pdbx_database_status.methods_development_category    ? 
_pdbx_database_status.pdb_format_compatible           Y 
# 
loop_
_audit_author.name 
_audit_author.pdbx_ordinal 
_audit_author.identifier_ORCID 
'Simmons, C.R.'      1 0000-0002-2290-6132 
'MacCulloch, T.'     2 0000-0001-5875-3361 
'Stephanopoulos, N.' 3 0000-0001-7859-410X 
'Yan, H.'            4 0000-0001-7397-9852 
# 
_citation.abstract                  ? 
_citation.abstract_id_CAS           ? 
_citation.book_id_ISBN              ? 
_citation.book_publisher            ? 
_citation.book_publisher_city       ? 
_citation.book_title                ? 
_citation.coordinate_linkage        ? 
_citation.country                   UK 
_citation.database_id_Medline       ? 
_citation.details                   ? 
_citation.id                        primary 
_citation.journal_abbrev            'Nat Commun' 
_citation.journal_id_ASTM           ? 
_citation.journal_id_CSD            ? 
_citation.journal_id_ISSN           2041-1723 
_citation.journal_full              ? 
_citation.journal_issue             ? 
_citation.journal_volume            13 
_citation.language                  ? 
_citation.page_first                3112 
_citation.page_last                 3112 
_citation.title                     'The influence of Holliday junction sequence and dynamics on DNA crystal self-assembly.' 
_citation.year                      2022 
_citation.database_id_CSD           ? 
_citation.pdbx_database_id_DOI      10.1038/s41467-022-30779-6 
_citation.pdbx_database_id_PubMed   35662248 
_citation.unpublished_flag          ? 
# 
loop_
_citation_author.citation_id 
_citation_author.name 
_citation_author.ordinal 
_citation_author.identifier_ORCID 
primary 'Simmons, C.R.'      1  ?                   
primary 'MacCulloch, T.'     2  ?                   
primary 'Krepl, M.'          3  0000-0002-9833-4281 
primary 'Matthies, M.'       4  ?                   
primary 'Buchberger, A.'     5  ?                   
primary 'Crawford, I.'       6  ?                   
primary 'Sponer, J.'         7  0000-0001-6558-6186 
primary 'Sulc, P.'           8  0000-0003-1565-6769 
primary 'Stephanopoulos, N.' 9  0000-0001-7859-410X 
primary 'Yan, H.'            10 0000-0001-7397-9852 
# 
_cell.angle_alpha                  90.000 
_cell.angle_alpha_esd              ? 
_cell.angle_beta                   90.000 
_cell.angle_beta_esd               ? 
_cell.angle_gamma                  120.000 
_cell.angle_gamma_esd              ? 
_cell.entry_id                     7JOG 
_cell.details                      ? 
_cell.formula_units_Z              ? 
_cell.length_a                     68.389 
_cell.length_a_esd                 ? 
_cell.length_b                     68.389 
_cell.length_b_esd                 ? 
_cell.length_c                     60.348 
_cell.length_c_esd                 ? 
_cell.volume                       ? 
_cell.volume_esd                   ? 
_cell.Z_PDB                        3 
_cell.reciprocal_angle_alpha       ? 
_cell.reciprocal_angle_beta        ? 
_cell.reciprocal_angle_gamma       ? 
_cell.reciprocal_angle_alpha_esd   ? 
_cell.reciprocal_angle_beta_esd    ? 
_cell.reciprocal_angle_gamma_esd   ? 
_cell.reciprocal_length_a          ? 
_cell.reciprocal_length_b          ? 
_cell.reciprocal_length_c          ? 
_cell.reciprocal_length_a_esd      ? 
_cell.reciprocal_length_b_esd      ? 
_cell.reciprocal_length_c_esd      ? 
_cell.pdbx_unique_axis             ? 
# 
_symmetry.entry_id                         7JOG 
_symmetry.cell_setting                     ? 
_symmetry.Int_Tables_number                145 
_symmetry.space_group_name_Hall            ? 
_symmetry.space_group_name_H-M             'P 32' 
_symmetry.pdbx_full_space_group_name_H-M   ? 
# 
loop_
_entity.id 
_entity.type 
_entity.src_method 
_entity.pdbx_description 
_entity.formula_weight 
_entity.pdbx_number_of_molecules 
_entity.pdbx_ec 
_entity.pdbx_mutation 
_entity.pdbx_fragment 
_entity.details 
1 polymer     syn 
;DNA (5'-D(*GP*AP*GP*CP*AP*GP*AP*CP*TP*TP*GP*AP*CP*GP*AP*GP*AP*CP*TP*CP*A)-3')
;
6481.212 1 ? ? ? ? 
2 polymer     syn 
;DNA (5'-D(P*TP*CP*GP*TP*CP*A)-3')
;
1784.204 1 ? ? ? ? 
3 polymer     syn 
;DNA (5'-D(*TP*CP*TP*GP*AP*GP*TP*C)-3')
;
2417.603 1 ? ? ? ? 
4 polymer     syn 
;DNA (5'-D(P*AP*GP*TP*CP*TP*GP*C)-3')
;
2113.410 1 ? ? ? ? 
5 non-polymer syn 'CACODYLATE ION'                                                                136.989  1 ? ? ? ? 
# 
loop_
_entity_poly.entity_id 
_entity_poly.type 
_entity_poly.nstd_linkage 
_entity_poly.nstd_monomer 
_entity_poly.pdbx_seq_one_letter_code 
_entity_poly.pdbx_seq_one_letter_code_can 
_entity_poly.pdbx_strand_id 
_entity_poly.pdbx_target_identifier 
1 polydeoxyribonucleotide no no 
;(DG)(DA)(DG)(DC)(DA)(DG)(DA)(DC)(DT)(DT)(DG)(DA)(DC)(DG)(DA)(DG)(DA)(DC)(DT)(DC)
(DA)
;
GAGCAGACTTGACGAGACTCA A ? 
2 polydeoxyribonucleotide no no '(DT)(DC)(DG)(DT)(DC)(DA)'                                                              TCGTCA B ? 
3 polydeoxyribonucleotide no no '(DT)(DC)(DT)(DG)(DA)(DG)(DT)(DC)'                                                      TCTGAGTC C 
? 
4 polydeoxyribonucleotide no no '(DA)(DG)(DT)(DC)(DT)(DG)(DC)'                                                          AGTCTGC D 
? 
# 
loop_
_entity_poly_seq.entity_id 
_entity_poly_seq.num 
_entity_poly_seq.mon_id 
_entity_poly_seq.hetero 
1 1  DG n 
1 2  DA n 
1 3  DG n 
1 4  DC n 
1 5  DA n 
1 6  DG n 
1 7  DA n 
1 8  DC n 
1 9  DT n 
1 10 DT n 
1 11 DG n 
1 12 DA n 
1 13 DC n 
1 14 DG n 
1 15 DA n 
1 16 DG n 
1 17 DA n 
1 18 DC n 
1 19 DT n 
1 20 DC n 
1 21 DA n 
2 1  DT n 
2 2  DC n 
2 3  DG n 
2 4  DT n 
2 5  DC n 
2 6  DA n 
3 1  DT n 
3 2  DC n 
3 3  DT n 
3 4  DG n 
3 5  DA n 
3 6  DG n 
3 7  DT n 
3 8  DC n 
4 1  DA n 
4 2  DG n 
4 3  DT n 
4 4  DC n 
4 5  DT n 
4 6  DG n 
4 7  DC n 
# 
loop_
_pdbx_entity_src_syn.entity_id 
_pdbx_entity_src_syn.pdbx_src_id 
_pdbx_entity_src_syn.pdbx_alt_source_flag 
_pdbx_entity_src_syn.pdbx_beg_seq_num 
_pdbx_entity_src_syn.pdbx_end_seq_num 
_pdbx_entity_src_syn.organism_scientific 
_pdbx_entity_src_syn.organism_common_name 
_pdbx_entity_src_syn.ncbi_taxonomy_id 
_pdbx_entity_src_syn.details 
1 1 sample 1 21 'synthetic construct' ? 32630 ? 
2 1 sample 1 6  'synthetic construct' ? 32630 ? 
3 1 sample 1 8  'synthetic construct' ? 32630 ? 
4 1 sample 1 7  'synthetic construct' ? 32630 ? 
# 
loop_
_struct_ref.id 
_struct_ref.db_name 
_struct_ref.db_code 
_struct_ref.pdbx_db_accession 
_struct_ref.pdbx_db_isoform 
_struct_ref.entity_id 
_struct_ref.pdbx_seq_one_letter_code 
_struct_ref.pdbx_align_begin 
1 PDB 7JOG 7JOG ? 1 ? 1 
2 PDB 7JOG 7JOG ? 2 ? 1 
3 PDB 7JOG 7JOG ? 3 ? 1 
4 PDB 7JOG 7JOG ? 4 ? 1 
# 
loop_
_struct_ref_seq.align_id 
_struct_ref_seq.ref_id 
_struct_ref_seq.pdbx_PDB_id_code 
_struct_ref_seq.pdbx_strand_id 
_struct_ref_seq.seq_align_beg 
_struct_ref_seq.pdbx_seq_align_beg_ins_code 
_struct_ref_seq.seq_align_end 
_struct_ref_seq.pdbx_seq_align_end_ins_code 
_struct_ref_seq.pdbx_db_accession 
_struct_ref_seq.db_align_beg 
_struct_ref_seq.pdbx_db_align_beg_ins_code 
_struct_ref_seq.db_align_end 
_struct_ref_seq.pdbx_db_align_end_ins_code 
_struct_ref_seq.pdbx_auth_seq_align_beg 
_struct_ref_seq.pdbx_auth_seq_align_end 
1 1 7JOG A 1 ? 21 ? 7JOG 1  ? 21 ? 1  21 
2 2 7JOG B 1 ? 6  ? 7JOG 0  ? 5  ? 0  5  
3 3 7JOG C 1 ? 8  ? 7JOG 1  ? 8  ? 1  8  
4 4 7JOG D 1 ? 7  ? 7JOG 10 ? 16 ? 10 16 
# 
loop_
_chem_comp.id 
_chem_comp.type 
_chem_comp.mon_nstd_flag 
_chem_comp.name 
_chem_comp.pdbx_synonyms 
_chem_comp.formula 
_chem_comp.formula_weight 
CAC non-polymer   . 'CACODYLATE ION'                     dimethylarsinate 'C2 H6 As O2 -1'  136.989 
DA  'DNA linking' y "2'-DEOXYADENOSINE-5'-MONOPHOSPHATE" ?                'C10 H14 N5 O6 P' 331.222 
DC  'DNA linking' y "2'-DEOXYCYTIDINE-5'-MONOPHOSPHATE"  ?                'C9 H14 N3 O7 P'  307.197 
DG  'DNA linking' y "2'-DEOXYGUANOSINE-5'-MONOPHOSPHATE" ?                'C10 H14 N5 O7 P' 347.221 
DT  'DNA linking' y "THYMIDINE-5'-MONOPHOSPHATE"         ?                'C10 H15 N2 O8 P' 322.208 
# 
_exptl.absorpt_coefficient_mu     ? 
_exptl.absorpt_correction_T_max   ? 
_exptl.absorpt_correction_T_min   ? 
_exptl.absorpt_correction_type    ? 
_exptl.absorpt_process_details    ? 
_exptl.entry_id                   7JOG 
_exptl.crystals_number            1 
_exptl.details                    ? 
_exptl.method                     'X-RAY DIFFRACTION' 
_exptl.method_details             ? 
# 
_exptl_crystal.colour                      ? 
_exptl_crystal.density_diffrn              ? 
_exptl_crystal.density_Matthews            6.37 
_exptl_crystal.density_method              ? 
_exptl_crystal.density_percent_sol         80.68 
_exptl_crystal.description                 ? 
_exptl_crystal.F_000                       ? 
_exptl_crystal.id                          1 
_exptl_crystal.preparation                 ? 
_exptl_crystal.size_max                    ? 
_exptl_crystal.size_mid                    ? 
_exptl_crystal.size_min                    ? 
_exptl_crystal.size_rad                    ? 
_exptl_crystal.colour_lustre               ? 
_exptl_crystal.colour_modifier             ? 
_exptl_crystal.colour_primary              ? 
_exptl_crystal.density_meas                ? 
_exptl_crystal.density_meas_esd            ? 
_exptl_crystal.density_meas_gt             ? 
_exptl_crystal.density_meas_lt             ? 
_exptl_crystal.density_meas_temp           ? 
_exptl_crystal.density_meas_temp_esd       ? 
_exptl_crystal.density_meas_temp_gt        ? 
_exptl_crystal.density_meas_temp_lt        ? 
_exptl_crystal.pdbx_crystal_image_url      ? 
_exptl_crystal.pdbx_crystal_image_format   ? 
_exptl_crystal.pdbx_mosaicity              ? 
_exptl_crystal.pdbx_mosaicity_esd          ? 
# 
_exptl_crystal_grow.apparatus       ? 
_exptl_crystal_grow.atmosphere      ? 
_exptl_crystal_grow.crystal_id      1 
_exptl_crystal_grow.details         ? 
_exptl_crystal_grow.method          'VAPOR DIFFUSION, SITTING DROP' 
_exptl_crystal_grow.method_ref      ? 
_exptl_crystal_grow.pH              ? 
_exptl_crystal_grow.pressure        ? 
_exptl_crystal_grow.pressure_esd    ? 
_exptl_crystal_grow.seeding         ? 
_exptl_crystal_grow.seeding_ref     ? 
_exptl_crystal_grow.temp            298 
_exptl_crystal_grow.temp_details    'temperature gradient generated from 60 to 25 C at 0.3 degrees per hour' 
_exptl_crystal_grow.temp_esd        ? 
_exptl_crystal_grow.time            ? 
_exptl_crystal_grow.pdbx_details    
;0.5 mL of 0.05 M Na succinate pH 5.5 with 10 mM MgCl2, 2.0 mM CoH18N6, and 10% isopropanol was added to the reservoir with 2 uL added to the drop containing 4 uL of DNA stock
;
_exptl_crystal_grow.pdbx_pH_range   ? 
# 
_diffrn.ambient_environment              ? 
_diffrn.ambient_temp                     100 
_diffrn.ambient_temp_details             ? 
_diffrn.ambient_temp_esd                 ? 
_diffrn.crystal_id                       1 
_diffrn.crystal_support                  ? 
_diffrn.crystal_treatment                ? 
_diffrn.details                          ? 
_diffrn.id                               1 
_diffrn.ambient_pressure                 ? 
_diffrn.ambient_pressure_esd             ? 
_diffrn.ambient_pressure_gt              ? 
_diffrn.ambient_pressure_lt              ? 
_diffrn.ambient_temp_gt                  ? 
_diffrn.ambient_temp_lt                  ? 
_diffrn.pdbx_serial_crystal_experiment   N 
# 
_diffrn_detector.details                      ? 
_diffrn_detector.detector                     CCD 
_diffrn_detector.diffrn_id                    1 
_diffrn_detector.type                         'ADSC QUANTUM 315r' 
_diffrn_detector.area_resol_mean              ? 
_diffrn_detector.dtime                        ? 
_diffrn_detector.pdbx_frames_total            ? 
_diffrn_detector.pdbx_collection_time_total   ? 
_diffrn_detector.pdbx_collection_date         2017-11-15 
_diffrn_detector.pdbx_frequency               ? 
# 
_diffrn_radiation.collimation                      ? 
_diffrn_radiation.diffrn_id                        1 
_diffrn_radiation.filter_edge                      ? 
_diffrn_radiation.inhomogeneity                    ? 
_diffrn_radiation.monochromator                    ? 
_diffrn_radiation.polarisn_norm                    ? 
_diffrn_radiation.polarisn_ratio                   ? 
_diffrn_radiation.probe                            ? 
_diffrn_radiation.type                             ? 
_diffrn_radiation.xray_symbol                      ? 
_diffrn_radiation.wavelength_id                    1 
_diffrn_radiation.pdbx_monochromatic_or_laue_m_l   M 
_diffrn_radiation.pdbx_wavelength_list             ? 
_diffrn_radiation.pdbx_wavelength                  ? 
_diffrn_radiation.pdbx_diffrn_protocol             'SINGLE WAVELENGTH' 
_diffrn_radiation.pdbx_analyzer                    ? 
_diffrn_radiation.pdbx_scattering_type             x-ray 
# 
_diffrn_radiation_wavelength.id           1 
_diffrn_radiation_wavelength.wavelength   1 
_diffrn_radiation_wavelength.wt           1.0 
# 
_diffrn_source.current                     ? 
_diffrn_source.details                     ? 
_diffrn_source.diffrn_id                   1 
_diffrn_source.power                       ? 
_diffrn_source.size                        ? 
_diffrn_source.source                      SYNCHROTRON 
_diffrn_source.target                      ? 
_diffrn_source.type                        'ALS BEAMLINE 8.2.2' 
_diffrn_source.voltage                     ? 
_diffrn_source.take-off_angle              ? 
_diffrn_source.pdbx_wavelength_list        1 
_diffrn_source.pdbx_wavelength             ? 
_diffrn_source.pdbx_synchrotron_beamline   8.2.2 
_diffrn_source.pdbx_synchrotron_site       ALS 
# 
_reflns.B_iso_Wilson_estimate            61.270 
_reflns.entry_id                         7JOG 
_reflns.data_reduction_details           ? 
_reflns.data_reduction_method            ? 
_reflns.d_resolution_high                3.100 
_reflns.d_resolution_low                 50.000 
_reflns.details                          ? 
_reflns.limit_h_max                      ? 
_reflns.limit_h_min                      ? 
_reflns.limit_k_max                      ? 
_reflns.limit_k_min                      ? 
_reflns.limit_l_max                      ? 
_reflns.limit_l_min                      ? 
_reflns.number_all                       ? 
_reflns.number_obs                       4538 
_reflns.observed_criterion               ? 
_reflns.observed_criterion_F_max         ? 
_reflns.observed_criterion_F_min         ? 
_reflns.observed_criterion_I_max         ? 
_reflns.observed_criterion_I_min         ? 
_reflns.observed_criterion_sigma_F       ? 
_reflns.observed_criterion_sigma_I       ? 
_reflns.percent_possible_obs             79.000 
_reflns.R_free_details                   ? 
_reflns.Rmerge_F_all                     ? 
_reflns.Rmerge_F_obs                     ? 
_reflns.Friedel_coverage                 ? 
_reflns.number_gt                        ? 
_reflns.threshold_expression             ? 
_reflns.pdbx_redundancy                  5.200 
_reflns.pdbx_Rmerge_I_obs                0.064 
_reflns.pdbx_Rmerge_I_all                ? 
_reflns.pdbx_Rsym_value                  ? 
_reflns.pdbx_netI_over_av_sigmaI         ? 
_reflns.pdbx_netI_over_sigmaI            9.100 
_reflns.pdbx_res_netI_over_av_sigmaI_2   ? 
_reflns.pdbx_res_netI_over_sigmaI_2      ? 
_reflns.pdbx_chi_squared                 1.432 
_reflns.pdbx_scaling_rejects             ? 
_reflns.pdbx_d_res_high_opt              ? 
_reflns.pdbx_d_res_low_opt               ? 
_reflns.pdbx_d_res_opt_method            ? 
_reflns.phase_calculation_details        ? 
_reflns.pdbx_Rrim_I_all                  0.071 
_reflns.pdbx_Rpim_I_all                  0.030 
_reflns.pdbx_d_opt                       ? 
_reflns.pdbx_number_measured_all         23644 
_reflns.pdbx_diffrn_id                   1 
_reflns.pdbx_ordinal                     1 
_reflns.pdbx_CC_half                     ? 
_reflns.pdbx_CC_star                     ? 
_reflns.pdbx_R_split                     ? 
# 
loop_
_reflns_shell.d_res_high 
_reflns_shell.d_res_low 
_reflns_shell.meanI_over_sigI_all 
_reflns_shell.meanI_over_sigI_obs 
_reflns_shell.number_measured_all 
_reflns_shell.number_measured_obs 
_reflns_shell.number_possible 
_reflns_shell.number_unique_all 
_reflns_shell.number_unique_obs 
_reflns_shell.percent_possible_all 
_reflns_shell.percent_possible_obs 
_reflns_shell.Rmerge_F_all 
_reflns_shell.Rmerge_F_obs 
_reflns_shell.Rmerge_I_all 
_reflns_shell.Rmerge_I_obs 
_reflns_shell.meanI_over_sigI_gt 
_reflns_shell.meanI_over_uI_all 
_reflns_shell.meanI_over_uI_gt 
_reflns_shell.number_measured_gt 
_reflns_shell.number_unique_gt 
_reflns_shell.percent_possible_gt 
_reflns_shell.Rmerge_F_gt 
_reflns_shell.Rmerge_I_gt 
_reflns_shell.pdbx_redundancy 
_reflns_shell.pdbx_Rsym_value 
_reflns_shell.pdbx_chi_squared 
_reflns_shell.pdbx_netI_over_sigmaI_all 
_reflns_shell.pdbx_netI_over_sigmaI_obs 
_reflns_shell.pdbx_Rrim_I_all 
_reflns_shell.pdbx_Rpim_I_all 
_reflns_shell.pdbx_rejects 
_reflns_shell.pdbx_ordinal 
_reflns_shell.pdbx_diffrn_id 
_reflns_shell.pdbx_CC_half 
_reflns_shell.pdbx_CC_star 
_reflns_shell.pdbx_R_split 
3.100 3.150  ? ? ? ? ? ? 110 38.500  ? ? ? ? 0.385 ? ? ? ? ? ? ? ? 3.900 ? 0.605 ? ? 0.433 0.194 ? 1  1 0.920 ? ? 
3.150 3.210  ? ? ? ? ? ? 144 52.400  ? ? ? ? 0.133 ? ? ? ? ? ? ? ? 4.500 ? 0.871 ? ? 0.148 0.064 ? 2  1 0.991 ? ? 
3.210 3.270  ? ? ? ? ? ? 149 49.000  ? ? ? ? 0.088 ? ? ? ? ? ? ? ? 4.600 ? 1.599 ? ? 0.099 0.043 ? 3  1 0.982 ? ? 
3.270 3.340  ? ? ? ? ? ? 158 56.200  ? ? ? ? 0.127 ? ? ? ? ? ? ? ? 4.300 ? 0.706 ? ? 0.141 0.060 ? 4  1 0.996 ? ? 
3.340 3.410  ? ? ? ? ? ? 169 58.500  ? ? ? ? 0.101 ? ? ? ? ? ? ? ? 4.600 ? 0.947 ? ? 0.112 0.048 ? 5  1 0.997 ? ? 
3.410 3.490  ? ? ? ? ? ? 176 60.700  ? ? ? ? 0.195 ? ? ? ? ? ? ? ? 4.700 ? 1.219 ? ? 0.216 0.093 ? 6  1 0.983 ? ? 
3.490 3.580  ? ? ? ? ? ? 193 67.200  ? ? ? ? 0.142 ? ? ? ? ? ? ? ? 4.900 ? 0.736 ? ? 0.158 0.067 ? 7  1 0.991 ? ? 
3.580 3.680  ? ? ? ? ? ? 205 72.200  ? ? ? ? 0.341 ? ? ? ? ? ? ? ? 4.500 ? 1.574 ? ? 0.378 0.161 ? 8  1 0.958 ? ? 
3.680 3.780  ? ? ? ? ? ? 214 73.300  ? ? ? ? 0.239 ? ? ? ? ? ? ? ? 4.900 ? 0.711 ? ? 0.265 0.114 ? 9  1 0.958 ? ? 
3.780 3.910  ? ? ? ? ? ? 218 81.600  ? ? ? ? 0.272 ? ? ? ? ? ? ? ? 5.000 ? 1.014 ? ? 0.302 0.131 ? 10 1 0.982 ? ? 
3.910 4.040  ? ? ? ? ? ? 264 85.200  ? ? ? ? 0.198 ? ? ? ? ? ? ? ? 4.900 ? 0.630 ? ? 0.220 0.094 ? 11 1 0.983 ? ? 
4.040 4.210  ? ? ? ? ? ? 253 91.700  ? ? ? ? 0.161 ? ? ? ? ? ? ? ? 5.200 ? 0.635 ? ? 0.178 0.076 ? 12 1 0.990 ? ? 
4.210 4.400  ? ? ? ? ? ? 273 97.200  ? ? ? ? 0.159 ? ? ? ? ? ? ? ? 5.300 ? 0.639 ? ? 0.176 0.074 ? 13 1 0.991 ? ? 
4.400 4.630  ? ? ? ? ? ? 294 99.700  ? ? ? ? 0.166 ? ? ? ? ? ? ? ? 5.600 ? 0.795 ? ? 0.184 0.077 ? 14 1 0.991 ? ? 
4.630 4.920  ? ? ? ? ? ? 290 100.000 ? ? ? ? 0.118 ? ? ? ? ? ? ? ? 5.700 ? 0.666 ? ? 0.130 0.054 ? 15 1 0.997 ? ? 
4.920 5.300  ? ? ? ? ? ? 290 100.000 ? ? ? ? 0.082 ? ? ? ? ? ? ? ? 5.800 ? 0.916 ? ? 0.090 0.038 ? 16 1 0.996 ? ? 
5.300 5.830  ? ? ? ? ? ? 277 100.000 ? ? ? ? 0.074 ? ? ? ? ? ? ? ? 5.800 ? 1.420 ? ? 0.082 0.034 ? 17 1 0.994 ? ? 
5.830 6.670  ? ? ? ? ? ? 289 100.000 ? ? ? ? 0.075 ? ? ? ? ? ? ? ? 5.800 ? 4.169 ? ? 0.083 0.034 ? 18 1 0.994 ? ? 
6.670 8.400  ? ? ? ? ? ? 292 100.000 ? ? ? ? 0.056 ? ? ? ? ? ? ? ? 5.700 ? 2.207 ? ? 0.061 0.026 ? 19 1 0.999 ? ? 
8.400 50.000 ? ? ? ? ? ? 280 97.900  ? ? ? ? 0.044 ? ? ? ? ? ? ? ? 5.800 ? 3.701 ? ? 0.048 0.020 ? 20 1 0.996 ? ? 
# 
_refine.aniso_B[1][1]                            ? 
_refine.aniso_B[1][2]                            ? 
_refine.aniso_B[1][3]                            ? 
_refine.aniso_B[2][2]                            ? 
_refine.aniso_B[2][3]                            ? 
_refine.aniso_B[3][3]                            ? 
_refine.B_iso_max                                192.270 
_refine.B_iso_mean                               103.9268 
_refine.B_iso_min                                38.830 
_refine.correlation_coeff_Fo_to_Fc               ? 
_refine.correlation_coeff_Fo_to_Fc_free          ? 
_refine.details                                  ? 
_refine.diff_density_max                         ? 
_refine.diff_density_max_esd                     ? 
_refine.diff_density_min                         ? 
_refine.diff_density_min_esd                     ? 
_refine.diff_density_rms                         ? 
_refine.diff_density_rms_esd                     ? 
_refine.entry_id                                 7JOG 
_refine.pdbx_refine_id                           'X-RAY DIFFRACTION' 
_refine.ls_abs_structure_details                 ? 
_refine.ls_abs_structure_Flack                   ? 
_refine.ls_abs_structure_Flack_esd               ? 
_refine.ls_abs_structure_Rogers                  ? 
_refine.ls_abs_structure_Rogers_esd              ? 
_refine.ls_d_res_high                            3.1010 
_refine.ls_d_res_low                             34.1950 
_refine.ls_extinction_coef                       ? 
_refine.ls_extinction_coef_esd                   ? 
_refine.ls_extinction_expression                 ? 
_refine.ls_extinction_method                     ? 
_refine.ls_goodness_of_fit_all                   ? 
_refine.ls_goodness_of_fit_all_esd               ? 
_refine.ls_goodness_of_fit_obs                   ? 
_refine.ls_goodness_of_fit_obs_esd               ? 
_refine.ls_hydrogen_treatment                    ? 
_refine.ls_matrix_type                           ? 
_refine.ls_number_constraints                    ? 
_refine.ls_number_parameters                     ? 
_refine.ls_number_reflns_all                     ? 
_refine.ls_number_reflns_obs                     4504 
_refine.ls_number_reflns_R_free                  213 
_refine.ls_number_reflns_R_work                  4291 
_refine.ls_number_restraints                     ? 
_refine.ls_percent_reflns_obs                    78.6500 
_refine.ls_percent_reflns_R_free                 4.7300 
_refine.ls_R_factor_all                          ? 
_refine.ls_R_factor_obs                          0.2381 
_refine.ls_R_factor_R_free                       0.2734 
_refine.ls_R_factor_R_free_error                 ? 
_refine.ls_R_factor_R_free_error_details         ? 
_refine.ls_R_factor_R_work                       0.2364 
_refine.ls_R_Fsqd_factor_obs                     ? 
_refine.ls_R_I_factor_obs                        ? 
_refine.ls_redundancy_reflns_all                 ? 
_refine.ls_redundancy_reflns_obs                 ? 
_refine.ls_restrained_S_all                      ? 
_refine.ls_restrained_S_obs                      ? 
_refine.ls_shift_over_esd_max                    ? 
_refine.ls_shift_over_esd_mean                   ? 
_refine.ls_structure_factor_coef                 ? 
_refine.ls_weighting_details                     ? 
_refine.ls_weighting_scheme                      ? 
_refine.ls_wR_factor_all                         ? 
_refine.ls_wR_factor_obs                         ? 
_refine.ls_wR_factor_R_free                      ? 
_refine.ls_wR_factor_R_work                      ? 
_refine.occupancy_max                            ? 
_refine.occupancy_min                            ? 
_refine.solvent_model_details                    'FLAT BULK SOLVENT MODEL' 
_refine.solvent_model_param_bsol                 ? 
_refine.solvent_model_param_ksol                 ? 
_refine.pdbx_R_complete                          ? 
_refine.ls_R_factor_gt                           ? 
_refine.ls_goodness_of_fit_gt                    ? 
_refine.ls_goodness_of_fit_ref                   ? 
_refine.ls_shift_over_su_max                     ? 
_refine.ls_shift_over_su_max_lt                  ? 
_refine.ls_shift_over_su_mean                    ? 
_refine.ls_shift_over_su_mean_lt                 ? 
_refine.pdbx_ls_sigma_I                          ? 
_refine.pdbx_ls_sigma_F                          1.990 
_refine.pdbx_ls_sigma_Fsqd                       ? 
_refine.pdbx_data_cutoff_high_absF               ? 
_refine.pdbx_data_cutoff_high_rms_absF           ? 
_refine.pdbx_data_cutoff_low_absF                ? 
_refine.pdbx_isotropic_thermal_model             ? 
_refine.pdbx_ls_cross_valid_method               THROUGHOUT 
_refine.pdbx_method_to_determine_struct          'MOLECULAR REPLACEMENT' 
_refine.pdbx_starting_model                      5VY6 
_refine.pdbx_stereochemistry_target_values       ML 
_refine.pdbx_R_Free_selection_details            ? 
_refine.pdbx_stereochem_target_val_spec_case     ? 
_refine.pdbx_overall_ESU_R                       ? 
_refine.pdbx_overall_ESU_R_Free                  ? 
_refine.pdbx_solvent_vdw_probe_radii             1.1100 
_refine.pdbx_solvent_ion_probe_radii             ? 
_refine.pdbx_solvent_shrinkage_radii             0.9000 
_refine.pdbx_real_space_R                        ? 
_refine.pdbx_density_correlation                 ? 
_refine.pdbx_pd_number_of_powder_patterns        ? 
_refine.pdbx_pd_number_of_points                 ? 
_refine.pdbx_pd_meas_number_of_points            ? 
_refine.pdbx_pd_proc_ls_prof_R_factor            ? 
_refine.pdbx_pd_proc_ls_prof_wR_factor           ? 
_refine.pdbx_pd_Marquardt_correlation_coeff      ? 
_refine.pdbx_pd_Fsqrd_R_factor                   ? 
_refine.pdbx_pd_ls_matrix_band_width             ? 
_refine.pdbx_overall_phase_error                 35.9700 
_refine.pdbx_overall_SU_R_free_Cruickshank_DPI   ? 
_refine.pdbx_overall_SU_R_free_Blow_DPI          ? 
_refine.pdbx_overall_SU_R_Blow_DPI               ? 
_refine.pdbx_TLS_residual_ADP_flag               ? 
_refine.pdbx_diffrn_id                           1 
_refine.overall_SU_B                             ? 
_refine.overall_SU_ML                            0.1900 
_refine.overall_SU_R_Cruickshank_DPI             ? 
_refine.overall_SU_R_free                        ? 
_refine.overall_FOM_free_R_set                   ? 
_refine.overall_FOM_work_R_set                   ? 
_refine.pdbx_average_fsc_overall                 ? 
_refine.pdbx_average_fsc_work                    ? 
_refine.pdbx_average_fsc_free                    ? 
# 
_refine_hist.pdbx_refine_id                   'X-RAY DIFFRACTION' 
_refine_hist.cycle_id                         final 
_refine_hist.details                          ? 
_refine_hist.d_res_high                       3.1010 
_refine_hist.d_res_low                        34.1950 
_refine_hist.number_atoms_solvent             0 
_refine_hist.number_atoms_total               856 
_refine_hist.number_reflns_all                ? 
_refine_hist.number_reflns_obs                ? 
_refine_hist.number_reflns_R_free             ? 
_refine_hist.number_reflns_R_work             ? 
_refine_hist.R_factor_all                     ? 
_refine_hist.R_factor_obs                     ? 
_refine_hist.R_factor_R_free                  ? 
_refine_hist.R_factor_R_work                  ? 
_refine_hist.pdbx_number_residues_total       42 
_refine_hist.pdbx_B_iso_mean_ligand           130.00 
_refine_hist.pdbx_B_iso_mean_solvent          ? 
_refine_hist.pdbx_number_atoms_protein        0 
_refine_hist.pdbx_number_atoms_nucleic_acid   855 
_refine_hist.pdbx_number_atoms_ligand         1 
_refine_hist.pdbx_number_atoms_lipid          ? 
_refine_hist.pdbx_number_atoms_carb           ? 
_refine_hist.pdbx_pseudo_atom_details         ? 
# 
loop_
_refine_ls_restr.pdbx_refine_id 
_refine_ls_restr.criterion 
_refine_ls_restr.dev_ideal 
_refine_ls_restr.dev_ideal_target 
_refine_ls_restr.number 
_refine_ls_restr.rejects 
_refine_ls_restr.type 
_refine_ls_restr.weight 
_refine_ls_restr.pdbx_restraint_function 
'X-RAY DIFFRACTION' ? 0.005  ? 956  ? f_bond_d           ? ? 
'X-RAY DIFFRACTION' ? 0.749  ? 1467 ? f_angle_d          ? ? 
'X-RAY DIFFRACTION' ? 0.041  ? 166  ? f_chiral_restr     ? ? 
'X-RAY DIFFRACTION' ? 0.003  ? 42   ? f_plane_restr      ? ? 
'X-RAY DIFFRACTION' ? 33.777 ? 406  ? f_dihedral_angle_d ? ? 
# 
loop_
_refine_ls_shell.pdbx_refine_id 
_refine_ls_shell.d_res_high 
_refine_ls_shell.d_res_low 
_refine_ls_shell.number_reflns_all 
_refine_ls_shell.number_reflns_obs 
_refine_ls_shell.number_reflns_R_free 
_refine_ls_shell.number_reflns_R_work 
_refine_ls_shell.percent_reflns_obs 
_refine_ls_shell.percent_reflns_R_free 
_refine_ls_shell.R_factor_all 
_refine_ls_shell.R_factor_obs 
_refine_ls_shell.R_factor_R_free 
_refine_ls_shell.R_factor_R_free_error 
_refine_ls_shell.R_factor_R_work 
_refine_ls_shell.redundancy_reflns_all 
_refine_ls_shell.redundancy_reflns_obs 
_refine_ls_shell.wR_factor_all 
_refine_ls_shell.wR_factor_obs 
_refine_ls_shell.wR_factor_R_free 
_refine_ls_shell.wR_factor_R_work 
_refine_ls_shell.pdbx_R_complete 
_refine_ls_shell.pdbx_total_number_of_bins_used 
_refine_ls_shell.pdbx_phase_error 
_refine_ls_shell.pdbx_fsc_work 
_refine_ls_shell.pdbx_fsc_free 
'X-RAY DIFFRACTION' 3.1013 3.9064 . . 80  1635 60.0000 . . . 0.3548 0.0000 0.2881 . . . . . . . . . . . 
'X-RAY DIFFRACTION' 3.9064 34.195 . . 133 2656 97.0000 . . . 0.2517 0.0000 0.2226 . . . . . . . . . . . 
# 
_struct.entry_id                     7JOG 
_struct.title                        
'Self-assembly of a 3D DNA crystal lattice (4x6 duplex version) containing the J33 immobile Holliday junction' 
_struct.pdbx_model_details           ? 
_struct.pdbx_formula_weight          ? 
_struct.pdbx_formula_weight_method   ? 
_struct.pdbx_model_type_details      ? 
_struct.pdbx_CASP_flag               N 
# 
_struct_keywords.entry_id        7JOG 
_struct_keywords.text            
'Structural DNA nanotechnology, immobile Holliday junctions, 3D DNA self-assembly, designer DNA crystals, DNA' 
_struct_keywords.pdbx_keywords   DNA 
# 
loop_
_struct_asym.id 
_struct_asym.pdbx_blank_PDB_chainid_flag 
_struct_asym.pdbx_modified 
_struct_asym.entity_id 
_struct_asym.details 
A N N 1 ? 
B N N 2 ? 
C N N 3 ? 
D N N 4 ? 
E N N 5 ? 
# 
loop_
_struct_conn.id 
_struct_conn.conn_type_id 
_struct_conn.pdbx_leaving_atom_flag 
_struct_conn.pdbx_PDB_id 
_struct_conn.ptnr1_label_asym_id 
_struct_conn.ptnr1_label_comp_id 
_struct_conn.ptnr1_label_seq_id 
_struct_conn.ptnr1_label_atom_id 
_struct_conn.pdbx_ptnr1_label_alt_id 
_struct_conn.pdbx_ptnr1_PDB_ins_code 
_struct_conn.pdbx_ptnr1_standard_comp_id 
_struct_conn.ptnr1_symmetry 
_struct_conn.ptnr2_label_asym_id 
_struct_conn.ptnr2_label_comp_id 
_struct_conn.ptnr2_label_seq_id 
_struct_conn.ptnr2_label_atom_id 
_struct_conn.pdbx_ptnr2_label_alt_id 
_struct_conn.pdbx_ptnr2_PDB_ins_code 
_struct_conn.ptnr1_auth_asym_id 
_struct_conn.ptnr1_auth_comp_id 
_struct_conn.ptnr1_auth_seq_id 
_struct_conn.ptnr2_auth_asym_id 
_struct_conn.ptnr2_auth_comp_id 
_struct_conn.ptnr2_auth_seq_id 
_struct_conn.ptnr2_symmetry 
_struct_conn.pdbx_ptnr3_label_atom_id 
_struct_conn.pdbx_ptnr3_label_seq_id 
_struct_conn.pdbx_ptnr3_label_comp_id 
_struct_conn.pdbx_ptnr3_label_asym_id 
_struct_conn.pdbx_ptnr3_label_alt_id 
_struct_conn.pdbx_ptnr3_PDB_ins_code 
_struct_conn.details 
_struct_conn.pdbx_dist_value 
_struct_conn.pdbx_value_order 
_struct_conn.pdbx_role 
hydrog1  hydrog ? ? A DG 3  N2 ? ? ? 1_555 D DC 7 N3 ? ? A DG 3  D DC 16 1_555 ? ? ? ? ? ? 'DG-DC PAIR'    ? ? ? 
hydrog2  hydrog ? ? A DC 4  N3 ? ? ? 1_555 D DG 6 N1 ? ? A DC 4  D DG 15 1_555 ? ? ? ? ? ? WATSON-CRICK    ? ? ? 
hydrog3  hydrog ? ? A DC 4  N4 ? ? ? 1_555 D DG 6 O6 ? ? A DC 4  D DG 15 1_555 ? ? ? ? ? ? WATSON-CRICK    ? ? ? 
hydrog4  hydrog ? ? A DC 4  O2 ? ? ? 1_555 D DG 6 N2 ? ? A DC 4  D DG 15 1_555 ? ? ? ? ? ? WATSON-CRICK    ? ? ? 
hydrog5  hydrog ? ? A DA 5  N1 ? ? ? 1_555 D DT 5 N3 ? ? A DA 5  D DT 14 1_555 ? ? ? ? ? ? WATSON-CRICK    ? ? ? 
hydrog6  hydrog ? ? A DA 5  N6 ? ? ? 1_555 D DT 5 O4 ? ? A DA 5  D DT 14 1_555 ? ? ? ? ? ? WATSON-CRICK    ? ? ? 
hydrog7  hydrog ? ? A DG 6  N1 ? ? ? 1_555 D DC 4 N3 ? ? A DG 6  D DC 13 1_555 ? ? ? ? ? ? WATSON-CRICK    ? ? ? 
hydrog8  hydrog ? ? A DG 6  N2 ? ? ? 1_555 D DC 4 O2 ? ? A DG 6  D DC 13 1_555 ? ? ? ? ? ? WATSON-CRICK    ? ? ? 
hydrog9  hydrog ? ? A DG 6  O6 ? ? ? 1_555 D DC 4 N4 ? ? A DG 6  D DC 13 1_555 ? ? ? ? ? ? WATSON-CRICK    ? ? ? 
hydrog10 hydrog ? ? A DA 7  N1 ? ? ? 1_555 D DT 3 N3 ? ? A DA 7  D DT 12 1_555 ? ? ? ? ? ? WATSON-CRICK    ? ? ? 
hydrog11 hydrog ? ? A DA 7  N6 ? ? ? 1_555 D DT 3 O4 ? ? A DA 7  D DT 12 1_555 ? ? ? ? ? ? WATSON-CRICK    ? ? ? 
hydrog12 hydrog ? ? A DC 8  N3 ? ? ? 1_555 D DG 2 N1 ? ? A DC 8  D DG 11 1_555 ? ? ? ? ? ? WATSON-CRICK    ? ? ? 
hydrog13 hydrog ? ? A DC 8  N4 ? ? ? 1_555 D DG 2 O6 ? ? A DC 8  D DG 11 1_555 ? ? ? ? ? ? WATSON-CRICK    ? ? ? 
hydrog14 hydrog ? ? A DC 8  O2 ? ? ? 1_555 D DG 2 N2 ? ? A DC 8  D DG 11 1_555 ? ? ? ? ? ? WATSON-CRICK    ? ? ? 
hydrog15 hydrog ? ? A DT 9  N3 ? ? ? 1_555 D DA 1 N1 ? ? A DT 9  D DA 10 1_555 ? ? ? ? ? ? WATSON-CRICK    ? ? ? 
hydrog16 hydrog ? ? A DT 9  O4 ? ? ? 1_555 D DA 1 N6 ? ? A DT 9  D DA 10 1_555 ? ? ? ? ? ? WATSON-CRICK    ? ? ? 
hydrog17 hydrog ? ? A DG 11 N1 ? ? ? 1_555 B DC 5 N3 ? ? A DG 11 B DC 4  1_555 ? ? ? ? ? ? WATSON-CRICK    ? ? ? 
hydrog18 hydrog ? ? A DG 11 N2 ? ? ? 1_555 B DC 5 O2 ? ? A DG 11 B DC 4  1_555 ? ? ? ? ? ? WATSON-CRICK    ? ? ? 
hydrog19 hydrog ? ? A DG 11 O6 ? ? ? 1_555 B DC 5 N4 ? ? A DG 11 B DC 4  1_555 ? ? ? ? ? ? WATSON-CRICK    ? ? ? 
hydrog20 hydrog ? ? A DA 12 N6 ? ? ? 1_555 B DG 3 O6 ? ? A DA 12 B DG 2  1_555 ? ? ? ? ? ? 'DA-DG MISPAIR' ? ? ? 
hydrog21 hydrog ? ? A DA 12 N6 ? ? ? 1_555 B DT 4 O4 ? ? A DA 12 B DT 3  1_555 ? ? ? ? ? ? 'DA-DT PAIR'    ? ? ? 
hydrog22 hydrog ? ? A DC 13 N3 ? ? ? 1_555 B DG 3 N1 ? ? A DC 13 B DG 2  1_555 ? ? ? ? ? ? WATSON-CRICK    ? ? ? 
hydrog23 hydrog ? ? A DC 13 N4 ? ? ? 1_555 B DG 3 O6 ? ? A DC 13 B DG 2  1_555 ? ? ? ? ? ? WATSON-CRICK    ? ? ? 
hydrog24 hydrog ? ? A DC 13 O2 ? ? ? 1_555 B DG 3 N2 ? ? A DC 13 B DG 2  1_555 ? ? ? ? ? ? WATSON-CRICK    ? ? ? 
hydrog25 hydrog ? ? A DG 14 N1 ? ? ? 1_555 B DC 2 N3 ? ? A DG 14 B DC 1  1_555 ? ? ? ? ? ? WATSON-CRICK    ? ? ? 
hydrog26 hydrog ? ? A DG 14 N2 ? ? ? 1_555 B DC 2 O2 ? ? A DG 14 B DC 1  1_555 ? ? ? ? ? ? WATSON-CRICK    ? ? ? 
hydrog27 hydrog ? ? A DG 14 O6 ? ? ? 1_555 B DC 2 N4 ? ? A DG 14 B DC 1  1_555 ? ? ? ? ? ? WATSON-CRICK    ? ? ? 
hydrog28 hydrog ? ? A DA 15 N1 ? ? ? 1_555 B DT 1 N3 ? ? A DA 15 B DT 0  1_555 ? ? ? ? ? ? WATSON-CRICK    ? ? ? 
hydrog29 hydrog ? ? A DA 15 N6 ? ? ? 1_555 B DT 1 O4 ? ? A DA 15 B DT 0  1_555 ? ? ? ? ? ? WATSON-CRICK    ? ? ? 
hydrog30 hydrog ? ? A DG 16 N1 ? ? ? 1_555 C DC 8 N3 ? ? A DG 16 C DC 8  1_555 ? ? ? ? ? ? WATSON-CRICK    ? ? ? 
hydrog31 hydrog ? ? A DG 16 N2 ? ? ? 1_555 C DC 8 O2 ? ? A DG 16 C DC 8  1_555 ? ? ? ? ? ? WATSON-CRICK    ? ? ? 
hydrog32 hydrog ? ? A DG 16 O6 ? ? ? 1_555 C DC 8 N4 ? ? A DG 16 C DC 8  1_555 ? ? ? ? ? ? WATSON-CRICK    ? ? ? 
hydrog33 hydrog ? ? A DA 17 N1 ? ? ? 1_555 C DT 7 N3 ? ? A DA 17 C DT 7  1_555 ? ? ? ? ? ? WATSON-CRICK    ? ? ? 
hydrog34 hydrog ? ? A DA 17 N6 ? ? ? 1_555 C DT 7 O4 ? ? A DA 17 C DT 7  1_555 ? ? ? ? ? ? WATSON-CRICK    ? ? ? 
hydrog35 hydrog ? ? A DC 18 N3 ? ? ? 1_555 C DG 6 N2 ? ? A DC 18 C DG 6  1_555 ? ? ? ? ? ? 'DC-DG PAIR'    ? ? ? 
hydrog36 hydrog ? ? A DT 19 N3 ? ? ? 1_555 C DA 5 N1 ? ? A DT 19 C DA 5  1_555 ? ? ? ? ? ? WATSON-CRICK    ? ? ? 
hydrog37 hydrog ? ? A DT 19 O4 ? ? ? 1_555 C DA 5 N6 ? ? A DT 19 C DA 5  1_555 ? ? ? ? ? ? WATSON-CRICK    ? ? ? 
hydrog38 hydrog ? ? A DC 20 N3 ? ? ? 1_555 C DG 4 N1 ? ? A DC 20 C DG 4  1_555 ? ? ? ? ? ? WATSON-CRICK    ? ? ? 
hydrog39 hydrog ? ? A DC 20 N4 ? ? ? 1_555 C DG 4 O6 ? ? A DC 20 C DG 4  1_555 ? ? ? ? ? ? WATSON-CRICK    ? ? ? 
hydrog40 hydrog ? ? A DC 20 O2 ? ? ? 1_555 C DG 4 N2 ? ? A DC 20 C DG 4  1_555 ? ? ? ? ? ? WATSON-CRICK    ? ? ? 
hydrog41 hydrog ? ? A DA 21 N1 ? ? ? 1_555 C DT 3 N3 ? ? A DA 21 C DT 3  1_555 ? ? ? ? ? ? WATSON-CRICK    ? ? ? 
hydrog42 hydrog ? ? A DA 21 N6 ? ? ? 1_555 C DT 3 O4 ? ? A DA 21 C DT 3  1_555 ? ? ? ? ? ? WATSON-CRICK    ? ? ? 
# 
_struct_conn_type.id          hydrog 
_struct_conn_type.criteria    ? 
_struct_conn_type.reference   ? 
# 
_atom_sites.entry_id                    7JOG 
_atom_sites.Cartn_transf_matrix[1][1]   ? 
_atom_sites.Cartn_transf_matrix[1][2]   ? 
_atom_sites.Cartn_transf_matrix[1][3]   ? 
_atom_sites.Cartn_transf_matrix[2][1]   ? 
_atom_sites.Cartn_transf_matrix[2][2]   ? 
_atom_sites.Cartn_transf_matrix[2][3]   ? 
_atom_sites.Cartn_transf_matrix[3][1]   ? 
_atom_sites.Cartn_transf_matrix[3][2]   ? 
_atom_sites.Cartn_transf_matrix[3][3]   ? 
_atom_sites.Cartn_transf_vector[1]      ? 
_atom_sites.Cartn_transf_vector[2]      ? 
_atom_sites.Cartn_transf_vector[3]      ? 
_atom_sites.fract_transf_matrix[1][1]   -0.01508348 
_atom_sites.fract_transf_matrix[1][2]   -0.00214766 
_atom_sites.fract_transf_matrix[1][3]   -0.00727644 
_atom_sites.fract_transf_matrix[2][1]   -0.00341796 
_atom_sites.fract_transf_matrix[2][2]   -0.01431240 
_atom_sites.fract_transf_matrix[2][3]   -0.00827903 
_atom_sites.fract_transf_matrix[3][1]   -0.00579686 
_atom_sites.fract_transf_matrix[3][2]   -0.00671262 
_atom_sites.fract_transf_matrix[3][3]   0.01399768 
_atom_sites.fract_transf_vector[1]      1.130857 
_atom_sites.fract_transf_vector[2]      1.039812 
_atom_sites.fract_transf_vector[3]      0.054280 
_atom_sites.solution_primary            ? 
_atom_sites.solution_secondary          ? 
_atom_sites.solution_hydrogens          ? 
_atom_sites.special_details             ? 
# 
loop_
_atom_type.symbol 
AS 
C  
CO 
H  
N  
O  
P  
# 
loop_
_atom_site.group_PDB 
_atom_site.id 
_atom_site.type_symbol 
_atom_site.label_atom_id 
_atom_site.label_alt_id 
_atom_site.label_comp_id 
_atom_site.label_asym_id 
_atom_site.label_entity_id 
_atom_site.label_seq_id 
_atom_site.pdbx_PDB_ins_code 
_atom_site.Cartn_x 
_atom_site.Cartn_y 
_atom_site.Cartn_z 
_atom_site.occupancy 
_atom_site.B_iso_or_equiv 
_atom_site.pdbx_formal_charge 
_atom_site.auth_seq_id 
_atom_site.auth_comp_id 
_atom_site.auth_asym_id 
_atom_site.auth_atom_id 
_atom_site.pdbx_PDB_model_num 
ATOM   1    O  "O5'"  . DG  A 1 1  ? 0.375   33.270  10.432  1.00 117.59 ? 1   DG  A "O5'"  1 
ATOM   2    C  "C5'"  . DG  A 1 1  ? -0.704  33.915  9.768   1.00 129.06 ? 1   DG  A "C5'"  1 
ATOM   3    C  "C4'"  . DG  A 1 1  ? -1.798  34.276  10.755  1.00 126.37 ? 1   DG  A "C4'"  1 
ATOM   4    O  "O4'"  . DG  A 1 1  ? -2.863  34.941  10.059  1.00 100.42 ? 1   DG  A "O4'"  1 
ATOM   5    C  "C3'"  . DG  A 1 1  ? -2.470  33.090  11.419  1.00 134.50 ? 1   DG  A "C3'"  1 
ATOM   6    O  "O3'"  . DG  A 1 1  ? -1.741  32.704  12.570  1.00 142.06 ? 1   DG  A "O3'"  1 
ATOM   7    C  "C2'"  . DG  A 1 1  ? -3.850  33.640  11.791  1.00 114.34 ? 1   DG  A "C2'"  1 
ATOM   8    C  "C1'"  . DG  A 1 1  ? -4.060  34.780  10.788  1.00 94.90  ? 1   DG  A "C1'"  1 
ATOM   9    N  N9     . DG  A 1 1  ? -5.154  34.553  9.848   1.00 87.34  ? 1   DG  A N9     1 
ATOM   10   C  C8     . DG  A 1 1  ? -5.146  34.788  8.494   1.00 89.23  ? 1   DG  A C8     1 
ATOM   11   N  N7     . DG  A 1 1  ? -6.278  34.505  7.910   1.00 83.98  ? 1   DG  A N7     1 
ATOM   12   C  C5     . DG  A 1 1  ? -7.092  34.058  8.944   1.00 89.14  ? 1   DG  A C5     1 
ATOM   13   C  C6     . DG  A 1 1  ? -8.435  33.608  8.921   1.00 90.72  ? 1   DG  A C6     1 
ATOM   14   O  O6     . DG  A 1 1  ? -9.197  33.515  7.951   1.00 83.95  ? 1   DG  A O6     1 
ATOM   15   N  N1     . DG  A 1 1  ? -8.877  33.245  10.191  1.00 94.16  ? 1   DG  A N1     1 
ATOM   16   C  C2     . DG  A 1 1  ? -8.119  33.309  11.336  1.00 94.23  ? 1   DG  A C2     1 
ATOM   17   N  N2     . DG  A 1 1  ? -8.720  32.916  12.469  1.00 94.28  ? 1   DG  A N2     1 
ATOM   18   N  N3     . DG  A 1 1  ? -6.860  33.727  11.372  1.00 89.86  ? 1   DG  A N3     1 
ATOM   19   C  C4     . DG  A 1 1  ? -6.413  34.084  10.144  1.00 89.79  ? 1   DG  A C4     1 
ATOM   20   P  P      . DA  A 1 2  ? -1.750  31.173  13.054  1.00 138.73 ? 2   DA  A P      1 
ATOM   21   O  OP1    . DA  A 1 2  ? -0.509  30.952  13.828  1.00 125.71 ? 2   DA  A OP1    1 
ATOM   22   O  OP2    . DA  A 1 2  ? -2.056  30.327  11.878  1.00 117.85 ? 2   DA  A OP2    1 
ATOM   23   O  "O5'"  . DA  A 1 2  ? -3.003  31.087  14.045  1.00 132.76 ? 2   DA  A "O5'"  1 
ATOM   24   C  "C5'"  . DA  A 1 2  ? -3.114  29.993  14.945  1.00 136.50 ? 2   DA  A "C5'"  1 
ATOM   25   C  "C4'"  . DA  A 1 2  ? -4.531  29.855  15.469  1.00 132.91 ? 2   DA  A "C4'"  1 
ATOM   26   O  "O4'"  . DA  A 1 2  ? -5.444  30.554  14.582  1.00 120.58 ? 2   DA  A "O4'"  1 
ATOM   27   C  "C3'"  . DA  A 1 2  ? -5.036  28.420  15.557  1.00 136.26 ? 2   DA  A "C3'"  1 
ATOM   28   O  "O3'"  . DA  A 1 2  ? -5.826  28.226  16.721  1.00 148.25 ? 2   DA  A "O3'"  1 
ATOM   29   C  "C2'"  . DA  A 1 2  ? -5.836  28.233  14.274  1.00 125.35 ? 2   DA  A "C2'"  1 
ATOM   30   C  "C1'"  . DA  A 1 2  ? -6.306  29.642  13.924  1.00 117.92 ? 2   DA  A "C1'"  1 
ATOM   31   N  N9     . DA  A 1 2  ? -6.267  29.926  12.494  1.00 108.24 ? 2   DA  A N9     1 
ATOM   32   C  C8     . DA  A 1 2  ? -5.180  30.317  11.764  1.00 105.56 ? 2   DA  A C8     1 
ATOM   33   N  N7     . DA  A 1 2  ? -5.436  30.504  10.491  1.00 97.55  ? 2   DA  A N7     1 
ATOM   34   C  C5     . DA  A 1 2  ? -6.785  30.216  10.376  1.00 103.09 ? 2   DA  A C5     1 
ATOM   35   C  C6     . DA  A 1 2  ? -7.668  30.227  9.278   1.00 104.46 ? 2   DA  A C6     1 
ATOM   36   N  N6     . DA  A 1 2  ? -7.294  30.553  8.036   1.00 103.73 ? 2   DA  A N6     1 
ATOM   37   N  N1     . DA  A 1 2  ? -8.952  29.888  9.506   1.00 103.32 ? 2   DA  A N1     1 
ATOM   38   C  C2     . DA  A 1 2  ? -9.322  29.561  10.750  1.00 102.70 ? 2   DA  A C2     1 
ATOM   39   N  N3     . DA  A 1 2  ? -8.586  29.517  11.860  1.00 106.18 ? 2   DA  A N3     1 
ATOM   40   C  C4     . DA  A 1 2  ? -7.315  29.858  11.602  1.00 104.69 ? 2   DA  A C4     1 
ATOM   41   H  "H5'"  . DA  A 1 2  ? -2.511  30.135  15.692  1.00 163.85 ? 2   DA  A "H5'"  1 
ATOM   42   H  "H5''" . DA  A 1 2  ? -2.864  29.176  14.486  1.00 163.85 ? 2   DA  A "H5''" 1 
ATOM   43   H  "H4'"  . DA  A 1 2  ? -4.580  30.258  16.350  1.00 159.54 ? 2   DA  A "H4'"  1 
ATOM   44   H  "H3'"  . DA  A 1 2  ? -4.283  27.808  15.565  1.00 163.57 ? 2   DA  A "H3'"  1 
ATOM   45   H  "H2'"  . DA  A 1 2  ? -5.272  27.878  13.570  1.00 150.47 ? 2   DA  A "H2'"  1 
ATOM   46   H  "H2''" . DA  A 1 2  ? -6.596  27.651  14.430  1.00 150.47 ? 2   DA  A "H2''" 1 
ATOM   47   H  "H1'"  . DA  A 1 2  ? -7.211  29.766  14.251  1.00 141.55 ? 2   DA  A "H1'"  1 
ATOM   48   H  H8     . DA  A 1 2  ? -4.336  30.438  12.135  1.00 126.72 ? 2   DA  A H8     1 
ATOM   49   H  H61    . DA  A 1 2  ? -7.870  30.545  7.397   1.00 124.53 ? 2   DA  A H61    1 
ATOM   50   H  H62    . DA  A 1 2  ? -6.477  30.772  7.876   1.00 124.53 ? 2   DA  A H62    1 
ATOM   51   H  H2     . DA  A 1 2  ? -10.219 29.337  10.855  1.00 123.30 ? 2   DA  A H2     1 
ATOM   52   P  P      . DG  A 1 3  ? -6.245  26.738  17.160  1.00 149.83 ? 3   DG  A P      1 
ATOM   53   O  OP1    . DG  A 1 3  ? -6.134  26.649  18.632  1.00 192.27 ? 3   DG  A OP1    1 
ATOM   54   O  OP2    . DG  A 1 3  ? -5.492  25.791  16.308  1.00 146.76 ? 3   DG  A OP2    1 
ATOM   55   O  "O5'"  . DG  A 1 3  ? -7.783  26.635  16.741  1.00 142.30 ? 3   DG  A "O5'"  1 
ATOM   56   C  "C5'"  . DG  A 1 3  ? -8.419  25.369  16.705  1.00 144.55 ? 3   DG  A "C5'"  1 
ATOM   57   C  "C4'"  . DG  A 1 3  ? -9.379  25.282  15.534  1.00 140.31 ? 3   DG  A "C4'"  1 
ATOM   58   O  "O4'"  . DG  A 1 3  ? -8.866  26.051  14.425  1.00 131.74 ? 3   DG  A "O4'"  1 
ATOM   59   C  "C3'"  . DG  A 1 3  ? -9.599  23.869  14.990  1.00 137.31 ? 3   DG  A "C3'"  1 
ATOM   60   O  "O3'"  . DG  A 1 3  ? -10.875 23.382  15.392  1.00 146.46 ? 3   DG  A "O3'"  1 
ATOM   61   C  "C2'"  . DG  A 1 3  ? -9.482  24.014  13.461  1.00 135.40 ? 3   DG  A "C2'"  1 
ATOM   62   C  "C1'"  . DG  A 1 3  ? -9.392  25.518  13.237  1.00 127.85 ? 3   DG  A "C1'"  1 
ATOM   63   N  N9     . DG  A 1 3  ? -8.528  25.911  12.124  1.00 115.34 ? 3   DG  A N9     1 
ATOM   64   C  C8     . DG  A 1 3  ? -7.187  26.204  12.183  1.00 106.53 ? 3   DG  A C8     1 
ATOM   65   N  N7     . DG  A 1 3  ? -6.676  26.536  11.030  1.00 103.45 ? 3   DG  A N7     1 
ATOM   66   C  C5     . DG  A 1 3  ? -7.747  26.464  10.148  1.00 107.53 ? 3   DG  A C5     1 
ATOM   67   C  C6     . DG  A 1 3  ? -7.799  26.714  8.756   1.00 102.92 ? 3   DG  A C6     1 
ATOM   68   O  O6     . DG  A 1 3  ? -6.877  27.063  8.004   1.00 94.19  ? 3   DG  A O6     1 
ATOM   69   N  N1     . DG  A 1 3  ? -9.084  26.523  8.245   1.00 101.32 ? 3   DG  A N1     1 
ATOM   70   C  C2     . DG  A 1 3  ? -10.176 26.138  8.989   1.00 103.08 ? 3   DG  A C2     1 
ATOM   71   N  N2     . DG  A 1 3  ? -11.331 26.005  8.321   1.00 96.28  ? 3   DG  A N2     1 
ATOM   72   N  N3     . DG  A 1 3  ? -10.140 25.900  10.295  1.00 110.01 ? 3   DG  A N3     1 
ATOM   73   C  C4     . DG  A 1 3  ? -8.897  26.081  10.806  1.00 112.59 ? 3   DG  A C4     1 
ATOM   74   H  "H5'"  . DG  A 1 3  ? -8.911  25.236  17.530  1.00 173.52 ? 3   DG  A "H5'"  1 
ATOM   75   H  "H5''" . DG  A 1 3  ? -7.747  24.677  16.618  1.00 173.52 ? 3   DG  A "H5''" 1 
ATOM   76   H  "H4'"  . DG  A 1 3  ? -10.235 25.651  15.802  1.00 168.42 ? 3   DG  A "H4'"  1 
ATOM   77   H  "H3'"  . DG  A 1 3  ? -8.903  23.280  15.318  1.00 164.83 ? 3   DG  A "H3'"  1 
ATOM   78   H  "H2'"  . DG  A 1 3  ? -8.681  23.573  13.138  1.00 162.53 ? 3   DG  A "H2'"  1 
ATOM   79   H  "H2''" . DG  A 1 3  ? -10.270 23.653  13.025  1.00 162.53 ? 3   DG  A "H2''" 1 
ATOM   80   H  "H1'"  . DG  A 1 3  ? -10.281 25.875  13.093  1.00 153.47 ? 3   DG  A "H1'"  1 
ATOM   81   H  H8     . DG  A 1 3  ? -6.691  26.168  12.969  1.00 127.89 ? 3   DG  A H8     1 
ATOM   82   H  H1     . DG  A 1 3  ? -9.201  26.656  7.404   1.00 121.64 ? 3   DG  A H1     1 
ATOM   83   H  H21    . DG  A 1 3  ? -12.044 25.766  8.737   1.00 115.59 ? 3   DG  A H21    1 
ATOM   84   H  H22    . DG  A 1 3  ? -11.359 26.158  7.475   1.00 115.59 ? 3   DG  A H22    1 
ATOM   85   P  P      . DC  A 1 4  ? -11.107 21.812  15.644  1.00 154.60 ? 4   DC  A P      1 
ATOM   86   O  OP1    . DC  A 1 4  ? -12.105 21.671  16.727  1.00 150.68 ? 4   DC  A OP1    1 
ATOM   87   O  OP2    . DC  A 1 4  ? -9.784  21.166  15.784  1.00 152.60 ? 4   DC  A OP2    1 
ATOM   88   O  "O5'"  . DC  A 1 4  ? -11.750 21.300  14.275  1.00 150.68 ? 4   DC  A "O5'"  1 
ATOM   89   C  "C5'"  . DC  A 1 4  ? -12.906 21.941  13.743  1.00 149.06 ? 4   DC  A "C5'"  1 
ATOM   90   C  "C4'"  . DC  A 1 4  ? -13.136 21.534  12.298  1.00 144.41 ? 4   DC  A "C4'"  1 
ATOM   91   O  "O4'"  . DC  A 1 4  ? -12.376 22.396  11.428  1.00 144.86 ? 4   DC  A "O4'"  1 
ATOM   92   C  "C3'"  . DC  A 1 4  ? -12.695 20.118  11.961  1.00 142.17 ? 4   DC  A "C3'"  1 
ATOM   93   O  "O3'"  . DC  A 1 4  ? -13.794 19.220  12.060  1.00 140.84 ? 4   DC  A "O3'"  1 
ATOM   94   C  "C2'"  . DC  A 1 4  ? -12.147 20.215  10.531  1.00 137.02 ? 4   DC  A "C2'"  1 
ATOM   95   C  "C1'"  . DC  A 1 4  ? -12.074 21.714  10.229  1.00 130.86 ? 4   DC  A "C1'"  1 
ATOM   96   N  N1     . DC  A 1 4  ? -10.723 22.169  9.763   1.00 126.44 ? 4   DC  A N1     1 
ATOM   97   C  C2     . DC  A 1 4  ? -10.519 22.519  8.414   1.00 120.73 ? 4   DC  A C2     1 
ATOM   98   O  O2     . DC  A 1 4  ? -11.464 22.445  7.617   1.00 116.52 ? 4   DC  A O2     1 
ATOM   99   N  N3     . DC  A 1 4  ? -9.281  22.928  8.028   1.00 115.43 ? 4   DC  A N3     1 
ATOM   100  C  C4     . DC  A 1 4  ? -8.291  22.995  8.915   1.00 110.08 ? 4   DC  A C4     1 
ATOM   101  N  N4     . DC  A 1 4  ? -7.087  23.403  8.498   1.00 102.93 ? 4   DC  A N4     1 
ATOM   102  C  C5     . DC  A 1 4  ? -8.480  22.646  10.288  1.00 112.62 ? 4   DC  A C5     1 
ATOM   103  C  C6     . DC  A 1 4  ? -9.700  22.244  10.656  1.00 121.55 ? 4   DC  A C6     1 
ATOM   104  H  "H5'"  . DC  A 1 4  ? -12.785 22.903  13.786  1.00 178.93 ? 4   DC  A "H5'"  1 
ATOM   105  H  "H5''" . DC  A 1 4  ? -13.680 21.693  14.272  1.00 178.93 ? 4   DC  A "H5''" 1 
ATOM   106  H  "H4'"  . DC  A 1 4  ? -14.078 21.628  12.090  1.00 173.34 ? 4   DC  A "H4'"  1 
ATOM   107  H  "H3'"  . DC  A 1 4  ? -11.988 19.842  12.566  1.00 170.65 ? 4   DC  A "H3'"  1 
ATOM   108  H  "H2'"  . DC  A 1 4  ? -11.263 19.818  10.482  1.00 164.47 ? 4   DC  A "H2'"  1 
ATOM   109  H  "H2''" . DC  A 1 4  ? -12.749 19.776  9.910   1.00 164.47 ? 4   DC  A "H2''" 1 
ATOM   110  H  "H1'"  . DC  A 1 4  ? -12.737 21.939  9.558   1.00 157.08 ? 4   DC  A "H1'"  1 
ATOM   111  H  H41    . DC  A 1 4  ? -6.434  23.453  9.054   1.00 123.57 ? 4   DC  A H41    1 
ATOM   112  H  H42    . DC  A 1 4  ? -6.967  23.613  7.673   1.00 123.57 ? 4   DC  A H42    1 
ATOM   113  H  H5     . DC  A 1 4  ? -7.781  22.696  10.901  1.00 135.19 ? 4   DC  A H5     1 
ATOM   114  H  H6     . DC  A 1 4  ? -9.854  22.009  11.542  1.00 145.92 ? 4   DC  A H6     1 
ATOM   115  P  P      . DA  A 1 5  ? -13.597 17.659  11.737  1.00 159.03 ? 5   DA  A P      1 
ATOM   116  O  OP1    . DA  A 1 5  ? -14.669 16.920  12.440  1.00 163.56 ? 5   DA  A OP1    1 
ATOM   117  O  OP2    . DA  A 1 5  ? -12.179 17.317  11.990  1.00 151.16 ? 5   DA  A OP2    1 
ATOM   118  O  "O5'"  . DA  A 1 5  ? -13.857 17.561  10.161  1.00 138.79 ? 5   DA  A "O5'"  1 
ATOM   119  C  "C5'"  . DA  A 1 5  ? -15.009 18.175  9.600   1.00 140.88 ? 5   DA  A "C5'"  1 
ATOM   120  C  "C4'"  . DA  A 1 5  ? -14.883 18.299  8.093   1.00 137.50 ? 5   DA  A "C4'"  1 
ATOM   121  O  "O4'"  . DA  A 1 5  ? -13.724 19.112  7.770   1.00 130.58 ? 5   DA  A "O4'"  1 
ATOM   122  C  "C3'"  . DA  A 1 5  ? -14.706 16.971  7.361   1.00 129.43 ? 5   DA  A "C3'"  1 
ATOM   123  O  "O3'"  . DA  A 1 5  ? -15.733 16.805  6.394   1.00 134.76 ? 5   DA  A "O3'"  1 
ATOM   124  C  "C2'"  . DA  A 1 5  ? -13.312 17.049  6.729   1.00 121.97 ? 5   DA  A "C2'"  1 
ATOM   125  C  "C1'"  . DA  A 1 5  ? -12.999 18.537  6.704   1.00 117.81 ? 5   DA  A "C1'"  1 
ATOM   126  N  N9     . DA  A 1 5  ? -11.583 18.856  6.905   1.00 109.47 ? 5   DA  A N9     1 
ATOM   127  C  C8     . DA  A 1 5  ? -10.906 18.797  8.087   1.00 104.90 ? 5   DA  A C8     1 
ATOM   128  N  N7     . DA  A 1 5  ? -9.651  19.160  8.002   1.00 98.66  ? 5   DA  A N7     1 
ATOM   129  C  C5     . DA  A 1 5  ? -9.484  19.484  6.670   1.00 105.88 ? 5   DA  A C5     1 
ATOM   130  C  C6     . DA  A 1 5  ? -8.366  19.939  5.945   1.00 103.99 ? 5   DA  A C6     1 
ATOM   131  N  N6     . DA  A 1 5  ? -7.170  20.142  6.504   1.00 94.74  ? 5   DA  A N6     1 
ATOM   132  N  N1     . DA  A 1 5  ? -8.524  20.170  4.626   1.00 109.13 ? 5   DA  A N1     1 
ATOM   133  C  C2     . DA  A 1 5  ? -9.729  19.961  4.074   1.00 112.49 ? 5   DA  A C2     1 
ATOM   134  N  N3     . DA  A 1 5  ? -10.859 19.531  4.655   1.00 112.48 ? 5   DA  A N3     1 
ATOM   135  C  C4     . DA  A 1 5  ? -10.666 19.310  5.969   1.00 109.86 ? 5   DA  A C4     1 
ATOM   136  H  "H5'"  . DA  A 1 5  ? -15.117 19.058  9.984   1.00 169.11 ? 5   DA  A "H5'"  1 
ATOM   137  H  "H5''" . DA  A 1 5  ? -15.789 17.638  9.810   1.00 169.11 ? 5   DA  A "H5''" 1 
ATOM   138  H  "H4'"  . DA  A 1 5  ? -15.676 18.739  7.750   1.00 165.05 ? 5   DA  A "H4'"  1 
ATOM   139  H  "H3'"  . DA  A 1 5  ? -14.734 16.241  7.998   1.00 155.36 ? 5   DA  A "H3'"  1 
ATOM   140  H  "H2'"  . DA  A 1 5  ? -12.664 16.575  7.273   1.00 146.42 ? 5   DA  A "H2'"  1 
ATOM   141  H  "H2''" . DA  A 1 5  ? -13.328 16.691  5.827   1.00 146.42 ? 5   DA  A "H2''" 1 
ATOM   142  H  "H1'"  . DA  A 1 5  ? -13.301 18.918  5.865   1.00 141.43 ? 5   DA  A "H1'"  1 
ATOM   143  H  H8     . DA  A 1 5  ? -11.302 18.528  8.884   1.00 125.94 ? 5   DA  A H8     1 
ATOM   144  H  H61    . DA  A 1 5  ? -6.512  20.416  6.024   1.00 113.74 ? 5   DA  A H61    1 
ATOM   145  H  H62    . DA  A 1 5  ? -7.058  19.997  7.346   1.00 113.74 ? 5   DA  A H62    1 
ATOM   146  H  H2     . DA  A 1 5  ? -9.788  20.134  3.161   1.00 135.04 ? 5   DA  A H2     1 
ATOM   147  P  P      . DG  A 1 6  ? -16.169 15.332  5.927   1.00 158.92 ? 6   DG  A P      1 
ATOM   148  O  OP1    . DG  A 1 6  ? -17.429 15.458  5.162   1.00 140.00 ? 6   DG  A OP1    1 
ATOM   149  O  OP2    . DG  A 1 6  ? -16.140 14.457  7.118   1.00 149.96 ? 6   DG  A OP2    1 
ATOM   150  O  "O5'"  . DG  A 1 6  ? -14.982 14.872  4.959   1.00 146.04 ? 6   DG  A "O5'"  1 
ATOM   151  C  "C5'"  . DG  A 1 6  ? -15.233 14.645  3.583   1.00 137.52 ? 6   DG  A "C5'"  1 
ATOM   152  C  "C4'"  . DG  A 1 6  ? -14.176 15.311  2.717   1.00 136.46 ? 6   DG  A "C4'"  1 
ATOM   153  O  "O4'"  . DG  A 1 6  ? -13.184 15.949  3.553   1.00 125.76 ? 6   DG  A "O4'"  1 
ATOM   154  C  "C3'"  . DG  A 1 6  ? -13.396 14.356  1.812   1.00 134.96 ? 6   DG  A "C3'"  1 
ATOM   155  O  "O3'"  . DG  A 1 6  ? -13.819 14.492  0.464   1.00 139.83 ? 6   DG  A "O3'"  1 
ATOM   156  C  "C2'"  . DG  A 1 6  ? -11.923 14.750  2.000   1.00 127.89 ? 6   DG  A "C2'"  1 
ATOM   157  C  "C1'"  . DG  A 1 6  ? -11.981 16.023  2.828   1.00 119.34 ? 6   DG  A "C1'"  1 
ATOM   158  N  N9     . DG  A 1 6  ? -10.867 16.186  3.766   1.00 109.76 ? 6   DG  A N9     1 
ATOM   159  C  C8     . DG  A 1 6  ? -10.884 15.930  5.115   1.00 104.17 ? 6   DG  A C8     1 
ATOM   160  N  N7     . DG  A 1 6  ? -9.752  16.181  5.708   1.00 103.33 ? 6   DG  A N7     1 
ATOM   161  C  C5     . DG  A 1 6  ? -8.926  16.632  4.690   1.00 104.14 ? 6   DG  A C5     1 
ATOM   162  C  C6     . DG  A 1 6  ? -7.576  17.048  4.737   1.00 98.18  ? 6   DG  A C6     1 
ATOM   163  O  O6     . DG  A 1 6  ? -6.828  17.101  5.722   1.00 90.30  ? 6   DG  A O6     1 
ATOM   164  N  N1     . DG  A 1 6  ? -7.107  17.431  3.483   1.00 99.72  ? 6   DG  A N1     1 
ATOM   165  C  C2     . DG  A 1 6  ? -7.853  17.414  2.325   1.00 108.01 ? 6   DG  A C2     1 
ATOM   166  N  N2     . DG  A 1 6  ? -7.232  17.817  1.208   1.00 101.40 ? 6   DG  A N2     1 
ATOM   167  N  N3     . DG  A 1 6  ? -9.126  17.022  2.269   1.00 107.15 ? 6   DG  A N3     1 
ATOM   168  C  C4     . DG  A 1 6  ? -9.594  16.646  3.485   1.00 107.54 ? 6   DG  A C4     1 
ATOM   169  H  "H5'"  . DG  A 1 6  ? -16.104 15.007  3.355   1.00 165.08 ? 6   DG  A "H5'"  1 
ATOM   170  H  "H5''" . DG  A 1 6  ? -15.230 13.691  3.412   1.00 165.08 ? 6   DG  A "H5''" 1 
ATOM   171  H  "H4'"  . DG  A 1 6  ? -14.602 15.986  2.167   1.00 163.80 ? 6   DG  A "H4'"  1 
ATOM   172  H  "H3'"  . DG  A 1 6  ? -13.531 13.441  2.108   1.00 162.00 ? 6   DG  A "H3'"  1 
ATOM   173  H  "H2'"  . DG  A 1 6  ? -11.444 14.056  2.479   1.00 153.52 ? 6   DG  A "H2'"  1 
ATOM   174  H  "H2''" . DG  A 1 6  ? -11.505 14.923  1.142   1.00 153.52 ? 6   DG  A "H2''" 1 
ATOM   175  H  "H1'"  . DG  A 1 6  ? -12.013 16.789  2.234   1.00 143.26 ? 6   DG  A "H1'"  1 
ATOM   176  H  H8     . DG  A 1 6  ? -11.634 15.614  5.564   1.00 125.05 ? 6   DG  A H8     1 
ATOM   177  H  H1     . DG  A 1 6  ? -6.291  17.699  3.428   1.00 119.72 ? 6   DG  A H1     1 
ATOM   178  H  H21    . DG  A 1 6  ? -7.655  17.822  0.458   1.00 121.74 ? 6   DG  A H21    1 
ATOM   179  H  H22    . DG  A 1 6  ? -6.411  18.071  1.238   1.00 121.74 ? 6   DG  A H22    1 
ATOM   180  P  P      . DA  A 1 7  ? -13.497 13.336  -0.604  1.00 152.93 ? 7   DA  A P      1 
ATOM   181  O  OP1    . DA  A 1 7  ? -14.392 13.539  -1.766  1.00 150.93 ? 7   DA  A OP1    1 
ATOM   182  O  OP2    . DA  A 1 7  ? -13.503 12.042  0.115   1.00 143.84 ? 7   DA  A OP2    1 
ATOM   183  O  "O5'"  . DA  A 1 7  ? -11.995 13.642  -1.053  1.00 128.27 ? 7   DA  A "O5'"  1 
ATOM   184  C  "C5'"  . DA  A 1 7  ? -11.698 14.835  -1.768  1.00 131.31 ? 7   DA  A "C5'"  1 
ATOM   185  C  "C4'"  . DA  A 1 7  ? -10.306 14.776  -2.365  1.00 125.67 ? 7   DA  A "C4'"  1 
ATOM   186  O  "O4'"  . DA  A 1 7  ? -9.331  15.143  -1.350  1.00 118.77 ? 7   DA  A "O4'"  1 
ATOM   187  C  "C3'"  . DA  A 1 7  ? -9.897  13.400  -2.881  1.00 131.54 ? 7   DA  A "C3'"  1 
ATOM   188  O  "O3'"  . DA  A 1 7  ? -9.214  13.507  -4.123  1.00 144.13 ? 7   DA  A "O3'"  1 
ATOM   189  C  "C2'"  . DA  A 1 7  ? -9.015  12.836  -1.771  1.00 123.79 ? 7   DA  A "C2'"  1 
ATOM   190  C  "C1'"  . DA  A 1 7  ? -8.434  14.078  -1.103  1.00 115.37 ? 7   DA  A "C1'"  1 
ATOM   191  N  N9     . DA  A 1 7  ? -8.273  13.941  0.344   1.00 107.39 ? 7   DA  A N9     1 
ATOM   192  C  C8     . DA  A 1 7  ? -9.212  13.503  1.231   1.00 108.43 ? 7   DA  A C8     1 
ATOM   193  N  N7     . DA  A 1 7  ? -8.803  13.485  2.476   1.00 96.60  ? 7   DA  A N7     1 
ATOM   194  C  C5     . DA  A 1 7  ? -7.500  13.939  2.402   1.00 96.53  ? 7   DA  A C5     1 
ATOM   195  C  C6     . DA  A 1 7  ? -6.515  14.145  3.386   1.00 98.89  ? 7   DA  A C6     1 
ATOM   196  N  N6     . DA  A 1 7  ? -6.715  13.908  4.687   1.00 92.07  ? 7   DA  A N6     1 
ATOM   197  N  N1     . DA  A 1 7  ? -5.314  14.607  2.979   1.00 101.90 ? 7   DA  A N1     1 
ATOM   198  C  C2     . DA  A 1 7  ? -5.121  14.843  1.675   1.00 104.46 ? 7   DA  A C2     1 
ATOM   199  N  N3     . DA  A 1 7  ? -5.970  14.686  0.659   1.00 99.69  ? 7   DA  A N3     1 
ATOM   200  C  C4     . DA  A 1 7  ? -7.154  14.228  1.095   1.00 99.81  ? 7   DA  A C4     1 
ATOM   201  H  "H5'"  . DA  A 1 7  ? -11.754 15.591  -1.163  1.00 157.62 ? 7   DA  A "H5'"  1 
ATOM   202  H  "H5''" . DA  A 1 7  ? -12.345 14.949  -2.481  1.00 157.62 ? 7   DA  A "H5''" 1 
ATOM   203  H  "H4'"  . DA  A 1 7  ? -10.252 15.412  -3.094  1.00 150.86 ? 7   DA  A "H4'"  1 
ATOM   204  H  "H3'"  . DA  A 1 7  ? -10.685 12.844  -2.988  1.00 157.90 ? 7   DA  A "H3'"  1 
ATOM   205  H  "H2'"  . DA  A 1 7  ? -9.546  12.327  -1.138  1.00 148.59 ? 7   DA  A "H2'"  1 
ATOM   206  H  "H2''" . DA  A 1 7  ? -8.307  12.287  -2.143  1.00 148.59 ? 7   DA  A "H2''" 1 
ATOM   207  H  "H1'"  . DA  A 1 7  ? -7.574  14.284  -1.502  1.00 138.50 ? 7   DA  A "H1'"  1 
ATOM   208  H  H8     . DA  A 1 7  ? -10.070 13.248  0.976   1.00 130.17 ? 7   DA  A H8     1 
ATOM   209  H  H61    . DA  A 1 7  ? -6.083  14.051  5.252   1.00 110.54 ? 7   DA  A H61    1 
ATOM   210  H  H62    . DA  A 1 7  ? -7.477  13.613  4.958   1.00 110.54 ? 7   DA  A H62    1 
ATOM   211  H  H2     . DA  A 1 7  ? -4.277  15.161  1.446   1.00 125.40 ? 7   DA  A H2     1 
ATOM   212  P  P      . DC  A 1 8  ? -8.680  12.187  -4.866  1.00 150.36 ? 8   DC  A P      1 
ATOM   213  O  OP1    . DC  A 1 8  ? -8.835  12.392  -6.325  1.00 140.02 ? 8   DC  A OP1    1 
ATOM   214  O  OP2    . DC  A 1 8  ? -9.316  11.019  -4.216  1.00 143.57 ? 8   DC  A OP2    1 
ATOM   215  O  "O5'"  . DC  A 1 8  ? -7.125  12.164  -4.505  1.00 115.04 ? 8   DC  A "O5'"  1 
ATOM   216  C  "C5'"  . DC  A 1 8  ? -6.331  13.312  -4.759  1.00 119.68 ? 8   DC  A "C5'"  1 
ATOM   217  C  "C4'"  . DC  A 1 8  ? -4.935  13.147  -4.190  1.00 129.13 ? 8   DC  A "C4'"  1 
ATOM   218  O  "O4'"  . DC  A 1 8  ? -4.983  13.232  -2.735  1.00 129.44 ? 8   DC  A "O4'"  1 
ATOM   219  C  "C3'"  . DC  A 1 8  ? -4.261  11.809  -4.515  1.00 122.65 ? 8   DC  A "C3'"  1 
ATOM   220  O  "O3'"  . DC  A 1 8  ? -2.953  12.033  -5.060  1.00 130.48 ? 8   DC  A "O3'"  1 
ATOM   221  C  "C2'"  . DC  A 1 8  ? -4.235  11.087  -3.165  1.00 115.15 ? 8   DC  A "C2'"  1 
ATOM   222  C  "C1'"  . DC  A 1 8  ? -4.142  12.241  -2.193  1.00 113.69 ? 8   DC  A "C1'"  1 
ATOM   223  N  N1     . DC  A 1 8  ? -4.588  11.908  -0.800  1.00 106.40 ? 8   DC  A N1     1 
ATOM   224  C  C2     . DC  A 1 8  ? -3.686  12.030  0.266   1.00 98.12  ? 8   DC  A C2     1 
ATOM   225  O  O2     . DC  A 1 8  ? -2.532  12.416  0.041   1.00 97.56  ? 8   DC  A O2     1 
ATOM   226  N  N3     . DC  A 1 8  ? -4.103  11.716  1.519   1.00 86.90  ? 8   DC  A N3     1 
ATOM   227  C  C4     . DC  A 1 8  ? -5.354  11.301  1.723   1.00 96.10  ? 8   DC  A C4     1 
ATOM   228  N  N4     . DC  A 1 8  ? -5.717  11.007  2.975   1.00 91.32  ? 8   DC  A N4     1 
ATOM   229  C  C5     . DC  A 1 8  ? -6.287  11.166  0.651   1.00 100.28 ? 8   DC  A C5     1 
ATOM   230  C  C6     . DC  A 1 8  ? -5.865  11.476  -0.580  1.00 107.04 ? 8   DC  A C6     1 
ATOM   231  H  "H5'"  . DC  A 1 8  ? -6.752  14.086  -4.351  1.00 143.67 ? 8   DC  A "H5'"  1 
ATOM   232  H  "H5''" . DC  A 1 8  ? -6.271  13.451  -5.717  1.00 143.67 ? 8   DC  A "H5''" 1 
ATOM   233  H  "H4'"  . DC  A 1 8  ? -4.376  13.865  -4.526  1.00 155.01 ? 8   DC  A "H4'"  1 
ATOM   234  H  "H3'"  . DC  A 1 8  ? -4.804  11.310  -5.147  1.00 147.23 ? 8   DC  A "H3'"  1 
ATOM   235  H  "H2'"  . DC  A 1 8  ? -5.052  10.584  -3.027  1.00 138.24 ? 8   DC  A "H2'"  1 
ATOM   236  H  "H2''" . DC  A 1 8  ? -3.456  10.512  -3.096  1.00 138.24 ? 8   DC  A "H2''" 1 
ATOM   237  H  "H1'"  . DC  A 1 8  ? -3.230  12.571  -2.169  1.00 136.47 ? 8   DC  A "H1'"  1 
ATOM   238  H  H41    . DC  A 1 8  ? -6.516  10.734  3.140   1.00 109.64 ? 8   DC  A H41    1 
ATOM   239  H  H42    . DC  A 1 8  ? -5.150  11.088  3.617   1.00 109.64 ? 8   DC  A H42    1 
ATOM   240  H  H5     . DC  A 1 8  ? -7.157  10.876  0.803   1.00 120.39 ? 8   DC  A H5     1 
ATOM   241  H  H6     . DC  A 1 8  ? -6.451  11.399  -1.298  1.00 128.50 ? 8   DC  A H6     1 
ATOM   242  P  P      . DT  A 1 9  ? -1.819  10.896  -5.008  1.00 143.03 ? 9   DT  A P      1 
ATOM   243  O  OP1    . DT  A 1 9  ? -0.748  11.299  -5.949  1.00 134.37 ? 9   DT  A OP1    1 
ATOM   244  O  OP2    . DT  A 1 9  ? -2.481  9.578   -5.150  1.00 124.10 ? 9   DT  A OP2    1 
ATOM   245  O  "O5'"  . DT  A 1 9  ? -1.255  10.998  -3.513  1.00 110.14 ? 9   DT  A "O5'"  1 
ATOM   246  C  "C5'"  . DT  A 1 9  ? -0.238  10.117  -3.074  1.00 95.26  ? 9   DT  A "C5'"  1 
ATOM   247  C  "C4'"  . DT  A 1 9  ? 0.843   10.866  -2.321  1.00 94.62  ? 9   DT  A "C4'"  1 
ATOM   248  O  "O4'"  . DT  A 1 9  ? 0.382   11.170  -0.977  1.00 97.84  ? 9   DT  A "O4'"  1 
ATOM   249  C  "C3'"  . DT  A 1 9  ? 2.132   10.093  -2.133  1.00 95.08  ? 9   DT  A "C3'"  1 
ATOM   250  O  "O3'"  . DT  A 1 9  ? 3.234   10.981  -2.069  1.00 100.09 ? 9   DT  A "O3'"  1 
ATOM   251  C  "C2'"  . DT  A 1 9  ? 1.890   9.349   -0.824  1.00 96.57  ? 9   DT  A "C2'"  1 
ATOM   252  C  "C1'"  . DT  A 1 9  ? 1.031   10.333  -0.029  1.00 94.09  ? 9   DT  A "C1'"  1 
ATOM   253  N  N1     . DT  A 1 9  ? -0.024  9.693   0.815   1.00 91.69  ? 9   DT  A N1     1 
ATOM   254  C  C2     . DT  A 1 9  ? 0.243   9.399   2.141   1.00 93.14  ? 9   DT  A C2     1 
ATOM   255  O  O2     . DT  A 1 9  ? 1.321   9.607   2.670   1.00 84.35  ? 9   DT  A O2     1 
ATOM   256  N  N3     . DT  A 1 9  ? -0.808  8.815   2.811   1.00 87.30  ? 9   DT  A N3     1 
ATOM   257  C  C4     . DT  A 1 9  ? -2.067  8.534   2.307   1.00 85.66  ? 9   DT  A C4     1 
ATOM   258  O  O4     . DT  A 1 9  ? -2.947  8.012   2.980   1.00 80.86  ? 9   DT  A O4     1 
ATOM   259  C  C5     . DT  A 1 9  ? -2.273  8.881   0.919   1.00 84.44  ? 9   DT  A C5     1 
ATOM   260  C  C7     . DT  A 1 9  ? -3.592  8.612   0.260   1.00 76.25  ? 9   DT  A C7     1 
ATOM   261  C  C6     . DT  A 1 9  ? -1.256  9.439   0.254   1.00 84.38  ? 9   DT  A C6     1 
ATOM   262  H  "H5'"  . DT  A 1 9  ? 0.156   9.678   -3.844  1.00 114.36 ? 9   DT  A "H5'"  1 
ATOM   263  H  "H5''" . DT  A 1 9  ? -0.628  9.447   -2.491  1.00 114.36 ? 9   DT  A "H5''" 1 
ATOM   264  H  "H4'"  . DT  A 1 9  ? 1.036   11.696  -2.785  1.00 113.60 ? 9   DT  A "H4'"  1 
ATOM   265  H  "H3'"  . DT  A 1 9  ? 2.250   9.461   -2.860  1.00 114.15 ? 9   DT  A "H3'"  1 
ATOM   266  H  "H2'"  . DT  A 1 9  ? 1.406   8.523   -0.983  1.00 115.93 ? 9   DT  A "H2'"  1 
ATOM   267  H  "H2''" . DT  A 1 9  ? 2.728   9.177   -0.367  1.00 115.93 ? 9   DT  A "H2''" 1 
ATOM   268  H  "H1'"  . DT  A 1 9  ? 1.606   10.875  0.534   1.00 112.96 ? 9   DT  A "H1'"  1 
ATOM   269  H  H3     . DT  A 1 9  ? -0.673  8.617   3.636   1.00 104.81 ? 9   DT  A H3     1 
ATOM   270  H  H71    . DT  A 1 9  ? -3.969  9.446   -0.062  1.00 91.56  ? 9   DT  A H71    1 
ATOM   271  H  H72    . DT  A 1 9  ? -3.463  8.007   -0.487  1.00 91.56  ? 9   DT  A H72    1 
ATOM   272  H  H73    . DT  A 1 9  ? -4.199  8.209   0.901   1.00 91.56  ? 9   DT  A H73    1 
ATOM   273  H  H6     . DT  A 1 9  ? -1.387  9.661   -0.639  1.00 101.31 ? 9   DT  A H6     1 
ATOM   274  P  P      . DT  A 1 10 ? 4.712   10.455  -2.407  1.00 121.46 ? 10  DT  A P      1 
ATOM   275  O  OP1    . DT  A 1 10 ? 5.582   11.637  -2.603  1.00 130.79 ? 10  DT  A OP1    1 
ATOM   276  O  OP2    . DT  A 1 10 ? 4.602   9.438   -3.476  1.00 133.77 ? 10  DT  A OP2    1 
ATOM   277  O  "O5'"  . DT  A 1 10 ? 5.145   9.719   -1.063  1.00 121.80 ? 10  DT  A "O5'"  1 
ATOM   278  C  "C5'"  . DT  A 1 10 ? 5.066   10.414  0.172   1.00 116.38 ? 10  DT  A "C5'"  1 
ATOM   279  C  "C4'"  . DT  A 1 10 ? 5.484   9.525   1.331   1.00 122.32 ? 10  DT  A "C4'"  1 
ATOM   280  O  "O4'"  . DT  A 1 10 ? 4.314   9.023   2.017   1.00 116.05 ? 10  DT  A "O4'"  1 
ATOM   281  C  "C3'"  . DT  A 1 10 ? 6.303   8.286   0.941   1.00 119.78 ? 10  DT  A "C3'"  1 
ATOM   282  O  "O3'"  . DT  A 1 10 ? 7.618   8.404   1.459   1.00 120.96 ? 10  DT  A "O3'"  1 
ATOM   283  C  "C2'"  . DT  A 1 10 ? 5.522   7.104   1.548   1.00 107.86 ? 10  DT  A "C2'"  1 
ATOM   284  C  "C1'"  . DT  A 1 10 ? 4.645   7.782   2.584   1.00 115.99 ? 10  DT  A "C1'"  1 
ATOM   285  N  N1     . DT  A 1 10 ? 3.378   7.059   2.927   1.00 96.66  ? 10  DT  A N1     1 
ATOM   286  C  C2     . DT  A 1 10 ? 3.226   6.547   4.195   1.00 92.32  ? 10  DT  A C2     1 
ATOM   287  O  O2     . DT  A 1 10 ? 4.085   6.626   5.055   1.00 103.55 ? 10  DT  A O2     1 
ATOM   288  N  N3     . DT  A 1 10 ? 2.028   5.926   4.424   1.00 83.12  ? 10  DT  A N3     1 
ATOM   289  C  C4     . DT  A 1 10 ? 0.983   5.774   3.533   1.00 93.57  ? 10  DT  A C4     1 
ATOM   290  O  O4     . DT  A 1 10 ? -0.059  5.196   3.834   1.00 95.00  ? 10  DT  A O4     1 
ATOM   291  C  C5     . DT  A 1 10 ? 1.201   6.339   2.223   1.00 94.24  ? 10  DT  A C5     1 
ATOM   292  C  C7     . DT  A 1 10 ? 0.136   6.229   1.169   1.00 83.14  ? 10  DT  A C7     1 
ATOM   293  C  C6     . DT  A 1 10 ? 2.374   6.954   1.985   1.00 92.45  ? 10  DT  A C6     1 
ATOM   294  H  "H5'"  . DT  A 1 10 ? 4.154   10.710  0.312   1.00 139.71 ? 10  DT  A "H5'"  1 
ATOM   295  H  "H5''" . DT  A 1 10 ? 5.649   11.188  0.139   1.00 139.71 ? 10  DT  A "H5''" 1 
ATOM   296  H  "H4'"  . DT  A 1 10 ? 6.005   10.056  1.954   1.00 146.83 ? 10  DT  A "H4'"  1 
ATOM   297  H  "H3'"  . DT  A 1 10 ? 6.334   8.202   -0.024  1.00 143.79 ? 10  DT  A "H3'"  1 
ATOM   298  H  "H2'"  . DT  A 1 10 ? 4.982   6.666   0.872   1.00 129.48 ? 10  DT  A "H2'"  1 
ATOM   299  H  "H2''" . DT  A 1 10 ? 6.127   6.473   1.970   1.00 129.48 ? 10  DT  A "H2''" 1 
ATOM   300  H  "H1'"  . DT  A 1 10 ? 5.158   7.927   3.393   1.00 139.24 ? 10  DT  A "H1'"  1 
ATOM   301  H  H3     . DT  A 1 10 ? 1.914   5.592   5.208   1.00 99.80  ? 10  DT  A H3     1 
ATOM   302  H  H71    . DT  A 1 10 ? -0.090  7.115   0.844   1.00 99.82  ? 10  DT  A H71    1 
ATOM   303  H  H72    . DT  A 1 10 ? 0.463   5.689   0.433   1.00 99.82  ? 10  DT  A H72    1 
ATOM   304  H  H73    . DT  A 1 10 ? -0.653  5.813   1.550   1.00 99.82  ? 10  DT  A H73    1 
ATOM   305  H  H6     . DT  A 1 10 ? 2.517   7.321   1.142   1.00 110.99 ? 10  DT  A H6     1 
ATOM   306  P  P      . DG  A 1 11 ? 8.791   7.450   0.926   1.00 133.73 ? 11  DG  A P      1 
ATOM   307  O  OP1    . DG  A 1 11 ? 10.072  8.176   1.072   1.00 118.40 ? 11  DG  A OP1    1 
ATOM   308  O  OP2    . DG  A 1 11 ? 8.394   6.917   -0.397  1.00 123.35 ? 11  DG  A OP2    1 
ATOM   309  O  "O5'"  . DG  A 1 11 ? 8.770   6.241   1.963   1.00 130.69 ? 11  DG  A "O5'"  1 
ATOM   310  C  "C5'"  . DG  A 1 11 ? 8.672   6.510   3.354   1.00 118.06 ? 11  DG  A "C5'"  1 
ATOM   311  C  "C4'"  . DG  A 1 11 ? 8.361   5.243   4.123   1.00 122.51 ? 11  DG  A "C4'"  1 
ATOM   312  O  "O4'"  . DG  A 1 11 ? 6.925   5.046   4.173   1.00 111.23 ? 11  DG  A "O4'"  1 
ATOM   313  C  "C3'"  . DG  A 1 11 ? 8.949   3.967   3.512   1.00 101.26 ? 11  DG  A "C3'"  1 
ATOM   314  O  "O3'"  . DG  A 1 11 ? 9.882   3.385   4.409   1.00 95.24  ? 11  DG  A "O3'"  1 
ATOM   315  C  "C2'"  . DG  A 1 11 ? 7.734   3.066   3.247   1.00 84.46  ? 11  DG  A "C2'"  1 
ATOM   316  C  "C1'"  . DG  A 1 11 ? 6.647   3.670   4.119   1.00 92.29  ? 11  DG  A "C1'"  1 
ATOM   317  N  N9     . DG  A 1 11 ? 5.293   3.484   3.603   1.00 82.01  ? 11  DG  A N9     1 
ATOM   318  C  C8     . DG  A 1 11 ? 4.820   3.838   2.360   1.00 84.38  ? 11  DG  A C8     1 
ATOM   319  N  N7     . DG  A 1 11 ? 3.559   3.555   2.183   1.00 81.22  ? 11  DG  A N7     1 
ATOM   320  C  C5     . DG  A 1 11 ? 3.169   2.979   3.388   1.00 77.65  ? 11  DG  A C5     1 
ATOM   321  C  C6     . DG  A 1 11 ? 1.907   2.473   3.786   1.00 72.41  ? 11  DG  A C6     1 
ATOM   322  O  O6     . DG  A 1 11 ? 0.857   2.433   3.138   1.00 72.73  ? 11  DG  A O6     1 
ATOM   323  N  N1     . DG  A 1 11 ? 1.941   1.977   5.087   1.00 66.12  ? 11  DG  A N1     1 
ATOM   324  C  C2     . DG  A 1 11 ? 3.046   1.973   5.898   1.00 77.78  ? 11  DG  A C2     1 
ATOM   325  N  N2     . DG  A 1 11 ? 2.890   1.449   7.125   1.00 76.54  ? 11  DG  A N2     1 
ATOM   326  N  N3     . DG  A 1 11 ? 4.238   2.442   5.536   1.00 78.04  ? 11  DG  A N3     1 
ATOM   327  C  C4     . DG  A 1 11 ? 4.221   2.929   4.269   1.00 79.12  ? 11  DG  A C4     1 
ATOM   328  H  "H5'"  . DG  A 1 11 ? 7.966   7.158   3.505   1.00 141.72 ? 11  DG  A "H5'"  1 
ATOM   329  H  "H5''" . DG  A 1 11 ? 9.515   6.875   3.668   1.00 141.72 ? 11  DG  A "H5''" 1 
ATOM   330  H  "H4'"  . DG  A 1 11 ? 8.694   5.338   5.029   1.00 147.07 ? 11  DG  A "H4'"  1 
ATOM   331  H  "H3'"  . DG  A 1 11 ? 9.389   4.179   2.674   1.00 121.56 ? 11  DG  A "H3'"  1 
ATOM   332  H  "H2'"  . DG  A 1 11 ? 7.482   3.101   2.311   1.00 101.41 ? 11  DG  A "H2'"  1 
ATOM   333  H  "H2''" . DG  A 1 11 ? 7.922   2.153   3.518   1.00 101.41 ? 11  DG  A "H2''" 1 
ATOM   334  H  "H1'"  . DG  A 1 11 ? 6.705   3.295   5.011   1.00 110.80 ? 11  DG  A "H1'"  1 
ATOM   335  H  H8     . DG  A 1 11 ? 5.349   4.239   1.708   1.00 101.31 ? 11  DG  A H8     1 
ATOM   336  H  H1     . DG  A 1 11 ? 1.212   1.651   5.407   1.00 79.39  ? 11  DG  A H1     1 
ATOM   337  H  H21    . DG  A 1 11 ? 3.557   1.420   7.668   1.00 91.90  ? 11  DG  A H21    1 
ATOM   338  H  H22    . DG  A 1 11 ? 2.124   1.143   7.368   1.00 91.90  ? 11  DG  A H22    1 
ATOM   339  P  P      . DA  A 1 12 ? 10.554  1.968   4.079   1.00 112.44 ? 12  DA  A P      1 
ATOM   340  O  OP1    . DA  A 1 12 ? 11.912  1.968   4.668   1.00 119.51 ? 12  DA  A OP1    1 
ATOM   341  O  OP2    . DA  A 1 12 ? 10.383  1.719   2.630   1.00 107.54 ? 12  DA  A OP2    1 
ATOM   342  O  "O5'"  . DA  A 1 12 ? 9.628   0.938   4.869   1.00 102.01 ? 12  DA  A "O5'"  1 
ATOM   343  C  "C5'"  . DA  A 1 12 ? 10.178  -0.239  5.429   1.00 105.86 ? 12  DA  A "C5'"  1 
ATOM   344  C  "C4'"  . DA  A 1 12 ? 9.506   -0.558  6.751   1.00 103.22 ? 12  DA  A "C4'"  1 
ATOM   345  O  "O4'"  . DA  A 1 12 ? 8.140   -0.072  6.728   1.00 93.59  ? 12  DA  A "O4'"  1 
ATOM   346  C  "C3'"  . DA  A 1 12 ? 9.388   -2.035  7.072   1.00 104.02 ? 12  DA  A "C3'"  1 
ATOM   347  O  "O3'"  . DA  A 1 12 ? 9.341   -2.240  8.483   1.00 113.66 ? 12  DA  A "O3'"  1 
ATOM   348  C  "C2'"  . DA  A 1 12 ? 8.085   -2.423  6.382   1.00 92.70  ? 12  DA  A "C2'"  1 
ATOM   349  C  "C1'"  . DA  A 1 12 ? 7.247   -1.144  6.467   1.00 87.07  ? 12  DA  A "C1'"  1 
ATOM   350  N  N9     . DA  A 1 12 ? 6.509   -0.838  5.244   1.00 81.80  ? 12  DA  A N9     1 
ATOM   351  C  C8     . DA  A 1 12 ? 7.002   -0.258  4.109   1.00 82.94  ? 12  DA  A C8     1 
ATOM   352  N  N7     . DA  A 1 12 ? 6.107   -0.092  3.166   1.00 78.97  ? 12  DA  A N7     1 
ATOM   353  C  C5     . DA  A 1 12 ? 4.945   -0.599  3.718   1.00 74.14  ? 12  DA  A C5     1 
ATOM   354  C  C6     . DA  A 1 12 ? 3.635   -0.717  3.219   1.00 82.21  ? 12  DA  A C6     1 
ATOM   355  N  N6     . DA  A 1 12 ? 3.274   -0.312  1.999   1.00 84.50  ? 12  DA  A N6     1 
ATOM   356  N  N1     . DA  A 1 12 ? 2.706   -1.269  4.029   1.00 83.51  ? 12  DA  A N1     1 
ATOM   357  C  C2     . DA  A 1 12 ? 3.074   -1.672  5.251   1.00 82.91  ? 12  DA  A C2     1 
ATOM   358  N  N3     . DA  A 1 12 ? 4.275   -1.613  5.828   1.00 62.65  ? 12  DA  A N3     1 
ATOM   359  C  C4     . DA  A 1 12 ? 5.174   -1.060  5.000   1.00 71.59  ? 12  DA  A C4     1 
ATOM   360  H  "H5'"  . DA  A 1 12 ? 11.128  -0.111  5.575   1.00 127.09 ? 12  DA  A "H5'"  1 
ATOM   361  H  "H5''" . DA  A 1 12 ? 10.046  -0.979  4.816   1.00 127.09 ? 12  DA  A "H5''" 1 
ATOM   362  H  "H4'"  . DA  A 1 12 ? 9.988   -0.115  7.467   1.00 123.92 ? 12  DA  A "H4'"  1 
ATOM   363  H  "H3'"  . DA  A 1 12 ? 10.130  -2.522  6.685   1.00 124.88 ? 12  DA  A "H3'"  1 
ATOM   364  H  "H2'"  . DA  A 1 12 ? 8.246   -2.664  5.457   1.00 111.30 ? 12  DA  A "H2'"  1 
ATOM   365  H  "H2''" . DA  A 1 12 ? 7.649   -3.148  6.858   1.00 111.30 ? 12  DA  A "H2''" 1 
ATOM   366  H  "H1'"  . DA  A 1 12 ? 6.622   -1.223  7.204   1.00 104.54 ? 12  DA  A "H1'"  1 
ATOM   367  H  H8     . DA  A 1 12 ? 7.891   -0.001  4.017   1.00 99.59  ? 12  DA  A H8     1 
ATOM   368  H  H61    . DA  A 1 12 ? 2.460   -0.404  1.738   1.00 101.45 ? 12  DA  A H61    1 
ATOM   369  H  H62    . DA  A 1 12 ? 3.856   0.042   1.474   1.00 101.45 ? 12  DA  A H62    1 
ATOM   370  H  H2     . DA  A 1 12 ? 2.399   -2.047  5.768   1.00 99.55  ? 12  DA  A H2     1 
ATOM   371  P  P      . DC  A 1 13 ? 9.402   -3.726  9.089   1.00 121.87 ? 13  DC  A P      1 
ATOM   372  O  OP1    . DC  A 1 13 ? 9.745   -3.605  10.525  1.00 130.74 ? 13  DC  A OP1    1 
ATOM   373  O  OP2    . DC  A 1 13 ? 10.260  -4.535  8.195   1.00 90.03  ? 13  DC  A OP2    1 
ATOM   374  O  "O5'"  . DC  A 1 13 ? 7.902   -4.267  8.934   1.00 81.85  ? 13  DC  A "O5'"  1 
ATOM   375  C  "C5'"  . DC  A 1 13 ? 7.663   -5.475  8.229   1.00 80.66  ? 13  DC  A "C5'"  1 
ATOM   376  C  "C4'"  . DC  A 1 13 ? 6.178   -5.784  8.130   1.00 89.77  ? 13  DC  A "C4'"  1 
ATOM   377  O  "O4'"  . DC  A 1 13 ? 5.556   -4.875  7.194   1.00 85.24  ? 13  DC  A "O4'"  1 
ATOM   378  C  "C3'"  . DC  A 1 13 ? 5.877   -7.189  7.616   1.00 91.97  ? 13  DC  A "C3'"  1 
ATOM   379  O  "O3'"  . DC  A 1 13 ? 5.467   -8.045  8.683   1.00 99.25  ? 13  DC  A "O3'"  1 
ATOM   380  C  "C2'"  . DC  A 1 13 ? 4.774   -7.009  6.566   1.00 89.58  ? 13  DC  A "C2'"  1 
ATOM   381  C  "C1'"  . DC  A 1 13 ? 4.476   -5.517  6.547   1.00 72.58  ? 13  DC  A "C1'"  1 
ATOM   382  N  N1     . DC  A 1 13 ? 4.346   -4.949  5.155   1.00 73.57  ? 13  DC  A N1     1 
ATOM   383  C  C2     . DC  A 1 13 ? 3.116   -5.018  4.464   1.00 82.12  ? 13  DC  A C2     1 
ATOM   384  O  O2     . DC  A 1 13 ? 2.144   -5.543  5.010   1.00 83.41  ? 13  DC  A O2     1 
ATOM   385  N  N3     . DC  A 1 13 ? 3.040   -4.505  3.202   1.00 78.88  ? 13  DC  A N3     1 
ATOM   386  C  C4     . DC  A 1 13 ? 4.124   -3.943  2.650   1.00 82.77  ? 13  DC  A C4     1 
ATOM   387  N  N4     . DC  A 1 13 ? 4.017   -3.446  1.415   1.00 84.66  ? 13  DC  A N4     1 
ATOM   388  C  C5     . DC  A 1 13 ? 5.372   -3.873  3.336   1.00 78.74  ? 13  DC  A C5     1 
ATOM   389  C  C6     . DC  A 1 13 ? 5.436   -4.379  4.571   1.00 72.98  ? 13  DC  A C6     1 
ATOM   390  H  "H5'"  . DC  A 1 13 ? 8.108   -6.203  8.691   1.00 96.85  ? 13  DC  A "H5'"  1 
ATOM   391  H  "H5''" . DC  A 1 13 ? 8.031   -5.397  7.335   1.00 96.85  ? 13  DC  A "H5''" 1 
ATOM   392  H  "H4'"  . DC  A 1 13 ? 5.770   -5.670  9.003   1.00 107.77 ? 13  DC  A "H4'"  1 
ATOM   393  H  "H3'"  . DC  A 1 13 ? 6.670   -7.555  7.193   1.00 110.42 ? 13  DC  A "H3'"  1 
ATOM   394  H  "H2'"  . DC  A 1 13 ? 5.089   -7.300  5.696   1.00 107.55 ? 13  DC  A "H2'"  1 
ATOM   395  H  "H2''" . DC  A 1 13 ? 3.982   -7.507  6.822   1.00 107.55 ? 13  DC  A "H2''" 1 
ATOM   396  H  "H1'"  . DC  A 1 13 ? 3.660   -5.347  7.042   1.00 87.15  ? 13  DC  A "H1'"  1 
ATOM   397  H  H41    . DC  A 1 13 ? 4.699   -3.081  1.038   1.00 101.65 ? 13  DC  A H41    1 
ATOM   398  H  H42    . DC  A 1 13 ? 3.267   -3.492  0.996   1.00 101.65 ? 13  DC  A H42    1 
ATOM   399  H  H5     . DC  A 1 13 ? 6.115   -3.479  2.940   1.00 94.53  ? 13  DC  A H5     1 
ATOM   400  H  H6     . DC  A 1 13 ? 6.239   -4.343  5.038   1.00 87.63  ? 13  DC  A H6     1 
ATOM   401  P  P      . DG  A 1 14 ? 5.552   -9.641  8.513   1.00 107.53 ? 14  DG  A P      1 
ATOM   402  O  OP1    . DG  A 1 14 ? 5.580   -10.249 9.864   1.00 114.87 ? 14  DG  A OP1    1 
ATOM   403  O  OP2    . DG  A 1 14 ? 6.637   -9.934  7.548   1.00 95.89  ? 14  DG  A OP2    1 
ATOM   404  O  "O5'"  . DG  A 1 14 ? 4.164   -10.019 7.820   1.00 94.07  ? 14  DG  A "O5'"  1 
ATOM   405  C  "C5'"  . DG  A 1 14 ? 2.936   -9.716  8.478   1.00 99.30  ? 14  DG  A "C5'"  1 
ATOM   406  C  "C4'"  . DG  A 1 14 ? 1.756   -9.972  7.560   1.00 100.14 ? 14  DG  A "C4'"  1 
ATOM   407  O  "O4'"  . DG  A 1 14 ? 1.760   -8.981  6.506   1.00 90.04  ? 14  DG  A "O4'"  1 
ATOM   408  C  "C3'"  . DG  A 1 14 ? 1.771   -11.342 6.882   1.00 106.83 ? 14  DG  A "C3'"  1 
ATOM   409  O  "O3'"  . DG  A 1 14 ? 0.654   -12.123 7.287   1.00 114.83 ? 14  DG  A "O3'"  1 
ATOM   410  C  "C2'"  . DG  A 1 14 ? 1.749   -11.053 5.380   1.00 105.04 ? 14  DG  A "C2'"  1 
ATOM   411  C  "C1'"  . DG  A 1 14 ? 1.440   -9.568  5.267   1.00 85.42  ? 14  DG  A "C1'"  1 
ATOM   412  N  N9     . DG  A 1 14 ? 2.223   -8.899  4.231   1.00 81.38  ? 14  DG  A N9     1 
ATOM   413  C  C8     . DG  A 1 14 ? 3.569   -8.656  4.260   1.00 72.60  ? 14  DG  A C8     1 
ATOM   414  N  N7     . DG  A 1 14 ? 4.014   -8.038  3.204   1.00 76.17  ? 14  DG  A N7     1 
ATOM   415  C  C5     . DG  A 1 14 ? 2.889   -7.871  2.410   1.00 79.42  ? 14  DG  A C5     1 
ATOM   416  C  C6     . DG  A 1 14 ? 2.757   -7.269  1.137   1.00 79.12  ? 14  DG  A C6     1 
ATOM   417  O  O6     . DG  A 1 14 ? 3.640   -6.749  0.439   1.00 83.50  ? 14  DG  A O6     1 
ATOM   418  N  N1     . DG  A 1 14 ? 1.441   -7.309  0.684   1.00 84.65  ? 14  DG  A N1     1 
ATOM   419  C  C2     . DG  A 1 14 ? 0.388   -7.862  1.377   1.00 82.65  ? 14  DG  A C2     1 
ATOM   420  N  N2     . DG  A 1 14 ? -0.811  -7.806  0.779   1.00 78.48  ? 14  DG  A N2     1 
ATOM   421  N  N3     . DG  A 1 14 ? 0.498   -8.429  2.573   1.00 79.96  ? 14  DG  A N3     1 
ATOM   422  C  C4     . DG  A 1 14 ? 1.774   -8.395  3.029   1.00 81.49  ? 14  DG  A C4     1 
ATOM   423  H  "H5'"  . DG  A 1 14 ? 2.937   -8.783  8.744   1.00 119.21 ? 14  DG  A "H5'"  1 
ATOM   424  H  "H5''" . DG  A 1 14 ? 2.852   -10.272 9.269   1.00 119.21 ? 14  DG  A "H5''" 1 
ATOM   425  H  "H4'"  . DG  A 1 14 ? 0.936   -9.884  8.071   1.00 120.22 ? 14  DG  A "H4'"  1 
ATOM   426  H  "H3'"  . DG  A 1 14 ? 2.591   -11.808 7.110   1.00 128.24 ? 14  DG  A "H3'"  1 
ATOM   427  H  "H2'"  . DG  A 1 14 ? 2.614   -11.249 4.987   1.00 126.10 ? 14  DG  A "H2'"  1 
ATOM   428  H  "H2''" . DG  A 1 14 ? 1.055   -11.575 4.948   1.00 126.10 ? 14  DG  A "H2''" 1 
ATOM   429  H  "H1'"  . DG  A 1 14 ? 0.495   -9.447  5.087   1.00 102.56 ? 14  DG  A "H1'"  1 
ATOM   430  H  H8     . DG  A 1 14 ? 4.113   -8.891  4.978   1.00 87.18  ? 14  DG  A H8     1 
ATOM   431  H  H1     . DG  A 1 14 ? 1.273   -6.965  -0.086  1.00 101.63 ? 14  DG  A H1     1 
ATOM   432  H  H21    . DG  A 1 14 ? -1.503  -8.135  1.170   1.00 94.22  ? 14  DG  A H21    1 
ATOM   433  H  H22    . DG  A 1 14 ? -0.889  -7.440  0.004   1.00 94.22  ? 14  DG  A H22    1 
ATOM   434  P  P      . DA  A 1 15 ? 0.587   -13.682 6.899   1.00 110.54 ? 15  DA  A P      1 
ATOM   435  O  OP1    . DA  A 1 15 ? -0.409  -14.323 7.783   1.00 121.06 ? 15  DA  A OP1    1 
ATOM   436  O  OP2    . DA  A 1 15 ? 1.976   -14.189 6.866   1.00 97.75  ? 15  DA  A OP2    1 
ATOM   437  O  "O5'"  . DA  A 1 15 ? 0.026   -13.689 5.399   1.00 91.52  ? 15  DA  A "O5'"  1 
ATOM   438  C  "C5'"  . DA  A 1 15 ? -1.379  -13.660 5.166   1.00 96.20  ? 15  DA  A "C5'"  1 
ATOM   439  C  "C4'"  . DA  A 1 15 ? -1.692  -13.131 3.777   1.00 106.03 ? 15  DA  A "C4'"  1 
ATOM   440  O  "O4'"  . DA  A 1 15 ? -0.696  -12.162 3.398   1.00 100.14 ? 15  DA  A "O4'"  1 
ATOM   441  C  "C3'"  . DA  A 1 15 ? -1.673  -14.174 2.657   1.00 110.04 ? 15  DA  A "C3'"  1 
ATOM   442  O  "O3'"  . DA  A 1 15 ? -2.992  -14.610 2.334   1.00 105.59 ? 15  DA  A "O3'"  1 
ATOM   443  C  "C2'"  . DA  A 1 15 ? -1.005  -13.459 1.475   1.00 104.64 ? 15  DA  A "C2'"  1 
ATOM   444  C  "C1'"  . DA  A 1 15 ? -0.707  -12.061 1.998   1.00 98.43  ? 15  DA  A "C1'"  1 
ATOM   445  N  N9     . DA  A 1 15 ? 0.570   -11.529 1.545   1.00 91.42  ? 15  DA  A N9     1 
ATOM   446  C  C8     . DA  A 1 15 ? 1.743   -11.498 2.240   1.00 89.18  ? 15  DA  A C8     1 
ATOM   447  N  N7     . DA  A 1 15 ? 2.735   -10.953 1.581   1.00 87.33  ? 15  DA  A N7     1 
ATOM   448  C  C5     . DA  A 1 15 ? 2.175   -10.610 0.364   1.00 83.25  ? 15  DA  A C5     1 
ATOM   449  C  C6     . DA  A 1 15 ? 2.707   -9.995  -0.784  1.00 78.56  ? 15  DA  A C6     1 
ATOM   450  N  N6     . DA  A 1 15 ? 3.979   -9.605  -0.891  1.00 75.17  ? 15  DA  A N6     1 
ATOM   451  N  N1     . DA  A 1 15 ? 1.877   -9.797  -1.827  1.00 80.72  ? 15  DA  A N1     1 
ATOM   452  C  C2     . DA  A 1 15 ? 0.600   -10.183 -1.719  1.00 86.25  ? 15  DA  A C2     1 
ATOM   453  N  N3     . DA  A 1 15 ? -0.013  -10.774 -0.694  1.00 86.61  ? 15  DA  A N3     1 
ATOM   454  C  C4     . DA  A 1 15 ? 0.840   -10.959 0.325   1.00 86.63  ? 15  DA  A C4     1 
ATOM   455  H  "H5'"  . DA  A 1 15 ? -1.799  -13.087 5.826   1.00 115.49 ? 15  DA  A "H5'"  1 
ATOM   456  H  "H5''" . DA  A 1 15 ? -1.734  -14.558 5.251   1.00 115.49 ? 15  DA  A "H5''" 1 
ATOM   457  H  "H4'"  . DA  A 1 15 ? -2.561  -12.700 3.791   1.00 127.29 ? 15  DA  A "H4'"  1 
ATOM   458  H  "H3'"  . DA  A 1 15 ? -1.133  -14.935 2.927   1.00 132.09 ? 15  DA  A "H3'"  1 
ATOM   459  H  "H2'"  . DA  A 1 15 ? -0.183  -13.909 1.226   1.00 125.62 ? 15  DA  A "H2'"  1 
ATOM   460  H  "H2''" . DA  A 1 15 ? -1.611  -13.415 0.719   1.00 125.62 ? 15  DA  A "H2''" 1 
ATOM   461  H  "H1'"  . DA  A 1 15 ? -1.419  -11.460 1.727   1.00 118.16 ? 15  DA  A "H1'"  1 
ATOM   462  H  H8     . DA  A 1 15 ? 1.827   -11.824 3.107   1.00 107.07 ? 15  DA  A H8     1 
ATOM   463  H  H61    . DA  A 1 15 ? 4.256   -9.235  -1.615  1.00 90.26  ? 15  DA  A H61    1 
ATOM   464  H  H62    . DA  A 1 15 ? 4.522   -9.725  -0.235  1.00 90.26  ? 15  DA  A H62    1 
ATOM   465  H  H2     . DA  A 1 15 ? 0.069   -10.029 -2.467  1.00 103.55 ? 15  DA  A H2     1 
ATOM   466  P  P      . DG  A 1 16 ? -3.207  -15.772 1.241   1.00 104.23 ? 16  DG  A P      1 
ATOM   467  O  OP1    . DG  A 1 16 ? -3.634  -16.986 1.970   1.00 129.62 ? 16  DG  A OP1    1 
ATOM   468  O  OP2    . DG  A 1 16 ? -2.011  -15.829 0.373   1.00 86.63  ? 16  DG  A OP2    1 
ATOM   469  O  "O5'"  . DG  A 1 16 ? -4.434  -15.259 0.347   1.00 93.73  ? 16  DG  A "O5'"  1 
ATOM   470  C  "C5'"  . DG  A 1 16 ? -4.475  -13.914 -0.116  1.00 102.82 ? 16  DG  A "C5'"  1 
ATOM   471  C  "C4'"  . DG  A 1 16 ? -4.548  -13.840 -1.639  1.00 105.27 ? 16  DG  A "C4'"  1 
ATOM   472  O  "O4'"  . DG  A 1 16 ? -3.422  -13.056 -2.132  1.00 98.41  ? 16  DG  A "O4'"  1 
ATOM   473  C  "C3'"  . DG  A 1 16 ? -4.476  -15.180 -2.378  1.00 100.31 ? 16  DG  A "C3'"  1 
ATOM   474  O  "O3'"  . DG  A 1 16 ? -5.351  -15.187 -3.507  1.00 110.04 ? 16  DG  A "O3'"  1 
ATOM   475  C  "C2'"  . DG  A 1 16 ? -3.015  -15.271 -2.784  1.00 91.41  ? 16  DG  A "C2'"  1 
ATOM   476  C  "C1'"  . DG  A 1 16 ? -2.664  -13.817 -3.051  1.00 81.71  ? 16  DG  A "C1'"  1 
ATOM   477  N  N9     . DG  A 1 16 ? -1.249  -13.519 -2.864  1.00 74.97  ? 16  DG  A N9     1 
ATOM   478  C  C8     . DG  A 1 16 ? -0.510  -13.728 -1.727  1.00 83.03  ? 16  DG  A C8     1 
ATOM   479  N  N7     . DG  A 1 16 ? 0.738   -13.377 -1.846  1.00 86.54  ? 16  DG  A N7     1 
ATOM   480  C  C5     . DG  A 1 16 ? 0.838   -12.913 -3.149  1.00 78.40  ? 16  DG  A C5     1 
ATOM   481  C  C6     . DG  A 1 16 ? 1.952   -12.392 -3.843  1.00 72.05  ? 16  DG  A C6     1 
ATOM   482  O  O6     . DG  A 1 16 ? 3.109   -12.244 -3.432  1.00 74.71  ? 16  DG  A O6     1 
ATOM   483  N  N1     . DG  A 1 16 ? 1.625   -12.026 -5.147  1.00 58.23  ? 16  DG  A N1     1 
ATOM   484  C  C2     . DG  A 1 16 ? 0.373   -12.142 -5.705  1.00 65.29  ? 16  DG  A C2     1 
ATOM   485  N  N2     . DG  A 1 16 ? 0.248   -11.744 -6.981  1.00 58.70  ? 16  DG  A N2     1 
ATOM   486  N  N3     . DG  A 1 16 ? -0.683  -12.632 -5.063  1.00 73.88  ? 16  DG  A N3     1 
ATOM   487  C  C4     . DG  A 1 16 ? -0.378  -12.988 -3.789  1.00 74.45  ? 16  DG  A C4     1 
ATOM   488  H  "H5'"  . DG  A 1 16 ? -3.677  -13.451 0.185   1.00 123.43 ? 16  DG  A "H5'"  1 
ATOM   489  H  "H5''" . DG  A 1 16 ? -5.255  -13.475 0.259   1.00 123.43 ? 16  DG  A "H5''" 1 
ATOM   490  H  "H4'"  . DG  A 1 16 ? -5.371  -13.392 -1.889  1.00 126.38 ? 16  DG  A "H4'"  1 
ATOM   491  H  "H3'"  . DG  A 1 16 ? -4.702  -15.906 -1.775  1.00 120.43 ? 16  DG  A "H3'"  1 
ATOM   492  H  "H2'"  . DG  A 1 16 ? -2.478  -15.628 -2.060  1.00 109.74 ? 16  DG  A "H2'"  1 
ATOM   493  H  "H2''" . DG  A 1 16 ? -2.913  -15.804 -3.588  1.00 109.74 ? 16  DG  A "H2''" 1 
ATOM   494  H  "H1'"  . DG  A 1 16 ? -2.926  -13.584 -3.956  1.00 98.11  ? 16  DG  A "H1'"  1 
ATOM   495  H  H8     . DG  A 1 16 ? -0.868  -14.082 -0.945  1.00 99.69  ? 16  DG  A H8     1 
ATOM   496  H  H1     . DG  A 1 16 ? 2.252   -11.705 -5.639  1.00 69.93  ? 16  DG  A H1     1 
ATOM   497  H  H21    . DG  A 1 16 ? -0.512  -11.807 -7.378  1.00 70.49  ? 16  DG  A H21    1 
ATOM   498  H  H22    . DG  A 1 16 ? 0.928   -11.427 -7.401  1.00 70.49  ? 16  DG  A H22    1 
ATOM   499  P  P      . DA  A 1 17 ? -5.401  -16.460 -4.489  1.00 130.09 ? 17  DA  A P      1 
ATOM   500  O  OP1    . DA  A 1 17 ? -6.821  -16.697 -4.830  1.00 124.41 ? 17  DA  A OP1    1 
ATOM   501  O  OP2    . DA  A 1 17 ? -4.596  -17.542 -3.879  1.00 110.97 ? 17  DA  A OP2    1 
ATOM   502  O  "O5'"  . DA  A 1 17 ? -4.645  -15.963 -5.809  1.00 108.16 ? 17  DA  A "O5'"  1 
ATOM   503  C  "C5'"  . DA  A 1 17 ? -5.256  -14.983 -6.639  1.00 101.43 ? 17  DA  A "C5'"  1 
ATOM   504  C  "C4'"  . DA  A 1 17 ? -4.450  -14.747 -7.906  1.00 93.32  ? 17  DA  A "C4'"  1 
ATOM   505  O  "O4'"  . DA  A 1 17 ? -3.117  -14.279 -7.556  1.00 95.50  ? 17  DA  A "O4'"  1 
ATOM   506  C  "C3'"  . DA  A 1 17 ? -4.245  -15.975 -8.786  1.00 86.90  ? 17  DA  A "C3'"  1 
ATOM   507  O  "O3'"  . DA  A 1 17 ? -4.364  -15.613 -10.161 1.00 93.47  ? 17  DA  A "O3'"  1 
ATOM   508  C  "C2'"  . DA  A 1 17 ? -2.842  -16.447 -8.415  1.00 73.74  ? 17  DA  A "C2'"  1 
ATOM   509  C  "C1'"  . DA  A 1 17 ? -2.132  -15.144 -8.090  1.00 80.32  ? 17  DA  A "C1'"  1 
ATOM   510  N  N9     . DA  A 1 17 ? -1.060  -15.270 -7.105  1.00 80.07  ? 17  DA  A N9     1 
ATOM   511  C  C8     . DA  A 1 17 ? -1.185  -15.669 -5.805  1.00 83.63  ? 17  DA  A C8     1 
ATOM   512  N  N7     . DA  A 1 17 ? -0.055  -15.668 -5.139  1.00 76.74  ? 17  DA  A N7     1 
ATOM   513  C  C5     . DA  A 1 17 ? 0.879   -15.232 -6.064  1.00 74.04  ? 17  DA  A C5     1 
ATOM   514  C  C6     . DA  A 1 17 ? 2.270   -15.007 -5.979  1.00 71.53  ? 17  DA  A C6     1 
ATOM   515  N  N6     . DA  A 1 17 ? 2.978   -15.217 -4.866  1.00 72.29  ? 17  DA  A N6     1 
ATOM   516  N  N1     . DA  A 1 17 ? 2.905   -14.566 -7.086  1.00 62.26  ? 17  DA  A N1     1 
ATOM   517  C  C2     . DA  A 1 17 ? 2.186   -14.363 -8.202  1.00 65.91  ? 17  DA  A C2     1 
ATOM   518  N  N3     . DA  A 1 17 ? 0.877   -14.537 -8.401  1.00 64.93  ? 17  DA  A N3     1 
ATOM   519  C  C4     . DA  A 1 17 ? 0.275   -14.973 -7.282  1.00 73.93  ? 17  DA  A C4     1 
ATOM   520  H  "H5'"  . DA  A 1 17 ? -5.324  -14.150 -6.146  1.00 121.76 ? 17  DA  A "H5'"  1 
ATOM   521  H  "H5''" . DA  A 1 17 ? -6.146  -15.282 -6.880  1.00 121.76 ? 17  DA  A "H5''" 1 
ATOM   522  H  "H4'"  . DA  A 1 17 ? -4.891  -14.061 -8.430  1.00 112.04 ? 17  DA  A "H4'"  1 
ATOM   523  H  "H3'"  . DA  A 1 17 ? -4.897  -16.658 -8.562  1.00 104.33 ? 17  DA  A "H3'"  1 
ATOM   524  H  "H2'"  . DA  A 1 17 ? -2.869  -17.027 -7.637  1.00 88.53  ? 17  DA  A "H2'"  1 
ATOM   525  H  "H2''" . DA  A 1 17 ? -2.418  -16.892 -9.166  1.00 88.53  ? 17  DA  A "H2''" 1 
ATOM   526  H  "H1'"  . DA  A 1 17 ? -1.775  -14.760 -8.907  1.00 96.43  ? 17  DA  A "H1'"  1 
ATOM   527  H  H8     . DA  A 1 17 ? -1.997  -15.921 -5.427  1.00 100.41 ? 17  DA  A H8     1 
ATOM   528  H  H61    . DA  A 1 17 ? 3.825   -15.070 -4.861  1.00 86.79  ? 17  DA  A H61    1 
ATOM   529  H  H62    . DA  A 1 17 ? 2.585   -15.498 -4.153  1.00 86.79  ? 17  DA  A H62    1 
ATOM   530  H  H2     . DA  A 1 17 ? 2.668   -14.064 -8.938  1.00 79.14  ? 17  DA  A H2     1 
ATOM   531  P  P      . DC  A 1 18 ? -4.079  -16.679 -11.327 1.00 109.76 ? 18  DC  A P      1 
ATOM   532  O  OP1    . DC  A 1 18 ? -4.968  -16.351 -12.465 1.00 87.79  ? 18  DC  A OP1    1 
ATOM   533  O  OP2    . DC  A 1 18 ? -4.117  -18.033 -10.730 1.00 101.21 ? 18  DC  A OP2    1 
ATOM   534  O  "O5'"  . DC  A 1 18 ? -2.571  -16.370 -11.754 1.00 85.82  ? 18  DC  A "O5'"  1 
ATOM   535  C  "C5'"  . DC  A 1 18 ? -2.073  -16.870 -12.978 1.00 89.67  ? 18  DC  A "C5'"  1 
ATOM   536  C  "C4'"  . DC  A 1 18 ? -0.655  -16.395 -13.226 1.00 84.76  ? 18  DC  A "C4'"  1 
ATOM   537  O  "O4'"  . DC  A 1 18 ? 0.006   -16.140 -11.950 1.00 82.52  ? 18  DC  A "O4'"  1 
ATOM   538  C  "C3'"  . DC  A 1 18 ? 0.232   -17.400 -13.969 1.00 82.90  ? 18  DC  A "C3'"  1 
ATOM   539  O  "O3'"  . DC  A 1 18 ? 0.960   -16.760 -15.008 1.00 93.43  ? 18  DC  A "O3'"  1 
ATOM   540  C  "C2'"  . DC  A 1 18 ? 1.139   -17.940 -12.875 1.00 77.96  ? 18  DC  A "C2'"  1 
ATOM   541  C  "C1'"  . DC  A 1 18 ? 1.282   -16.738 -11.966 1.00 63.30  ? 18  DC  A "C1'"  1 
ATOM   542  N  N1     . DC  A 1 18 ? 1.691   -17.074 -10.565 1.00 57.94  ? 18  DC  A N1     1 
ATOM   543  C  C2     . DC  A 1 18 ? 3.038   -16.965 -10.190 1.00 63.09  ? 18  DC  A C2     1 
ATOM   544  O  O2     . DC  A 1 18 ? 3.871   -16.587 -11.026 1.00 62.39  ? 18  DC  A O2     1 
ATOM   545  N  N3     . DC  A 1 18 ? 3.395   -17.280 -8.921  1.00 53.73  ? 18  DC  A N3     1 
ATOM   546  C  C4     . DC  A 1 18 ? 2.472   -17.684 -8.051  1.00 58.49  ? 18  DC  A C4     1 
ATOM   547  N  N4     . DC  A 1 18 ? 2.872   -17.981 -6.812  1.00 64.00  ? 18  DC  A N4     1 
ATOM   548  C  C5     . DC  A 1 18 ? 1.098   -17.806 -8.411  1.00 58.03  ? 18  DC  A C5     1 
ATOM   549  C  C6     . DC  A 1 18 ? 0.756   -17.493 -9.665  1.00 69.41  ? 18  DC  A C6     1 
ATOM   550  H  "H5'"  . DC  A 1 18 ? -2.643  -16.565 -13.702 1.00 107.66 ? 18  DC  A "H5'"  1 
ATOM   551  H  "H5''" . DC  A 1 18 ? -2.084  -17.840 -12.954 1.00 107.66 ? 18  DC  A "H5''" 1 
ATOM   552  H  "H4'"  . DC  A 1 18 ? -0.686  -15.569 -13.734 1.00 101.77 ? 18  DC  A "H4'"  1 
ATOM   553  H  "H3'"  . DC  A 1 18 ? -0.313  -18.115 -14.334 1.00 99.53  ? 18  DC  A "H3'"  1 
ATOM   554  H  "H2'"  . DC  A 1 18 ? 0.716   -18.678 -12.408 1.00 93.60  ? 18  DC  A "H2'"  1 
ATOM   555  H  "H2''" . DC  A 1 18 ? 1.999   -18.204 -13.237 1.00 93.60  ? 18  DC  A "H2''" 1 
ATOM   556  H  "H1'"  . DC  A 1 18 ? 1.923   -16.119 -12.348 1.00 76.01  ? 18  DC  A "H1'"  1 
ATOM   557  H  H41    . DC  A 1 18 ? 2.302   -18.248 -6.227  1.00 76.85  ? 18  DC  A H41    1 
ATOM   558  H  H42    . DC  A 1 18 ? 3.702   -17.906 -6.600  1.00 76.85  ? 18  DC  A H42    1 
ATOM   559  H  H5     . DC  A 1 18 ? 0.461   -18.089 -7.794  1.00 69.69  ? 18  DC  A H5     1 
ATOM   560  H  H6     . DC  A 1 18 ? -0.133  -17.563 -9.928  1.00 83.34  ? 18  DC  A H6     1 
ATOM   561  P  P      . DT  A 1 19 ? 1.737   -17.635 -16.108 1.00 133.50 ? 19  DT  A P      1 
ATOM   562  O  OP1    . DT  A 1 19 ? 1.221   -17.238 -17.438 1.00 112.45 ? 19  DT  A OP1    1 
ATOM   563  O  OP2    . DT  A 1 19 ? 1.668   -19.053 -15.687 1.00 104.75 ? 19  DT  A OP2    1 
ATOM   564  O  "O5'"  . DT  A 1 19 ? 3.257   -17.153 -15.968 1.00 108.86 ? 19  DT  A "O5'"  1 
ATOM   565  C  "C5'"  . DT  A 1 19 ? 3.936   -17.308 -14.730 1.00 85.35  ? 19  DT  A "C5'"  1 
ATOM   566  C  "C4'"  . DT  A 1 19 ? 5.404   -16.962 -14.870 1.00 97.00  ? 19  DT  A "C4'"  1 
ATOM   567  O  "O4'"  . DT  A 1 19 ? 6.045   -16.969 -13.568 1.00 98.76  ? 19  DT  A "O4'"  1 
ATOM   568  C  "C3'"  . DT  A 1 19 ? 6.206   -17.940 -15.693 1.00 102.91 ? 19  DT  A "C3'"  1 
ATOM   569  O  "O3'"  . DT  A 1 19 ? 7.326   -17.286 -16.280 1.00 110.45 ? 19  DT  A "O3'"  1 
ATOM   570  C  "C2'"  . DT  A 1 19 ? 6.600   -18.997 -14.660 1.00 98.91  ? 19  DT  A "C2'"  1 
ATOM   571  C  "C1'"  . DT  A 1 19 ? 6.763   -18.183 -13.374 1.00 82.77  ? 19  DT  A "C1'"  1 
ATOM   572  N  N1     . DT  A 1 19 ? 6.225   -18.827 -12.117 1.00 71.30  ? 19  DT  A N1     1 
ATOM   573  C  C2     . DT  A 1 19 ? 7.034   -18.910 -10.997 1.00 72.69  ? 19  DT  A C2     1 
ATOM   574  O  O2     . DT  A 1 19 ? 8.193   -18.532 -10.978 1.00 76.92  ? 19  DT  A O2     1 
ATOM   575  N  N3     . DT  A 1 19 ? 6.433   -19.471 -9.898  1.00 66.72  ? 19  DT  A N3     1 
ATOM   576  C  C4     . DT  A 1 19 ? 5.134   -19.932 -9.800  1.00 61.30  ? 19  DT  A C4     1 
ATOM   577  O  O4     . DT  A 1 19 ? 4.684   -20.422 -8.771  1.00 57.40  ? 19  DT  A O4     1 
ATOM   578  C  C5     . DT  A 1 19 ? 4.339   -19.803 -10.998 1.00 60.59  ? 19  DT  A C5     1 
ATOM   579  C  C7     . DT  A 1 19 ? 2.917   -20.275 -11.003 1.00 59.34  ? 19  DT  A C7     1 
ATOM   580  C  C6     . DT  A 1 19 ? 4.910   -19.254 -12.082 1.00 66.80  ? 19  DT  A C6     1 
ATOM   581  H  "H5'"  . DT  A 1 19 ? 3.852   -18.228 -14.433 1.00 102.47 ? 19  DT  A "H5'"  1 
ATOM   582  H  "H5''" . DT  A 1 19 ? 3.533   -16.723 -14.070 1.00 102.47 ? 19  DT  A "H5''" 1 
ATOM   583  H  "H4'"  . DT  A 1 19 ? 5.487   -16.078 -15.260 1.00 116.45 ? 19  DT  A "H4'"  1 
ATOM   584  H  "H3'"  . DT  A 1 19 ? 5.647   -18.335 -16.381 1.00 123.54 ? 19  DT  A "H3'"  1 
ATOM   585  H  "H2'"  . DT  A 1 19 ? 5.897   -19.658 -14.560 1.00 118.74 ? 19  DT  A "H2'"  1 
ATOM   586  H  "H2''" . DT  A 1 19 ? 7.438   -19.420 -14.905 1.00 118.74 ? 19  DT  A "H2''" 1 
ATOM   587  H  "H1'"  . DT  A 1 19 ? 7.702   -17.977 -13.247 1.00 99.37  ? 19  DT  A "H1'"  1 
ATOM   588  H  H3     . DT  A 1 19 ? 6.917   -19.541 -9.191  1.00 80.12  ? 19  DT  A H3     1 
ATOM   589  H  H71    . DT  A 1 19 ? 2.705   -20.670 -10.142 1.00 71.26  ? 19  DT  A H71    1 
ATOM   590  H  H72    . DT  A 1 19 ? 2.327   -19.522 -11.168 1.00 71.26  ? 19  DT  A H72    1 
ATOM   591  H  H73    . DT  A 1 19 ? 2.798   -20.937 -11.701 1.00 71.26  ? 19  DT  A H73    1 
ATOM   592  H  H6     . DT  A 1 19 ? 4.400   -19.170 -12.854 1.00 80.22  ? 19  DT  A H6     1 
ATOM   593  P  P      . DC  A 1 20 ? 8.200   -18.024 -17.407 1.00 142.85 ? 20  DC  A P      1 
ATOM   594  O  OP1    . DC  A 1 20 ? 8.874   -16.983 -18.213 1.00 130.39 ? 20  DC  A OP1    1 
ATOM   595  O  OP2    . DC  A 1 20 ? 7.331   -19.017 -18.074 1.00 139.84 ? 20  DC  A OP2    1 
ATOM   596  O  "O5'"  . DC  A 1 20 ? 9.299   -18.820 -16.564 1.00 123.41 ? 20  DC  A "O5'"  1 
ATOM   597  C  "C5'"  . DC  A 1 20 ? 10.019  -18.152 -15.540 1.00 118.34 ? 20  DC  A "C5'"  1 
ATOM   598  C  "C4'"  . DC  A 1 20 ? 10.925  -19.114 -14.793 1.00 120.76 ? 20  DC  A "C4'"  1 
ATOM   599  O  "O4'"  . DC  A 1 20 ? 10.188  -19.730 -13.694 1.00 121.88 ? 20  DC  A "O4'"  1 
ATOM   600  C  "C3'"  . DC  A 1 20 ? 11.453  -20.278 -15.625 1.00 115.32 ? 20  DC  A "C3'"  1 
ATOM   601  O  "O3'"  . DC  A 1 20 ? 12.751  -20.648 -15.185 1.00 118.66 ? 20  DC  A "O3'"  1 
ATOM   602  C  "C2'"  . DC  A 1 20 ? 10.424  -21.362 -15.348 1.00 109.11 ? 20  DC  A "C2'"  1 
ATOM   603  C  "C1'"  . DC  A 1 20 ? 10.170  -21.138 -13.866 1.00 99.90  ? 20  DC  A "C1'"  1 
ATOM   604  N  N1     . DC  A 1 20 ? 8.870   -21.672 -13.338 1.00 88.24  ? 20  DC  A N1     1 
ATOM   605  C  C2     . DC  A 1 20 ? 8.776   -21.971 -11.980 1.00 90.93  ? 20  DC  A C2     1 
ATOM   606  O  O2     . DC  A 1 20 ? 9.764   -21.790 -11.266 1.00 95.37  ? 20  DC  A O2     1 
ATOM   607  N  N3     . DC  A 1 20 ? 7.606   -22.443 -11.488 1.00 85.24  ? 20  DC  A N3     1 
ATOM   608  C  C4     . DC  A 1 20 ? 6.564   -22.618 -12.295 1.00 82.25  ? 20  DC  A C4     1 
ATOM   609  N  N4     . DC  A 1 20 ? 5.429   -23.087 -11.762 1.00 76.12  ? 20  DC  A N4     1 
ATOM   610  C  C5     . DC  A 1 20 ? 6.635   -22.318 -13.690 1.00 83.39  ? 20  DC  A C5     1 
ATOM   611  C  C6     . DC  A 1 20 ? 7.800   -21.855 -14.163 1.00 85.73  ? 20  DC  A C6     1 
ATOM   612  H  "H5'"  . DC  A 1 20 ? 9.391   -17.757 -14.916 1.00 142.06 ? 20  DC  A "H5'"  1 
ATOM   613  H  "H5''" . DC  A 1 20 ? 10.558  -17.451 -15.937 1.00 142.06 ? 20  DC  A "H5''" 1 
ATOM   614  H  "H4'"  . DC  A 1 20 ? 11.676  -18.620 -14.429 1.00 144.97 ? 20  DC  A "H4'"  1 
ATOM   615  H  "H3'"  . DC  A 1 20 ? 11.462  -20.048 -16.567 1.00 138.44 ? 20  DC  A "H3'"  1 
ATOM   616  H  "H2'"  . DC  A 1 20 ? 9.617   -21.218 -15.866 1.00 130.99 ? 20  DC  A "H2'"  1 
ATOM   617  H  "H2''" . DC  A 1 20 ? 10.795  -22.244 -15.508 1.00 130.99 ? 20  DC  A "H2''" 1 
ATOM   618  H  "H1'"  . DC  A 1 20 ? 10.900  -21.526 -13.359 1.00 119.93 ? 20  DC  A "H1'"  1 
ATOM   619  H  H41    . DC  A 1 20 ? 4.740   -23.212 -12.260 1.00 91.40  ? 20  DC  A H41    1 
ATOM   620  H  H42    . DC  A 1 20 ? 5.391   -23.266 -10.922 1.00 91.40  ? 20  DC  A H42    1 
ATOM   621  H  H5     . DC  A 1 20 ? 5.903   -22.443 -14.249 1.00 100.12 ? 20  DC  A H5     1 
ATOM   622  H  H6     . DC  A 1 20 ? 7.876   -21.646 -15.065 1.00 102.93 ? 20  DC  A H6     1 
ATOM   623  P  P      . DA  A 1 21 ? 13.862  -21.149 -16.230 1.00 137.23 ? 21  DA  A P      1 
ATOM   624  O  OP1    . DA  A 1 21 ? 14.339  -19.973 -16.990 1.00 127.76 ? 21  DA  A OP1    1 
ATOM   625  O  OP2    . DA  A 1 21 ? 13.304  -22.316 -16.946 1.00 124.60 ? 21  DA  A OP2    1 
ATOM   626  O  "O5'"  . DA  A 1 21 ? 15.047  -21.672 -15.290 1.00 124.66 ? 21  DA  A "O5'"  1 
ATOM   627  C  "C5'"  . DA  A 1 21 ? 15.504  -20.864 -14.210 1.00 125.83 ? 21  DA  A "C5'"  1 
ATOM   628  C  "C4'"  . DA  A 1 21 ? 15.876  -21.718 -13.010 1.00 119.39 ? 21  DA  A "C4'"  1 
ATOM   629  O  "O4'"  . DA  A 1 21 ? 14.666  -22.195 -12.357 1.00 122.65 ? 21  DA  A "O4'"  1 
ATOM   630  C  "C3'"  . DA  A 1 21 ? 16.688  -22.964 -13.340 1.00 122.12 ? 21  DA  A "C3'"  1 
ATOM   631  O  "O3'"  . DA  A 1 21 ? 17.635  -23.239 -12.311 1.00 117.73 ? 21  DA  A "O3'"  1 
ATOM   632  C  "C2'"  . DA  A 1 21 ? 15.623  -24.048 -13.458 1.00 121.22 ? 21  DA  A "C2'"  1 
ATOM   633  C  "C1'"  . DA  A 1 21 ? 14.586  -23.609 -12.431 1.00 108.35 ? 21  DA  A "C1'"  1 
ATOM   634  N  N9     . DA  A 1 21 ? 13.210  -23.977 -12.769 1.00 102.73 ? 21  DA  A N9     1 
ATOM   635  C  C8     . DA  A 1 21 ? 12.595  -23.850 -13.985 1.00 103.04 ? 21  DA  A C8     1 
ATOM   636  N  N7     . DA  A 1 21 ? 11.346  -24.254 -13.991 1.00 98.94  ? 21  DA  A N7     1 
ATOM   637  C  C5     . DA  A 1 21 ? 11.122  -24.667 -12.687 1.00 100.43 ? 21  DA  A C5     1 
ATOM   638  C  C6     . DA  A 1 21 ? 9.988   -25.202 -12.040 1.00 97.53  ? 21  DA  A C6     1 
ATOM   639  N  N6     . DA  A 1 21 ? 8.821   -25.416 -12.657 1.00 90.35  ? 21  DA  A N6     1 
ATOM   640  N  N1     . DA  A 1 21 ? 10.101  -25.508 -10.729 1.00 100.57 ? 21  DA  A N1     1 
ATOM   641  C  C2     . DA  A 1 21 ? 11.272  -25.291 -10.116 1.00 99.94  ? 21  DA  A C2     1 
ATOM   642  N  N3     . DA  A 1 21 ? 12.403  -24.794 -10.618 1.00 98.76  ? 21  DA  A N3     1 
ATOM   643  C  C4     . DA  A 1 21 ? 12.260  -24.500 -11.920 1.00 100.88 ? 21  DA  A C4     1 
ATOM   644  H  "H5'"  . DA  A 1 21 ? 14.801  -20.246 -13.954 1.00 151.04 ? 21  DA  A "H5'"  1 
ATOM   645  H  "H5''" . DA  A 1 21 ? 16.282  -20.360 -14.497 1.00 151.04 ? 21  DA  A "H5''" 1 
ATOM   646  H  "H4'"  . DA  A 1 21 ? 16.378  -21.174 -12.382 1.00 143.32 ? 21  DA  A "H4'"  1 
ATOM   647  H  "H3'"  . DA  A 1 21 ? 17.142  -22.850 -14.190 1.00 146.59 ? 21  DA  A "H3'"  1 
ATOM   648  H  "HO3'" . DA  A 1 21 ? 17.603  -23.969 -11.895 1.00 141.33 ? 21  DA  A "HO3'" 1 
ATOM   649  H  "H2'"  . DA  A 1 21 ? 15.241  -24.058 -14.349 1.00 145.51 ? 21  DA  A "H2'"  1 
ATOM   650  H  "H2''" . DA  A 1 21 ? 15.989  -24.917 -13.227 1.00 145.51 ? 21  DA  A "H2''" 1 
ATOM   651  H  "H1'"  . DA  A 1 21 ? 14.814  -23.987 -11.567 1.00 130.07 ? 21  DA  A "H1'"  1 
ATOM   652  H  H8     . DA  A 1 21 ? 13.025  -23.516 -14.739 1.00 123.69 ? 21  DA  A H8     1 
ATOM   653  H  H61    . DA  A 1 21 ? 8.157   -25.744 -12.219 1.00 108.47 ? 21  DA  A H61    1 
ATOM   654  H  H62    . DA  A 1 21 ? 8.734   -25.225 -13.491 1.00 108.47 ? 21  DA  A H62    1 
ATOM   655  H  H2     . DA  A 1 21 ? 11.301  -25.518 -9.215  1.00 119.98 ? 21  DA  A H2     1 
ATOM   656  P  P      . DT  B 2 1  ? 1.865   -3.233  -10.968 1.00 126.33 ? 0   DT  B P      1 
ATOM   657  O  OP1    . DT  B 2 1  ? 2.349   -1.852  -11.214 1.00 111.29 ? 0   DT  B OP1    1 
ATOM   658  O  OP2    . DT  B 2 1  ? 1.138   -3.959  -12.029 1.00 125.33 ? 0   DT  B OP2    1 
ATOM   659  O  "O5'"  . DT  B 2 1  ? 3.036   -4.201  -10.458 1.00 81.05  ? 0   DT  B "O5'"  1 
ATOM   660  C  "C5'"  . DT  B 2 1  ? 2.945   -4.786  -9.167  1.00 81.22  ? 0   DT  B "C5'"  1 
ATOM   661  C  "C4'"  . DT  B 2 1  ? 1.788   -5.774  -9.090  1.00 71.52  ? 0   DT  B "C4'"  1 
ATOM   662  O  "O4'"  . DT  B 2 1  ? 2.254   -7.017  -8.515  1.00 62.54  ? 0   DT  B "O4'"  1 
ATOM   663  C  "C3'"  . DT  B 2 1  ? 0.617   -5.311  -8.233  1.00 82.90  ? 0   DT  B "C3'"  1 
ATOM   664  O  "O3'"  . DT  B 2 1  ? -0.417  -4.794  -9.063  1.00 89.32  ? 0   DT  B "O3'"  1 
ATOM   665  C  "C2'"  . DT  B 2 1  ? 0.174   -6.561  -7.472  1.00 64.43  ? 0   DT  B "C2'"  1 
ATOM   666  C  "C1'"  . DT  B 2 1  ? 1.399   -7.471  -7.488  1.00 61.40  ? 0   DT  B "C1'"  1 
ATOM   667  N  N1     . DT  B 2 1  ? 2.207   -7.511  -6.227  1.00 66.48  ? 0   DT  B N1     1 
ATOM   668  C  C2     . DT  B 2 1  ? 1.710   -8.147  -5.113  1.00 72.03  ? 0   DT  B C2     1 
ATOM   669  O  O2     . DT  B 2 1  ? 0.592   -8.635  -5.068  1.00 78.04  ? 0   DT  B O2     1 
ATOM   670  N  N3     . DT  B 2 1  ? 2.554   -8.154  -4.035  1.00 68.90  ? 0   DT  B N3     1 
ATOM   671  C  C4     . DT  B 2 1  ? 3.838   -7.632  -3.972  1.00 71.52  ? 0   DT  B C4     1 
ATOM   672  O  O4     . DT  B 2 1  ? 4.524   -7.692  -2.961  1.00 68.50  ? 0   DT  B O4     1 
ATOM   673  C  C5     . DT  B 2 1  ? 4.307   -7.005  -5.188  1.00 65.11  ? 0   DT  B C5     1 
ATOM   674  C  C7     . DT  B 2 1  ? 5.680   -6.399  -5.250  1.00 66.24  ? 0   DT  B C7     1 
ATOM   675  C  C6     . DT  B 2 1  ? 3.487   -6.986  -6.241  1.00 51.01  ? 0   DT  B C6     1 
ATOM   676  H  "H5'"  . DT  B 2 1  ? 2.808   -4.085  -8.510  1.00 97.51  ? 0   DT  B "H5'"  1 
ATOM   677  H  "H5''" . DT  B 2 1  ? 3.773   -5.250  -8.969  1.00 97.51  ? 0   DT  B "H5''" 1 
ATOM   678  H  "H4'"  . DT  B 2 1  ? 1.466   -5.949  -9.989  1.00 85.88  ? 0   DT  B "H4'"  1 
ATOM   679  H  "H3'"  . DT  B 2 1  ? 0.913   -4.631  -7.609  1.00 99.53  ? 0   DT  B "H3'"  1 
ATOM   680  H  "H2'"  . DT  B 2 1  ? -0.067  -6.334  -6.560  1.00 77.36  ? 0   DT  B "H2'"  1 
ATOM   681  H  "H2''" . DT  B 2 1  ? -0.570  -6.988  -7.924  1.00 77.36  ? 0   DT  B "H2''" 1 
ATOM   682  H  "H1'"  . DT  B 2 1  ? 1.112   -8.372  -7.700  1.00 73.73  ? 0   DT  B "H1'"  1 
ATOM   683  H  H3     . DT  B 2 1  ? 2.261   -8.533  -3.321  1.00 82.74  ? 0   DT  B H3     1 
ATOM   684  H  H71    . DT  B 2 1  ? 6.202   -6.850  -5.932  1.00 79.54  ? 0   DT  B H71    1 
ATOM   685  H  H72    . DT  B 2 1  ? 5.609   -5.457  -5.469  1.00 79.54  ? 0   DT  B H72    1 
ATOM   686  H  H73    . DT  B 2 1  ? 6.118   -6.499  -4.390  1.00 79.54  ? 0   DT  B H73    1 
ATOM   687  H  H6     . DT  B 2 1  ? 3.789   -6.585  -7.024  1.00 61.27  ? 0   DT  B H6     1 
ATOM   688  P  P      . DC  B 2 2  ? -0.921  -3.277  -8.896  1.00 84.70  ? 1   DC  B P      1 
ATOM   689  O  OP1    . DC  B 2 2  ? -1.552  -2.883  -10.175 1.00 83.20  ? 1   DC  B OP1    1 
ATOM   690  O  OP2    . DC  B 2 2  ? 0.194   -2.482  -8.331  1.00 83.10  ? 1   DC  B OP2    1 
ATOM   691  O  "O5'"  . DC  B 2 2  ? -2.078  -3.385  -7.803  1.00 76.79  ? 1   DC  B "O5'"  1 
ATOM   692  C  "C5'"  . DC  B 2 2  ? -3.119  -4.334  -7.987  1.00 72.37  ? 1   DC  B "C5'"  1 
ATOM   693  C  "C4'"  . DC  B 2 2  ? -3.530  -4.956  -6.668  1.00 73.98  ? 1   DC  B "C4'"  1 
ATOM   694  O  "O4'"  . DC  B 2 2  ? -2.383  -5.549  -6.032  1.00 66.78  ? 1   DC  B "O4'"  1 
ATOM   695  C  "C3'"  . DC  B 2 2  ? -4.074  -3.984  -5.640  1.00 85.26  ? 1   DC  B "C3'"  1 
ATOM   696  O  "O3'"  . DC  B 2 2  ? -5.477  -3.827  -5.786  1.00 80.94  ? 1   DC  B "O3'"  1 
ATOM   697  C  "C2'"  . DC  B 2 2  ? -3.701  -4.623  -4.297  1.00 80.10  ? 1   DC  B "C2'"  1 
ATOM   698  C  "C1'"  . DC  B 2 2  ? -2.645  -5.671  -4.649  1.00 61.83  ? 1   DC  B "C1'"  1 
ATOM   699  N  N1     . DC  B 2 2  ? -1.363  -5.510  -3.899  1.00 62.12  ? 1   DC  B N1     1 
ATOM   700  C  C2     . DC  B 2 2  ? -1.234  -6.071  -2.622  1.00 74.91  ? 1   DC  B C2     1 
ATOM   701  O  O2     . DC  B 2 2  ? -2.193  -6.682  -2.131  1.00 75.25  ? 1   DC  B O2     1 
ATOM   702  N  N3     . DC  B 2 2  ? -0.061  -5.926  -1.957  1.00 75.22  ? 1   DC  B N3     1 
ATOM   703  C  C4     . DC  B 2 2  ? 0.947   -5.258  -2.518  1.00 76.91  ? 1   DC  B C4     1 
ATOM   704  N  N4     . DC  B 2 2  ? 2.084   -5.143  -1.823  1.00 74.01  ? 1   DC  B N4     1 
ATOM   705  C  C5     . DC  B 2 2  ? 0.837   -4.682  -3.820  1.00 74.85  ? 1   DC  B C5     1 
ATOM   706  C  C6     . DC  B 2 2  ? -0.326  -4.830  -4.465  1.00 61.28  ? 1   DC  B C6     1 
ATOM   707  H  "H5'"  . DC  B 2 2  ? -2.811  -5.032  -8.586  1.00 86.90  ? 1   DC  B "H5'"  1 
ATOM   708  H  "H5''" . DC  B 2 2  ? -3.886  -3.890  -8.382  1.00 86.90  ? 1   DC  B "H5''" 1 
ATOM   709  H  "H4'"  . DC  B 2 2  ? -4.193  -5.645  -6.835  1.00 88.82  ? 1   DC  B "H4'"  1 
ATOM   710  H  "H3'"  . DC  B 2 2  ? -3.633  -3.125  -5.730  1.00 102.37 ? 1   DC  B "H3'"  1 
ATOM   711  H  "H2'"  . DC  B 2 2  ? -3.331  -3.958  -3.697  1.00 96.17  ? 1   DC  B "H2'"  1 
ATOM   712  H  "H2''" . DC  B 2 2  ? -4.478  -5.047  -3.898  1.00 96.17  ? 1   DC  B "H2''" 1 
ATOM   713  H  "H1'"  . DC  B 2 2  ? -3.004  -6.555  -4.472  1.00 74.25  ? 1   DC  B "H1'"  1 
ATOM   714  H  H41    . DC  B 2 2  ? 2.752   -4.717  -2.159  1.00 88.86  ? 1   DC  B H41    1 
ATOM   715  H  H42    . DC  B 2 2  ? 2.148   -5.494  -1.040  1.00 88.86  ? 1   DC  B H42    1 
ATOM   716  H  H5     . DC  B 2 2  ? 1.546   -4.219  -4.204  1.00 89.87  ? 1   DC  B H5     1 
ATOM   717  H  H6     . DC  B 2 2  ? -0.426  -4.467  -5.316  1.00 73.59  ? 1   DC  B H6     1 
ATOM   718  P  P      . DG  B 2 3  ? -6.237  -2.639  -5.019  1.00 98.65  ? 2   DG  B P      1 
ATOM   719  O  OP1    . DG  B 2 3  ? -7.673  -2.748  -5.365  1.00 103.04 ? 2   DG  B OP1    1 
ATOM   720  O  OP2    . DG  B 2 3  ? -5.506  -1.382  -5.285  1.00 94.21  ? 2   DG  B OP2    1 
ATOM   721  O  "O5'"  . DG  B 2 3  ? -6.052  -2.997  -3.470  1.00 73.93  ? 2   DG  B "O5'"  1 
ATOM   722  C  "C5'"  . DG  B 2 3  ? -6.725  -4.118  -2.922  1.00 75.06  ? 2   DG  B "C5'"  1 
ATOM   723  C  "C4'"  . DG  B 2 3  ? -6.140  -4.515  -1.574  1.00 75.35  ? 2   DG  B "C4'"  1 
ATOM   724  O  "O4'"  . DG  B 2 3  ? -4.696  -4.435  -1.607  1.00 73.67  ? 2   DG  B "O4'"  1 
ATOM   725  C  "C3'"  . DG  B 2 3  ? -6.572  -3.633  -0.402  1.00 83.72  ? 2   DG  B "C3'"  1 
ATOM   726  O  "O3'"  . DG  B 2 3  ? -7.455  -4.354  0.447   1.00 93.59  ? 2   DG  B "O3'"  1 
ATOM   727  C  "C2'"  . DG  B 2 3  ? -5.259  -3.247  0.303   1.00 74.36  ? 2   DG  B "C2'"  1 
ATOM   728  C  "C1'"  . DG  B 2 3  ? -4.244  -4.208  -0.294  1.00 61.84  ? 2   DG  B "C1'"  1 
ATOM   729  N  N9     . DG  B 2 3  ? -2.873  -3.693  -0.349  1.00 68.77  ? 2   DG  B N9     1 
ATOM   730  C  C8     . DG  B 2 3  ? -2.313  -2.978  -1.377  1.00 72.20  ? 2   DG  B C8     1 
ATOM   731  N  N7     . DG  B 2 3  ? -1.070  -2.650  -1.170  1.00 72.43  ? 2   DG  B N7     1 
ATOM   732  C  C5     . DG  B 2 3  ? -0.777  -3.183  0.078   1.00 73.75  ? 2   DG  B C5     1 
ATOM   733  C  C6     . DG  B 2 3  ? 0.427   -3.138  0.821   1.00 78.27  ? 2   DG  B C6     1 
ATOM   734  O  O6     . DG  B 2 3  ? 1.495   -2.598  0.502   1.00 74.17  ? 2   DG  B O6     1 
ATOM   735  N  N1     . DG  B 2 3  ? 0.310   -3.806  2.048   1.00 85.22  ? 2   DG  B N1     1 
ATOM   736  C  C2     . DG  B 2 3  ? -0.841  -4.434  2.490   1.00 86.08  ? 2   DG  B C2     1 
ATOM   737  N  N2     . DG  B 2 3  ? -0.778  -5.025  3.694   1.00 87.14  ? 2   DG  B N2     1 
ATOM   738  N  N3     . DG  B 2 3  ? -1.979  -4.476  1.794   1.00 75.03  ? 2   DG  B N3     1 
ATOM   739  C  C4     . DG  B 2 3  ? -1.873  -3.833  0.602   1.00 72.68  ? 2   DG  B C4     1 
ATOM   740  H  "H5'"  . DG  B 2 3  ? -6.646  -4.866  -3.534  1.00 90.13  ? 2   DG  B "H5'"  1 
ATOM   741  H  "H5''" . DG  B 2 3  ? -7.663  -3.900  -2.808  1.00 90.13  ? 2   DG  B "H5''" 1 
ATOM   742  H  "H4'"  . DG  B 2 3  ? -6.396  -5.431  -1.384  1.00 90.47  ? 2   DG  B "H4'"  1 
ATOM   743  H  "H3'"  . DG  B 2 3  ? -7.013  -2.836  -0.736  1.00 100.52 ? 2   DG  B "H3'"  1 
ATOM   744  H  "H2'"  . DG  B 2 3  ? -5.021  -2.328  0.102   1.00 89.28  ? 2   DG  B "H2'"  1 
ATOM   745  H  "H2''" . DG  B 2 3  ? -5.334  -3.381  1.261   1.00 89.28  ? 2   DG  B "H2''" 1 
ATOM   746  H  "H1'"  . DG  B 2 3  ? -4.257  -5.042  0.201   1.00 74.26  ? 2   DG  B "H1'"  1 
ATOM   747  H  H8     . DG  B 2 3  ? -2.778  -2.748  -2.150  1.00 86.70  ? 2   DG  B H8     1 
ATOM   748  H  H1     . DG  B 2 3  ? 1.000   -3.824  2.562   1.00 102.32 ? 2   DG  B H1     1 
ATOM   749  H  H21    . DG  B 2 3  ? -1.469  -5.426  4.014   1.00 104.62 ? 2   DG  B H21    1 
ATOM   750  H  H22    . DG  B 2 3  ? -0.048  -5.000  4.148   1.00 104.62 ? 2   DG  B H22    1 
ATOM   751  P  P      . DT  B 2 4  ? -8.182  -3.622  1.676   1.00 121.75 ? 3   DT  B P      1 
ATOM   752  O  OP1    . DT  B 2 4  ? -9.491  -4.284  1.881   1.00 96.56  ? 3   DT  B OP1    1 
ATOM   753  O  OP2    . DT  B 2 4  ? -8.123  -2.162  1.439   1.00 96.63  ? 3   DT  B OP2    1 
ATOM   754  O  "O5'"  . DT  B 2 4  ? -7.235  -3.949  2.920   1.00 95.68  ? 3   DT  B "O5'"  1 
ATOM   755  C  "C5'"  . DT  B 2 4  ? -7.442  -3.295  4.153   1.00 86.07  ? 3   DT  B "C5'"  1 
ATOM   756  C  "C4'"  . DT  B 2 4  ? -6.493  -3.824  5.209   1.00 89.69  ? 3   DT  B "C4'"  1 
ATOM   757  O  "O4'"  . DT  B 2 4  ? -5.121  -3.802  4.691   1.00 90.42  ? 3   DT  B "O4'"  1 
ATOM   758  C  "C3'"  . DT  B 2 4  ? -6.447  -2.998  6.487   1.00 89.22  ? 3   DT  B "C3'"  1 
ATOM   759  O  "O3'"  . DT  B 2 4  ? -6.174  -3.827  7.621   1.00 80.32  ? 3   DT  B "O3'"  1 
ATOM   760  C  "C2'"  . DT  B 2 4  ? -5.314  -2.043  6.180   1.00 84.72  ? 3   DT  B "C2'"  1 
ATOM   761  C  "C1'"  . DT  B 2 4  ? -4.329  -2.997  5.546   1.00 72.72  ? 3   DT  B "C1'"  1 
ATOM   762  N  N1     . DT  B 2 4  ? -3.240  -2.337  4.773   1.00 73.82  ? 3   DT  B N1     1 
ATOM   763  C  C2     . DT  B 2 4  ? -1.991  -2.235  5.341   1.00 83.02  ? 3   DT  B C2     1 
ATOM   764  O  O2     . DT  B 2 4  ? -1.729  -2.664  6.450   1.00 94.14  ? 3   DT  B O2     1 
ATOM   765  N  N3     . DT  B 2 4  ? -1.056  -1.610  4.568   1.00 84.69  ? 3   DT  B N3     1 
ATOM   766  C  C4     . DT  B 2 4  ? -1.234  -1.085  3.303   1.00 79.56  ? 3   DT  B C4     1 
ATOM   767  O  O4     . DT  B 2 4  ? -0.324  -0.541  2.686   1.00 78.91  ? 3   DT  B O4     1 
ATOM   768  C  C5     . DT  B 2 4  ? -2.567  -1.219  2.762   1.00 72.45  ? 3   DT  B C5     1 
ATOM   769  C  C7     . DT  B 2 4  ? -2.876  -0.681  1.396   1.00 71.35  ? 3   DT  B C7     1 
ATOM   770  C  C6     . DT  B 2 4  ? -3.498  -1.831  3.512   1.00 73.51  ? 3   DT  B C6     1 
ATOM   771  H  "H5'"  . DT  B 2 4  ? -8.356  -3.444  4.443   1.00 103.34 ? 3   DT  B "H5'"  1 
ATOM   772  H  "H5''" . DT  B 2 4  ? -7.294  -2.344  4.039   1.00 103.34 ? 3   DT  B "H5''" 1 
ATOM   773  H  "H4'"  . DT  B 2 4  ? -6.736  -4.738  5.428   1.00 107.68 ? 3   DT  B "H4'"  1 
ATOM   774  H  "H3'"  . DT  B 2 4  ? -7.278  -2.512  6.609   1.00 107.12 ? 3   DT  B "H3'"  1 
ATOM   775  H  "H2'"  . DT  B 2 4  ? -5.593  -1.358  5.553   1.00 101.71 ? 3   DT  B "H2'"  1 
ATOM   776  H  "H2''" . DT  B 2 4  ? -4.953  -1.656  6.993   1.00 101.71 ? 3   DT  B "H2''" 1 
ATOM   777  H  "H1'"  . DT  B 2 4  ? -3.937  -3.555  6.235   1.00 87.31  ? 3   DT  B "H1'"  1 
ATOM   778  H  H3     . DT  B 2 4  ? -0.268  -1.539  4.905   1.00 101.68 ? 3   DT  B H3     1 
ATOM   779  H  H71    . DT  B 2 4  ? -3.189  -1.402  0.828   1.00 85.67  ? 3   DT  B H71    1 
ATOM   780  H  H72    . DT  B 2 4  ? -3.565  -0.001  1.464   1.00 85.67  ? 3   DT  B H72    1 
ATOM   781  H  H73    . DT  B 2 4  ? -2.074  -0.292  1.013   1.00 85.67  ? 3   DT  B H73    1 
ATOM   782  H  H6     . DT  B 2 4  ? -4.357  -1.920  3.167   1.00 88.27  ? 3   DT  B H6     1 
ATOM   783  P  P      . DC  B 2 5  ? -6.649  -3.393  9.093   1.00 105.21 ? 4   DC  B P      1 
ATOM   784  O  OP1    . DC  B 2 5  ? -7.324  -4.562  9.701   1.00 91.62  ? 4   DC  B OP1    1 
ATOM   785  O  OP2    . DC  B 2 5  ? -7.368  -2.105  8.980   1.00 92.48  ? 4   DC  B OP2    1 
ATOM   786  O  "O5'"  . DC  B 2 5  ? -5.276  -3.123  9.872   1.00 82.77  ? 4   DC  B "O5'"  1 
ATOM   787  C  "C5'"  . DC  B 2 5  ? -4.268  -2.321  9.266   1.00 73.50  ? 4   DC  B "C5'"  1 
ATOM   788  C  "C4'"  . DC  B 2 5  ? -3.099  -2.105  10.198  1.00 68.22  ? 4   DC  B "C4'"  1 
ATOM   789  O  "O4'"  . DC  B 2 5  ? -1.939  -1.691  9.432   1.00 76.04  ? 4   DC  B "O4'"  1 
ATOM   790  C  "C3'"  . DC  B 2 5  ? -3.292  -1.013  11.227  1.00 68.86  ? 4   DC  B "C3'"  1 
ATOM   791  O  "O3'"  . DC  B 2 5  ? -2.483  -1.275  12.377  1.00 64.55  ? 4   DC  B "O3'"  1 
ATOM   792  C  "C2'"  . DC  B 2 5  ? -2.854  0.239   10.466  1.00 73.40  ? 4   DC  B "C2'"  1 
ATOM   793  C  "C1'"  . DC  B 2 5  ? -1.760  -0.284  9.532   1.00 74.69  ? 4   DC  B "C1'"  1 
ATOM   794  N  N1     . DC  B 2 5  ? -1.791  0.289   8.135   1.00 77.51  ? 4   DC  B N1     1 
ATOM   795  C  C2     . DC  B 2 5  ? -0.619  0.828   7.577   1.00 73.65  ? 4   DC  B C2     1 
ATOM   796  O  O2     . DC  B 2 5  ? 0.417   0.844   8.251   1.00 80.29  ? 4   DC  B O2     1 
ATOM   797  N  N3     . DC  B 2 5  ? -0.659  1.322   6.313   1.00 72.79  ? 4   DC  B N3     1 
ATOM   798  C  C4     . DC  B 2 5  ? -1.800  1.286   5.620   1.00 77.83  ? 4   DC  B C4     1 
ATOM   799  N  N4     . DC  B 2 5  ? -1.790  1.784   4.380   1.00 72.46  ? 4   DC  B N4     1 
ATOM   800  C  C5     . DC  B 2 5  ? -2.998  0.737   6.167   1.00 72.83  ? 4   DC  B C5     1 
ATOM   801  C  C6     . DC  B 2 5  ? -2.948  0.250   7.412   1.00 74.93  ? 4   DC  B C6     1 
ATOM   802  H  "H5'"  . DC  B 2 5  ? -4.648  -1.461  9.029   1.00 88.25  ? 4   DC  B "H5'"  1 
ATOM   803  H  "H5''" . DC  B 2 5  ? -3.954  -2.763  8.461   1.00 88.25  ? 4   DC  B "H5''" 1 
ATOM   804  H  "H4'"  . DC  B 2 5  ? -2.898  -2.938  10.654  1.00 81.92  ? 4   DC  B "H4'"  1 
ATOM   805  H  "H3'"  . DC  B 2 5  ? -4.228  -0.947  11.476  1.00 82.68  ? 4   DC  B "H3'"  1 
ATOM   806  H  "H2'"  . DC  B 2 5  ? -3.593  0.606   9.956   1.00 88.14  ? 4   DC  B "H2'"  1 
ATOM   807  H  "H2''" . DC  B 2 5  ? -2.494  0.901   11.077  1.00 88.14  ? 4   DC  B "H2''" 1 
ATOM   808  H  "H1'"  . DC  B 2 5  ? -0.893  -0.103  9.928   1.00 89.67  ? 4   DC  B "H1'"  1 
ATOM   809  H  H41    . DC  B 2 5  ? -2.509  1.775   3.907   1.00 87.01  ? 4   DC  B H41    1 
ATOM   810  H  H42    . DC  B 2 5  ? -1.066  2.112   4.054   1.00 87.01  ? 4   DC  B H42    1 
ATOM   811  H  H5     . DC  B 2 5  ? -3.787  0.717   5.674   1.00 87.45  ? 4   DC  B H5     1 
ATOM   812  H  H6     . DC  B 2 5  ? -3.715  -0.111  7.793   1.00 89.96  ? 4   DC  B H6     1 
ATOM   813  P  P      . DA  B 2 6  ? -2.998  -0.907  13.854  1.00 67.00  ? 5   DA  B P      1 
ATOM   814  O  OP1    . DA  B 2 6  ? -2.878  -2.105  14.711  1.00 78.39  ? 5   DA  B OP1    1 
ATOM   815  O  OP2    . DA  B 2 6  ? -4.320  -0.266  13.707  1.00 89.62  ? 5   DA  B OP2    1 
ATOM   816  O  "O5'"  . DA  B 2 6  ? -1.968  0.213   14.340  1.00 59.45  ? 5   DA  B "O5'"  1 
ATOM   817  C  "C5'"  . DA  B 2 6  ? -2.171  1.557   13.944  1.00 67.49  ? 5   DA  B "C5'"  1 
ATOM   818  C  "C4'"  . DA  B 2 6  ? -0.850  2.253   13.685  1.00 71.51  ? 5   DA  B "C4'"  1 
ATOM   819  O  "O4'"  . DA  B 2 6  ? -0.623  2.295   12.249  1.00 76.82  ? 5   DA  B "O4'"  1 
ATOM   820  C  "C3'"  . DA  B 2 6  ? -0.749  3.690   14.189  1.00 55.57  ? 5   DA  B "C3'"  1 
ATOM   821  O  "O3'"  . DA  B 2 6  ? 0.499   3.904   14.858  1.00 45.67  ? 5   DA  B "O3'"  1 
ATOM   822  C  "C2'"  . DA  B 2 6  ? -0.900  4.550   12.932  1.00 64.85  ? 5   DA  B "C2'"  1 
ATOM   823  C  "C1'"  . DA  B 2 6  ? -0.528  3.625   11.781  1.00 66.89  ? 5   DA  B "C1'"  1 
ATOM   824  N  N9     . DA  B 2 6  ? -1.405  3.775   10.627  1.00 61.03  ? 5   DA  B N9     1 
ATOM   825  C  C8     . DA  B 2 6  ? -2.745  3.504   10.566  1.00 66.70  ? 5   DA  B C8     1 
ATOM   826  N  N7     . DA  B 2 6  ? -3.279  3.738   9.395   1.00 69.13  ? 5   DA  B N7     1 
ATOM   827  C  C5     . DA  B 2 6  ? -2.218  4.202   8.634   1.00 68.27  ? 5   DA  B C5     1 
ATOM   828  C  C6     . DA  B 2 6  ? -2.134  4.624   7.296   1.00 59.83  ? 5   DA  B C6     1 
ATOM   829  N  N6     . DA  B 2 6  ? -3.182  4.645   6.476   1.00 59.68  ? 5   DA  B N6     1 
ATOM   830  N  N1     . DA  B 2 6  ? -0.929  5.027   6.842   1.00 64.36  ? 5   DA  B N1     1 
ATOM   831  C  C2     . DA  B 2 6  ? 0.117   5.005   7.679   1.00 76.35  ? 5   DA  B C2     1 
ATOM   832  N  N3     . DA  B 2 6  ? 0.159   4.629   8.960   1.00 69.99  ? 5   DA  B N3     1 
ATOM   833  C  C4     . DA  B 2 6  ? -1.056  4.234   9.378   1.00 71.06  ? 5   DA  B C4     1 
ATOM   834  H  "H5'"  . DA  B 2 6  ? -2.647  2.028   14.646  1.00 81.04  ? 5   DA  B "H5'"  1 
ATOM   835  H  "H5''" . DA  B 2 6  ? -2.703  1.573   13.133  1.00 81.04  ? 5   DA  B "H5''" 1 
ATOM   836  H  "H4'"  . DA  B 2 6  ? -0.141  1.733   14.095  1.00 85.86  ? 5   DA  B "H4'"  1 
ATOM   837  H  "H3'"  . DA  B 2 6  ? -1.482  3.872   14.799  1.00 66.73  ? 5   DA  B "H3'"  1 
ATOM   838  H  "HO3'" . DA  B 2 6  ? 1.034   4.485   14.573  1.00 54.86  ? 5   DA  B "HO3'" 1 
ATOM   839  H  "H2'"  . DA  B 2 6  ? -1.816  4.853   12.839  1.00 77.87  ? 5   DA  B "H2'"  1 
ATOM   840  H  "H2''" . DA  B 2 6  ? -0.294  5.305   12.966  1.00 77.87  ? 5   DA  B "H2''" 1 
ATOM   841  H  "H1'"  . DA  B 2 6  ? 0.387   3.803   11.513  1.00 80.32  ? 5   DA  B "H1'"  1 
ATOM   842  H  H8     . DA  B 2 6  ? -3.229  3.176   11.290  1.00 80.09  ? 5   DA  B H8     1 
ATOM   843  H  H61    . DA  B 2 6  ? -3.088  4.914   5.664   1.00 71.67  ? 5   DA  B H61    1 
ATOM   844  H  H62    . DA  B 2 6  ? -3.954  4.389   6.758   1.00 71.67  ? 5   DA  B H62    1 
ATOM   845  H  H2     . DA  B 2 6  ? 0.925   5.293   7.319   1.00 91.68  ? 5   DA  B H2     1 
ATOM   846  O  "O5'"  . DT  C 3 1  ? 1.814   -34.328 -17.012 1.00 103.84 ? 1   DT  C "O5'"  1 
ATOM   847  C  "C5'"  . DT  C 3 1  ? 1.703   -33.326 -16.009 1.00 102.67 ? 1   DT  C "C5'"  1 
ATOM   848  C  "C4'"  . DT  C 3 1  ? 2.364   -33.782 -14.720 1.00 110.49 ? 1   DT  C "C4'"  1 
ATOM   849  O  "O4'"  . DT  C 3 1  ? 3.750   -34.081 -14.968 1.00 99.70  ? 1   DT  C "O4'"  1 
ATOM   850  C  "C3'"  . DT  C 3 1  ? 2.396   -32.747 -13.614 1.00 112.26 ? 1   DT  C "C3'"  1 
ATOM   851  O  "O3'"  . DT  C 3 1  ? 1.177   -32.784 -12.872 1.00 122.04 ? 1   DT  C "O3'"  1 
ATOM   852  C  "C2'"  . DT  C 3 1  ? 3.589   -33.195 -12.763 1.00 100.01 ? 1   DT  C "C2'"  1 
ATOM   853  C  "C1'"  . DT  C 3 1  ? 4.473   -33.957 -13.760 1.00 96.98  ? 1   DT  C "C1'"  1 
ATOM   854  N  N1     . DT  C 3 1  ? 5.773   -33.286 -14.048 1.00 102.05 ? 1   DT  C N1     1 
ATOM   855  C  C2     . DT  C 3 1  ? 6.697   -33.153 -13.039 1.00 116.54 ? 1   DT  C C2     1 
ATOM   856  O  O2     . DT  C 3 1  ? 6.509   -33.553 -11.905 1.00 122.46 ? 1   DT  C O2     1 
ATOM   857  N  N3     . DT  C 3 1  ? 7.859   -32.530 -13.407 1.00 100.12 ? 1   DT  C N3     1 
ATOM   858  C  C4     . DT  C 3 1  ? 8.183   -32.036 -14.657 1.00 99.85  ? 1   DT  C C4     1 
ATOM   859  O  O4     . DT  C 3 1  ? 9.256   -31.491 -14.889 1.00 99.20  ? 1   DT  C O4     1 
ATOM   860  C  C5     . DT  C 3 1  ? 7.169   -32.209 -15.672 1.00 98.13  ? 1   DT  C C5     1 
ATOM   861  C  C7     . DT  C 3 1  ? 7.408   -31.714 -17.069 1.00 96.69  ? 1   DT  C C7     1 
ATOM   862  C  C6     . DT  C 3 1  ? 6.025   -32.817 -15.322 1.00 93.73  ? 1   DT  C C6     1 
ATOM   863  P  P      . DC  C 3 2  ? 0.836   -34.034 -11.917 1.00 128.76 ? 2   DC  C P      1 
ATOM   864  O  OP1    . DC  C 3 2  ? 1.149   -35.277 -12.658 1.00 121.33 ? 2   DC  C OP1    1 
ATOM   865  O  OP2    . DC  C 3 2  ? -0.529  -33.824 -11.385 1.00 119.65 ? 2   DC  C OP2    1 
ATOM   866  O  "O5'"  . DC  C 3 2  ? 1.880   -33.903 -10.710 1.00 106.43 ? 2   DC  C "O5'"  1 
ATOM   867  C  "C5'"  . DC  C 3 2  ? 1.674   -32.931 -9.693  1.00 102.46 ? 2   DC  C "C5'"  1 
ATOM   868  C  "C4'"  . DC  C 3 2  ? 2.784   -32.985 -8.657  1.00 110.19 ? 2   DC  C "C4'"  1 
ATOM   869  O  "O4'"  . DC  C 3 2  ? 4.074   -32.823 -9.316  1.00 107.50 ? 2   DC  C "O4'"  1 
ATOM   870  C  "C3'"  . DC  C 3 2  ? 2.739   -31.884 -7.604  1.00 118.81 ? 2   DC  C "C3'"  1 
ATOM   871  O  "O3'"  . DC  C 3 2  ? 3.292   -32.352 -6.373  1.00 125.75 ? 2   DC  C "O3'"  1 
ATOM   872  C  "C2'"  . DC  C 3 2  ? 3.587   -30.807 -8.251  1.00 119.45 ? 2   DC  C "C2'"  1 
ATOM   873  C  "C1'"  . DC  C 3 2  ? 4.707   -31.649 -8.831  1.00 114.55 ? 2   DC  C "C1'"  1 
ATOM   874  N  N1     . DC  C 3 2  ? 5.464   -31.016 -9.951  1.00 113.65 ? 2   DC  C N1     1 
ATOM   875  C  C2     . DC  C 3 2  ? 6.825   -30.715 -9.791  1.00 113.28 ? 2   DC  C C2     1 
ATOM   876  O  O2     . DC  C 3 2  ? 7.378   -30.961 -8.710  1.00 104.62 ? 2   DC  C O2     1 
ATOM   877  N  N3     . DC  C 3 2  ? 7.499   -30.156 -10.827 1.00 107.48 ? 2   DC  C N3     1 
ATOM   878  C  C4     . DC  C 3 2  ? 6.868   -29.908 -11.976 1.00 105.76 ? 2   DC  C C4     1 
ATOM   879  N  N4     . DC  C 3 2  ? 7.574   -29.357 -12.969 1.00 94.16  ? 2   DC  C N4     1 
ATOM   880  C  C5     . DC  C 3 2  ? 5.486   -30.212 -12.159 1.00 97.60  ? 2   DC  C C5     1 
ATOM   881  C  C6     . DC  C 3 2  ? 4.832   -30.762 -11.131 1.00 102.82 ? 2   DC  C C6     1 
ATOM   882  H  "H5'"  . DC  C 3 2  ? 0.824   -33.100 -9.257  1.00 123.01 ? 2   DC  C "H5'"  1 
ATOM   883  H  "H5''" . DC  C 3 2  ? 1.657   -32.049 -10.094 1.00 123.01 ? 2   DC  C "H5''" 1 
ATOM   884  H  "H4'"  . DC  C 3 2  ? 2.761   -33.848 -8.214  1.00 132.28 ? 2   DC  C "H4'"  1 
ATOM   885  H  "H3'"  . DC  C 3 2  ? 1.828   -31.572 -7.476  1.00 142.63 ? 2   DC  C "H3'"  1 
ATOM   886  H  "H2'"  . DC  C 3 2  ? 3.096   -30.348 -8.952  1.00 143.40 ? 2   DC  C "H2'"  1 
ATOM   887  H  "H2''" . DC  C 3 2  ? 3.925   -30.184 -7.590  1.00 143.40 ? 2   DC  C "H2''" 1 
ATOM   888  H  "H1'"  . DC  C 3 2  ? 5.326   -31.889 -8.122  1.00 137.51 ? 2   DC  C "H1'"  1 
ATOM   889  H  H41    . DC  C 3 2  ? 7.194   -29.186 -13.721 1.00 113.04 ? 2   DC  C H41    1 
ATOM   890  H  H42    . DC  C 3 2  ? 8.406   -29.177 -12.856 1.00 113.04 ? 2   DC  C H42    1 
ATOM   891  H  H5     . DC  C 3 2  ? 5.057   -30.035 -12.965 1.00 117.17 ? 2   DC  C H5     1 
ATOM   892  H  H6     . DC  C 3 2  ? 3.931   -30.972 -11.221 1.00 123.43 ? 2   DC  C H6     1 
ATOM   893  P  P      . DT  C 3 3  ? 3.253   -31.443 -5.047  1.00 147.61 ? 3   DT  C P      1 
ATOM   894  O  OP1    . DT  C 3 3  ? 3.755   -32.280 -3.934  1.00 128.83 ? 3   DT  C OP1    1 
ATOM   895  O  OP2    . DT  C 3 3  ? 1.908   -30.829 -4.962  1.00 135.22 ? 3   DT  C OP2    1 
ATOM   896  O  "O5'"  . DT  C 3 3  ? 4.341   -30.301 -5.325  1.00 137.52 ? 3   DT  C "O5'"  1 
ATOM   897  C  "C5'"  . DT  C 3 3  ? 5.676   -30.656 -5.702  1.00 129.80 ? 3   DT  C "C5'"  1 
ATOM   898  C  "C4'"  . DT  C 3 3  ? 6.703   -29.993 -4.799  1.00 140.43 ? 3   DT  C "C4'"  1 
ATOM   899  O  "O4'"  . DT  C 3 3  ? 7.715   -29.353 -5.614  1.00 145.20 ? 3   DT  C "O4'"  1 
ATOM   900  C  "C3'"  . DT  C 3 3  ? 6.168   -28.898 -3.891  1.00 126.37 ? 3   DT  C "C3'"  1 
ATOM   901  O  "O3'"  . DT  C 3 3  ? 6.915   -28.851 -2.683  1.00 131.27 ? 3   DT  C "O3'"  1 
ATOM   902  C  "C2'"  . DT  C 3 3  ? 6.321   -27.631 -4.738  1.00 117.47 ? 3   DT  C "C2'"  1 
ATOM   903  C  "C1'"  . DT  C 3 3  ? 7.496   -27.954 -5.677  1.00 118.11 ? 3   DT  C "C1'"  1 
ATOM   904  N  N1     . DT  C 3 3  ? 7.276   -27.576 -7.132  1.00 111.50 ? 3   DT  C N1     1 
ATOM   905  C  C2     . DT  C 3 3  ? 8.357   -27.161 -7.886  1.00 104.93 ? 3   DT  C C2     1 
ATOM   906  O  O2     . DT  C 3 3  ? 9.487   -27.066 -7.439  1.00 102.00 ? 3   DT  C O2     1 
ATOM   907  N  N3     . DT  C 3 3  ? 8.062   -26.859 -9.192  1.00 100.43 ? 3   DT  C N3     1 
ATOM   908  C  C4     . DT  C 3 3  ? 6.826   -26.929 -9.808  1.00 93.04  ? 3   DT  C C4     1 
ATOM   909  O  O4     . DT  C 3 3  ? 6.661   -26.636 -10.988 1.00 86.11  ? 3   DT  C O4     1 
ATOM   910  C  C5     . DT  C 3 3  ? 5.739   -27.377 -8.967  1.00 95.74  ? 3   DT  C C5     1 
ATOM   911  C  C7     . DT  C 3 3  ? 4.353   -27.491 -9.532  1.00 91.28  ? 3   DT  C C7     1 
ATOM   912  C  C6     . DT  C 3 3  ? 6.012   -27.680 -7.688  1.00 104.04 ? 3   DT  C C6     1 
ATOM   913  H  "H5'"  . DT  C 3 3  ? 5.831   -30.377 -6.617  1.00 155.81 ? 3   DT  C "H5'"  1 
ATOM   914  H  "H5''" . DT  C 3 3  ? 5.776   -31.619 -5.643  1.00 155.81 ? 3   DT  C "H5''" 1 
ATOM   915  H  "H4'"  . DT  C 3 3  ? 7.124   -30.674 -4.252  1.00 168.57 ? 3   DT  C "H4'"  1 
ATOM   916  H  "H3'"  . DT  C 3 3  ? 5.231   -29.057 -3.697  1.00 151.69 ? 3   DT  C "H3'"  1 
ATOM   917  H  "H2'"  . DT  C 3 3  ? 5.513   -27.464 -5.248  1.00 141.02 ? 3   DT  C "H2'"  1 
ATOM   918  H  "H2''" . DT  C 3 3  ? 6.533   -26.870 -4.175  1.00 141.02 ? 3   DT  C "H2''" 1 
ATOM   919  H  "H1'"  . DT  C 3 3  ? 8.288   -27.499 -5.353  1.00 141.78 ? 3   DT  C "H1'"  1 
ATOM   920  H  H3     . DT  C 3 3  ? 8.719   -26.596 -9.682  1.00 120.56 ? 3   DT  C H3     1 
ATOM   921  H  H71    . DT  C 3 3  ? 4.054   -28.411 -9.470  1.00 109.58 ? 3   DT  C H71    1 
ATOM   922  H  H72    . DT  C 3 3  ? 3.751   -26.920 -9.028  1.00 109.58 ? 3   DT  C H72    1 
ATOM   923  H  H73    . DT  C 3 3  ? 4.358   -27.214 -10.461 1.00 109.58 ? 3   DT  C H73    1 
ATOM   924  H  H6     . DT  C 3 3  ? 5.313   -27.963 -7.144  1.00 124.90 ? 3   DT  C H6     1 
ATOM   925  P  P      . DG  C 3 4  ? 6.563   -27.771 -1.547  1.00 141.97 ? 4   DG  C P      1 
ATOM   926  O  OP1    . DG  C 3 4  ? 6.869   -28.369 -0.229  1.00 135.37 ? 4   DG  C OP1    1 
ATOM   927  O  OP2    . DG  C 3 4  ? 5.202   -27.261 -1.819  1.00 147.68 ? 4   DG  C OP2    1 
ATOM   928  O  "O5'"  . DG  C 3 4  ? 7.601   -26.591 -1.830  1.00 140.25 ? 4   DG  C "O5'"  1 
ATOM   929  C  "C5'"  . DG  C 3 4  ? 8.936   -26.898 -2.218  1.00 134.38 ? 4   DG  C "C5'"  1 
ATOM   930  C  "C4'"  . DG  C 3 4  ? 9.711   -25.633 -2.524  1.00 132.28 ? 4   DG  C "C4'"  1 
ATOM   931  O  "O4'"  . DG  C 3 4  ? 9.407   -25.189 -3.879  1.00 132.03 ? 4   DG  C "O4'"  1 
ATOM   932  C  "C3'"  . DG  C 3 4  ? 9.380   -24.447 -1.628  1.00 108.28 ? 4   DG  C "C3'"  1 
ATOM   933  O  "O3'"  . DG  C 3 4  ? 10.526  -23.625 -1.451  1.00 98.82  ? 4   DG  C "O3'"  1 
ATOM   934  C  "C2'"  . DG  C 3 4  ? 8.277   -23.748 -2.409  1.00 98.90  ? 4   DG  C "C2'"  1 
ATOM   935  C  "C1'"  . DG  C 3 4  ? 8.756   -23.931 -3.842  1.00 92.03  ? 4   DG  C "C1'"  1 
ATOM   936  N  N9     . DG  C 3 4  ? 7.696   -23.926 -4.853  1.00 90.69  ? 4   DG  C N9     1 
ATOM   937  C  C8     . DG  C 3 4  ? 6.359   -24.194 -4.673  1.00 94.47  ? 4   DG  C C8     1 
ATOM   938  N  N7     . DG  C 3 4  ? 5.661   -24.115 -5.776  1.00 82.34  ? 4   DG  C N7     1 
ATOM   939  C  C5     . DG  C 3 4  ? 6.598   -23.778 -6.746  1.00 86.79  ? 4   DG  C C5     1 
ATOM   940  C  C6     . DG  C 3 4  ? 6.441   -23.553 -8.137  1.00 81.33  ? 4   DG  C C6     1 
ATOM   941  O  O6     . DG  C 3 4  ? 5.405   -23.610 -8.818  1.00 71.72  ? 4   DG  C O6     1 
ATOM   942  N  N1     . DG  C 3 4  ? 7.652   -23.232 -8.746  1.00 86.11  ? 4   DG  C N1     1 
ATOM   943  C  C2     . DG  C 3 4  ? 8.861   -23.140 -8.092  1.00 90.38  ? 4   DG  C C2     1 
ATOM   944  N  N2     . DG  C 3 4  ? 9.924   -22.821 -8.838  1.00 94.36  ? 4   DG  C N2     1 
ATOM   945  N  N3     . DG  C 3 4  ? 9.018   -23.348 -6.796  1.00 88.96  ? 4   DG  C N3     1 
ATOM   946  C  C4     . DG  C 3 4  ? 7.852   -23.660 -6.189  1.00 89.45  ? 4   DG  C C4     1 
ATOM   947  H  "H5'"  . DG  C 3 4  ? 8.916   -27.460 -3.009  1.00 161.31 ? 4   DG  C "H5'"  1 
ATOM   948  H  "H5''" . DG  C 3 4  ? 9.375   -27.377 -1.497  1.00 161.31 ? 4   DG  C "H5''" 1 
ATOM   949  H  "H4'"  . DG  C 3 4  ? 10.660  -25.821 -2.459  1.00 158.79 ? 4   DG  C "H4'"  1 
ATOM   950  H  "H3'"  . DG  C 3 4  ? 9.045   -24.755 -0.771  1.00 129.98 ? 4   DG  C "H3'"  1 
ATOM   951  H  "H2'"  . DG  C 3 4  ? 7.422   -24.185 -2.271  1.00 118.74 ? 4   DG  C "H2'"  1 
ATOM   952  H  "H2''" . DG  C 3 4  ? 8.230   -22.807 -2.177  1.00 118.74 ? 4   DG  C "H2''" 1 
ATOM   953  H  "H1'"  . DG  C 3 4  ? 9.397   -23.235 -4.052  1.00 110.49 ? 4   DG  C "H1'"  1 
ATOM   954  H  H8     . DG  C 3 4  ? 5.987   -24.408 -3.848  1.00 113.41 ? 4   DG  C H8     1 
ATOM   955  H  H1     . DG  C 3 4  ? 7.644   -23.080 -9.591  1.00 103.39 ? 4   DG  C H1     1 
ATOM   956  H  H21    . DG  C 3 4  ? 10.700  -22.755 -8.474  1.00 113.28 ? 4   DG  C H21    1 
ATOM   957  H  H22    . DG  C 3 4  ? 9.831   -22.684 -9.682  1.00 113.28 ? 4   DG  C H22    1 
ATOM   958  P  P      . DA  C 3 5  ? 10.593  -22.565 -0.246  1.00 124.29 ? 5   DA  C P      1 
ATOM   959  O  OP1    . DA  C 3 5  ? 11.319  -23.208 0.870   1.00 127.97 ? 5   DA  C OP1    1 
ATOM   960  O  OP2    . DA  C 3 5  ? 9.228   -22.040 -0.024  1.00 110.97 ? 5   DA  C OP2    1 
ATOM   961  O  "O5'"  . DA  C 3 5  ? 11.496  -21.378 -0.833  1.00 116.41 ? 5   DA  C "O5'"  1 
ATOM   962  C  "C5'"  . DA  C 3 5  ? 12.845  -21.636 -1.220  1.00 118.31 ? 5   DA  C "C5'"  1 
ATOM   963  C  "C4'"  . DA  C 3 5  ? 13.232  -20.827 -2.448  1.00 108.22 ? 5   DA  C "C4'"  1 
ATOM   964  O  "O4'"  . DA  C 3 5  ? 12.223  -21.012 -3.489  1.00 99.84  ? 5   DA  C "O4'"  1 
ATOM   965  C  "C3'"  . DA  C 3 5  ? 13.311  -19.319 -2.237  1.00 98.51  ? 5   DA  C "C3'"  1 
ATOM   966  O  "O3'"  . DA  C 3 5  ? 14.301  -18.740 -3.105  1.00 99.09  ? 5   DA  C "O3'"  1 
ATOM   967  C  "C2'"  . DA  C 3 5  ? 11.902  -18.884 -2.593  1.00 95.81  ? 5   DA  C "C2'"  1 
ATOM   968  C  "C1'"  . DA  C 3 5  ? 11.635  -19.762 -3.803  1.00 81.59  ? 5   DA  C "C1'"  1 
ATOM   969  N  N9     . DA  C 3 5  ? 10.219  -19.962 -4.113  1.00 78.02  ? 5   DA  C N9     1 
ATOM   970  C  C8     . DA  C 3 5  ? 9.223   -20.303 -3.240  1.00 79.35  ? 5   DA  C C8     1 
ATOM   971  N  N7     . DA  C 3 5  ? 8.043   -20.420 -3.802  1.00 77.80  ? 5   DA  C N7     1 
ATOM   972  C  C5     . DA  C 3 5  ? 8.281   -20.140 -5.139  1.00 72.44  ? 5   DA  C C5     1 
ATOM   973  C  C6     . DA  C 3 5  ? 7.432   -20.096 -6.264  1.00 67.16  ? 5   DA  C C6     1 
ATOM   974  N  N6     . DA  C 3 5  ? 6.124   -20.346 -6.204  1.00 62.66  ? 5   DA  C N6     1 
ATOM   975  N  N1     . DA  C 3 5  ? 7.986   -19.782 -7.457  1.00 67.18  ? 5   DA  C N1     1 
ATOM   976  C  C2     . DA  C 3 5  ? 9.302   -19.532 -7.510  1.00 76.39  ? 5   DA  C C2     1 
ATOM   977  N  N3     . DA  C 3 5  ? 10.199  -19.543 -6.520  1.00 71.42  ? 5   DA  C N3     1 
ATOM   978  C  C4     . DA  C 3 5  ? 9.617   -19.856 -5.350  1.00 75.59  ? 5   DA  C C4     1 
ATOM   979  H  "H5'"  . DA  C 3 5  ? 12.943  -22.580 -1.418  1.00 142.03 ? 5   DA  C "H5'"  1 
ATOM   980  H  "H5''" . DA  C 3 5  ? 13.436  -21.402 -0.487  1.00 142.03 ? 5   DA  C "H5''" 1 
ATOM   981  H  "H4'"  . DA  C 3 5  ? 14.087  -21.144 -2.778  1.00 129.91 ? 5   DA  C "H4'"  1 
ATOM   982  H  "H3'"  . DA  C 3 5  ? 13.507  -19.114 -1.310  1.00 118.27 ? 5   DA  C "H3'"  1 
ATOM   983  H  "H2'"  . DA  C 3 5  ? 11.283  -19.083 -1.874  1.00 115.02 ? 5   DA  C "H2'"  1 
ATOM   984  H  "H2''" . DA  C 3 5  ? 11.876  -17.944 -2.832  1.00 115.02 ? 5   DA  C "H2''" 1 
ATOM   985  H  "H1'"  . DA  C 3 5  ? 12.081  -19.384 -4.576  1.00 97.96  ? 5   DA  C "H1'"  1 
ATOM   986  H  H8     . DA  C 3 5  ? 9.369   -20.437 -2.331  1.00 95.27  ? 5   DA  C H8     1 
ATOM   987  H  H61    . DA  C 3 5  ? 5.645   -20.308 -6.916  1.00 75.24  ? 5   DA  C H61    1 
ATOM   988  H  H62    . DA  C 3 5  ? 5.760   -20.547 -5.451  1.00 75.24  ? 5   DA  C H62    1 
ATOM   989  H  H2     . DA  C 3 5  ? 9.637   -19.321 -8.352  1.00 91.72  ? 5   DA  C H2     1 
ATOM   990  P  P      . DG  C 3 6  ? 14.874  -17.260 -2.846  1.00 115.94 ? 6   DG  C P      1 
ATOM   991  O  OP1    . DG  C 3 6  ? 16.346  -17.365 -2.715  1.00 113.60 ? 6   DG  C OP1    1 
ATOM   992  O  OP2    . DG  C 3 6  ? 14.075  -16.659 -1.752  1.00 113.74 ? 6   DG  C OP2    1 
ATOM   993  O  "O5'"  . DG  C 3 6  ? 14.531  -16.476 -4.202  1.00 102.95 ? 6   DG  C "O5'"  1 
ATOM   994  C  "C5'"  . DG  C 3 6  ? 13.178  -16.304 -4.578  1.00 81.88  ? 6   DG  C "C5'"  1 
ATOM   995  C  "C4'"  . DG  C 3 6  ? 13.043  -15.872 -6.023  1.00 74.33  ? 6   DG  C "C4'"  1 
ATOM   996  O  "O4'"  . DG  C 3 6  ? 11.984  -16.640 -6.636  1.00 81.71  ? 6   DG  C "O4'"  1 
ATOM   997  C  "C3'"  . DG  C 3 6  ? 12.686  -14.398 -6.226  1.00 70.67  ? 6   DG  C "C3'"  1 
ATOM   998  O  "O3'"  . DG  C 3 6  ? 13.567  -13.793 -7.167  1.00 84.89  ? 6   DG  C "O3'"  1 
ATOM   999  C  "C2'"  . DG  C 3 6  ? 11.233  -14.394 -6.718  1.00 75.20  ? 6   DG  C "C2'"  1 
ATOM   1000 C  "C1'"  . DG  C 3 6  ? 10.820  -15.859 -6.787  1.00 65.94  ? 6   DG  C "C1'"  1 
ATOM   1001 N  N9     . DG  C 3 6  ? 9.833   -16.235 -5.768  1.00 62.25  ? 6   DG  C N9     1 
ATOM   1002 C  C8     . DG  C 3 6  ? 10.040  -16.392 -4.419  1.00 65.95  ? 6   DG  C C8     1 
ATOM   1003 N  N7     . DG  C 3 6  ? 8.960   -16.718 -3.762  1.00 56.19  ? 6   DG  C N7     1 
ATOM   1004 C  C5     . DG  C 3 6  ? 7.974   -16.771 -4.734  1.00 52.89  ? 6   DG  C C5     1 
ATOM   1005 C  C6     . DG  C 3 6  ? 6.599   -17.074 -4.615  1.00 65.75  ? 6   DG  C C6     1 
ATOM   1006 O  O6     . DG  C 3 6  ? 5.966   -17.366 -3.588  1.00 74.38  ? 6   DG  C O6     1 
ATOM   1007 N  N1     . DG  C 3 6  ? 5.949   -17.016 -5.854  1.00 63.62  ? 6   DG  C N1     1 
ATOM   1008 C  C2     . DG  C 3 6  ? 6.564   -16.702 -7.048  1.00 59.99  ? 6   DG  C C2     1 
ATOM   1009 N  N2     . DG  C 3 6  ? 5.783   -16.695 -8.137  1.00 50.09  ? 6   DG  C N2     1 
ATOM   1010 N  N3     . DG  C 3 6  ? 7.856   -16.415 -7.166  1.00 46.69  ? 6   DG  C N3     1 
ATOM   1011 C  C4     . DG  C 3 6  ? 8.494   -16.468 -5.974  1.00 56.87  ? 6   DG  C C4     1 
ATOM   1012 H  "H5'"  . DG  C 3 6  ? 12.775  -15.630 -4.009  1.00 98.31  ? 6   DG  C "H5'"  1 
ATOM   1013 H  "H5''" . DG  C 3 6  ? 12.707  -17.143 -4.456  1.00 98.31  ? 6   DG  C "H5''" 1 
ATOM   1014 H  "H4'"  . DG  C 3 6  ? 13.875  -16.058 -6.486  1.00 89.24  ? 6   DG  C "H4'"  1 
ATOM   1015 H  "H3'"  . DG  C 3 6  ? 12.745  -13.930 -5.378  1.00 84.86  ? 6   DG  C "H3'"  1 
ATOM   1016 H  "H2'"  . DG  C 3 6  ? 10.669  -13.915 -6.091  1.00 90.29  ? 6   DG  C "H2'"  1 
ATOM   1017 H  "H2''" . DG  C 3 6  ? 11.178  -13.987 -7.597  1.00 90.29  ? 6   DG  C "H2''" 1 
ATOM   1018 H  "H1'"  . DG  C 3 6  ? 10.442  -16.034 -7.663  1.00 79.18  ? 6   DG  C "H1'"  1 
ATOM   1019 H  H8     . DG  C 3 6  ? 10.870  -16.285 -4.014  1.00 79.19  ? 6   DG  C H8     1 
ATOM   1020 H  H1     . DG  C 3 6  ? 5.106   -17.187 -5.871  1.00 76.39  ? 6   DG  C H1     1 
ATOM   1021 H  H21    . DG  C 3 6  ? 6.118   -16.505 -8.905  1.00 60.16  ? 6   DG  C H21    1 
ATOM   1022 H  H22    . DG  C 3 6  ? 4.946   -16.880 -8.067  1.00 60.16  ? 6   DG  C H22    1 
ATOM   1023 P  P      . DT  C 3 7  ? 13.540  -12.203 -7.396  1.00 89.10  ? 7   DT  C P      1 
ATOM   1024 O  OP1    . DT  C 3 7  ? 14.509  -11.892 -8.472  1.00 62.27  ? 7   DT  C OP1    1 
ATOM   1025 O  OP2    . DT  C 3 7  ? 13.680  -11.560 -6.069  1.00 81.61  ? 7   DT  C OP2    1 
ATOM   1026 O  "O5'"  . DT  C 3 7  ? 12.055  -11.914 -7.931  1.00 67.19  ? 7   DT  C "O5'"  1 
ATOM   1027 C  "C5'"  . DT  C 3 7  ? 11.853  -11.417 -9.254  1.00 60.90  ? 7   DT  C "C5'"  1 
ATOM   1028 C  "C4'"  . DT  C 3 7  ? 10.490  -11.819 -9.801  1.00 50.63  ? 7   DT  C "C4'"  1 
ATOM   1029 O  "O4'"  . DT  C 3 7  ? 9.737   -12.543 -8.796  1.00 54.78  ? 7   DT  C "O4'"  1 
ATOM   1030 C  "C3'"  . DT  C 3 7  ? 9.592   -10.645 -10.213 1.00 55.03  ? 7   DT  C "C3'"  1 
ATOM   1031 O  "O3'"  . DT  C 3 7  ? 9.488   -10.567 -11.630 1.00 61.98  ? 7   DT  C "O3'"  1 
ATOM   1032 C  "C2'"  . DT  C 3 7  ? 8.239   -10.943 -9.552  1.00 53.51  ? 7   DT  C "C2'"  1 
ATOM   1033 C  "C1'"  . DT  C 3 7  ? 8.373   -12.384 -9.094  1.00 42.28  ? 7   DT  C "C1'"  1 
ATOM   1034 N  N1     . DT  C 3 7  ? 7.548   -12.725 -7.888  1.00 50.04  ? 7   DT  C N1     1 
ATOM   1035 C  C2     . DT  C 3 7  ? 6.196   -12.976 -8.039  1.00 49.64  ? 7   DT  C C2     1 
ATOM   1036 O  O2     . DT  C 3 7  ? 5.620   -12.929 -9.112  1.00 46.84  ? 7   DT  C O2     1 
ATOM   1037 N  N3     . DT  C 3 7  ? 5.538   -13.281 -6.875  1.00 52.29  ? 7   DT  C N3     1 
ATOM   1038 C  C4     . DT  C 3 7  ? 6.084   -13.362 -5.607  1.00 53.54  ? 7   DT  C C4     1 
ATOM   1039 O  O4     . DT  C 3 7  ? 5.414   -13.643 -4.621  1.00 55.57  ? 7   DT  C O4     1 
ATOM   1040 C  C5     . DT  C 3 7  ? 7.497   -13.092 -5.523  1.00 57.03  ? 7   DT  C C5     1 
ATOM   1041 C  C7     . DT  C 3 7  ? 8.189   -13.149 -4.197  1.00 50.98  ? 7   DT  C C7     1 
ATOM   1042 C  C6     . DT  C 3 7  ? 8.155   -12.792 -6.652  1.00 38.83  ? 7   DT  C C6     1 
ATOM   1043 H  "H5'"  . DT  C 3 7  ? 12.544  -11.772 -9.835  1.00 73.14  ? 7   DT  C "H5'"  1 
ATOM   1044 H  "H5''" . DT  C 3 7  ? 11.916  -10.449 -9.242  1.00 73.14  ? 7   DT  C "H5''" 1 
ATOM   1045 H  "H4'"  . DT  C 3 7  ? 10.620  -12.397 -10.569 1.00 60.80  ? 7   DT  C "H4'"  1 
ATOM   1046 H  "H3'"  . DT  C 3 7  ? 9.954   -9.817  -9.864  1.00 66.09  ? 7   DT  C "H3'"  1 
ATOM   1047 H  "H2'"  . DT  C 3 7  ? 8.095   -10.356 -8.792  1.00 64.26  ? 7   DT  C "H2'"  1 
ATOM   1048 H  "H2''" . DT  C 3 7  ? 7.518   -10.856 -10.195 1.00 64.26  ? 7   DT  C "H2''" 1 
ATOM   1049 H  "H1'"  . DT  C 3 7  ? 8.134   -12.976 -9.824  1.00 50.79  ? 7   DT  C "H1'"  1 
ATOM   1050 H  H3     . DT  C 3 7  ? 4.696   -13.443 -6.941  1.00 62.80  ? 7   DT  C H3     1 
ATOM   1051 H  H71    . DT  C 3 7  ? 8.889   -13.819 -4.226  1.00 61.22  ? 7   DT  C H71    1 
ATOM   1052 H  H72    . DT  C 3 7  ? 8.578   -12.284 -3.998  1.00 61.22  ? 7   DT  C H72    1 
ATOM   1053 H  H73    . DT  C 3 7  ? 7.547   -13.380 -3.507  1.00 61.22  ? 7   DT  C H73    1 
ATOM   1054 H  H6     . DT  C 3 7  ? 9.066   -12.614 -6.598  1.00 46.64  ? 7   DT  C H6     1 
ATOM   1055 P  P      . DC  C 3 8  ? 9.517   -9.140  -12.370 1.00 70.18  ? 8   DC  C P      1 
ATOM   1056 O  OP1    . DC  C 3 8  ? 10.255  -9.310  -13.640 1.00 79.27  ? 8   DC  C OP1    1 
ATOM   1057 O  OP2    . DC  C 3 8  ? 9.977   -8.128  -11.393 1.00 60.01  ? 8   DC  C OP2    1 
ATOM   1058 O  "O5'"  . DC  C 3 8  ? 7.980   -8.841  -12.694 1.00 57.08  ? 8   DC  C "O5'"  1 
ATOM   1059 C  "C5'"  . DC  C 3 8  ? 7.115   -8.388  -11.663 1.00 60.87  ? 8   DC  C "C5'"  1 
ATOM   1060 C  "C4'"  . DC  C 3 8  ? 5.726   -8.977  -11.823 1.00 48.43  ? 8   DC  C "C4'"  1 
ATOM   1061 O  "O4'"  . DC  C 3 8  ? 5.469   -9.892  -10.721 1.00 52.98  ? 8   DC  C "O4'"  1 
ATOM   1062 C  "C3'"  . DC  C 3 8  ? 4.585   -7.958  -11.811 1.00 55.11  ? 8   DC  C "C3'"  1 
ATOM   1063 O  "O3'"  . DC  C 3 8  ? 3.626   -8.244  -12.831 1.00 63.89  ? 8   DC  C "O3'"  1 
ATOM   1064 C  "C2'"  . DC  C 3 8  ? 3.994   -8.093  -10.420 1.00 62.02  ? 8   DC  C "C2'"  1 
ATOM   1065 C  "C1'"  . DC  C 3 8  ? 4.275   -9.540  -10.058 1.00 51.47  ? 8   DC  C "C1'"  1 
ATOM   1066 N  N1     . DC  C 3 8  ? 4.458   -9.755  -8.598  1.00 50.90  ? 8   DC  C N1     1 
ATOM   1067 C  C2     . DC  C 3 8  ? 3.378   -10.182 -7.815  1.00 53.03  ? 8   DC  C C2     1 
ATOM   1068 O  O2     . DC  C 3 8  ? 2.279   -10.378 -8.351  1.00 45.90  ? 8   DC  C O2     1 
ATOM   1069 N  N3     . DC  C 3 8  ? 3.567   -10.369 -6.486  1.00 53.17  ? 8   DC  C N3     1 
ATOM   1070 C  C4     . DC  C 3 8  ? 4.768   -10.149 -5.944  1.00 63.50  ? 8   DC  C C4     1 
ATOM   1071 N  N4     . DC  C 3 8  ? 4.906   -10.345 -4.629  1.00 66.01  ? 8   DC  C N4     1 
ATOM   1072 C  C5     . DC  C 3 8  ? 5.876   -9.712  -6.723  1.00 53.88  ? 8   DC  C C5     1 
ATOM   1073 C  C6     . DC  C 3 8  ? 5.679   -9.529  -8.033  1.00 47.75  ? 8   DC  C C6     1 
ATOM   1074 H  "H5'"  . DC  C 3 8  ? 7.057   -7.421  -11.698 1.00 73.09  ? 8   DC  C "H5'"  1 
ATOM   1075 H  "H5''" . DC  C 3 8  ? 7.477   -8.656  -10.804 1.00 73.09  ? 8   DC  C "H5''" 1 
ATOM   1076 H  "H4'"  . DC  C 3 8  ? 5.692   -9.474  -12.656 1.00 58.16  ? 8   DC  C "H4'"  1 
ATOM   1077 H  "H3'"  . DC  C 3 8  ? 4.941   -7.064  -11.934 1.00 66.18  ? 8   DC  C "H3'"  1 
ATOM   1078 H  "HO3'" . DC  C 3 8  ? 2.827   -8.403  -12.624 1.00 76.71  ? 8   DC  C "HO3'" 1 
ATOM   1079 H  "H2'"  . DC  C 3 8  ? 4.438   -7.494  -9.800  1.00 74.48  ? 8   DC  C "H2'"  1 
ATOM   1080 H  "H2''" . DC  C 3 8  ? 3.039   -7.924  -10.436 1.00 74.48  ? 8   DC  C "H2''" 1 
ATOM   1081 H  "H1'"  . DC  C 3 8  ? 3.550   -10.099 -10.378 1.00 61.82  ? 8   DC  C "H1'"  1 
ATOM   1082 H  H41    . DC  C 3 8  ? 5.668   -10.212 -4.253  1.00 79.26  ? 8   DC  C H41    1 
ATOM   1083 H  H42    . DC  C 3 8  ? 4.234   -10.605 -4.159  1.00 79.26  ? 8   DC  C H42    1 
ATOM   1084 H  H5     . DC  C 3 8  ? 6.707   -9.560  -6.336  1.00 64.70  ? 8   DC  C H5     1 
ATOM   1085 H  H6     . DC  C 3 8  ? 6.386   -9.246  -8.566  1.00 57.35  ? 8   DC  C H6     1 
ATOM   1086 P  P      . DA  D 4 1  ? -3.454  9.423   13.134  1.00 99.94  ? 10  DA  D P      1 
ATOM   1087 O  OP1    . DA  D 4 1  ? -4.231  10.555  13.690  1.00 110.26 ? 10  DA  D OP1    1 
ATOM   1088 O  OP2    . DA  D 4 1  ? -4.128  8.132   12.880  1.00 73.76  ? 10  DA  D OP2    1 
ATOM   1089 O  "O5'"  . DA  D 4 1  ? -2.187  9.144   14.070  1.00 87.00  ? 10  DA  D "O5'"  1 
ATOM   1090 C  "C5'"  . DA  D 4 1  ? -1.490  7.910   13.984  1.00 81.53  ? 10  DA  D "C5'"  1 
ATOM   1091 C  "C4'"  . DA  D 4 1  ? -0.275  8.023   13.076  1.00 84.05  ? 10  DA  D "C4'"  1 
ATOM   1092 O  "O4'"  . DA  D 4 1  ? -0.459  7.175   11.919  1.00 75.98  ? 10  DA  D "O4'"  1 
ATOM   1093 C  "C3'"  . DA  D 4 1  ? -0.008  9.404   12.511  1.00 89.38  ? 10  DA  D "C3'"  1 
ATOM   1094 O  "O3'"  . DA  D 4 1  ? 0.780   10.163  13.415  1.00 77.98  ? 10  DA  D "O3'"  1 
ATOM   1095 C  "C2'"  . DA  D 4 1  ? 0.722   9.103   11.203  1.00 86.40  ? 10  DA  D "C2'"  1 
ATOM   1096 C  "C1'"  . DA  D 4 1  ? 0.170   7.742   10.785  1.00 71.52  ? 10  DA  D "C1'"  1 
ATOM   1097 N  N9     . DA  D 4 1  ? -0.819  7.802   9.716   1.00 64.42  ? 10  DA  D N9     1 
ATOM   1098 C  C8     . DA  D 4 1  ? -2.154  7.545   9.834   1.00 71.72  ? 10  DA  D C8     1 
ATOM   1099 N  N7     . DA  D 4 1  ? -2.818  7.662   8.711   1.00 66.67  ? 10  DA  D N7     1 
ATOM   1100 C  C5     . DA  D 4 1  ? -1.852  8.019   7.788   1.00 66.59  ? 10  DA  D C5     1 
ATOM   1101 C  C6     . DA  D 4 1  ? -1.919  8.292   6.410   1.00 67.28  ? 10  DA  D C6     1 
ATOM   1102 N  N6     . DA  D 4 1  ? -3.060  8.245   5.718   1.00 66.30  ? 10  DA  D N6     1 
ATOM   1103 N  N1     . DA  D 4 1  ? -0.778  8.621   5.775   1.00 80.99  ? 10  DA  D N1     1 
ATOM   1104 C  C2     . DA  D 4 1  ? 0.363   8.666   6.480   1.00 84.57  ? 10  DA  D C2     1 
ATOM   1105 N  N3     . DA  D 4 1  ? 0.553   8.432   7.784   1.00 69.98  ? 10  DA  D N3     1 
ATOM   1106 C  C4     . DA  D 4 1  ? -0.607  8.109   8.386   1.00 69.52  ? 10  DA  D C4     1 
ATOM   1107 H  "H5'"  . DA  D 4 1  ? -2.087  7.232   13.633  1.00 97.89  ? 10  DA  D "H5'"  1 
ATOM   1108 H  "H5''" . DA  D 4 1  ? -1.198  7.648   14.872  1.00 97.89  ? 10  DA  D "H5''" 1 
ATOM   1109 H  "H4'"  . DA  D 4 1  ? 0.510   7.725   13.561  1.00 100.92 ? 10  DA  D "H4'"  1 
ATOM   1110 H  "H3'"  . DA  D 4 1  ? -0.846  9.860   12.330  1.00 107.31 ? 10  DA  D "H3'"  1 
ATOM   1111 H  "H2'"  . DA  D 4 1  ? 0.516   9.774   10.535  1.00 103.73 ? 10  DA  D "H2'"  1 
ATOM   1112 H  "H2''" . DA  D 4 1  ? 1.679   9.050   11.353  1.00 103.73 ? 10  DA  D "H2''" 1 
ATOM   1113 H  "H1'"  . DA  D 4 1  ? 0.904   7.171   10.508  1.00 85.88  ? 10  DA  D "H1'"  1 
ATOM   1114 H  H8     . DA  D 4 1  ? -2.557  7.310   10.639  1.00 86.11  ? 10  DA  D H8     1 
ATOM   1115 H  H61    . DA  D 4 1  ? -3.059  8.424   4.877   1.00 79.61  ? 10  DA  D H61    1 
ATOM   1116 H  H62    . DA  D 4 1  ? -3.794  8.036   6.113   1.00 79.61  ? 10  DA  D H62    1 
ATOM   1117 H  H2     . DA  D 4 1  ? 1.124   8.898   5.998   1.00 101.54 ? 10  DA  D H2     1 
ATOM   1118 P  P      . DG  D 4 2  ? 0.632   11.759  13.478  1.00 105.70 ? 11  DG  D P      1 
ATOM   1119 O  OP1    . DG  D 4 2  ? 1.650   12.257  14.431  1.00 91.99  ? 11  DG  D OP1    1 
ATOM   1120 O  OP2    . DG  D 4 2  ? -0.797  12.087  13.679  1.00 113.59 ? 11  DG  D OP2    1 
ATOM   1121 O  "O5'"  . DG  D 4 2  ? 1.043   12.231  12.011  1.00 92.57  ? 11  DG  D "O5'"  1 
ATOM   1122 C  "C5'"  . DG  D 4 2  ? 2.339   11.941  11.518  1.00 79.41  ? 11  DG  D "C5'"  1 
ATOM   1123 C  "C4'"  . DG  D 4 2  ? 2.437   12.255  10.040  1.00 84.33  ? 11  DG  D "C4'"  1 
ATOM   1124 O  "O4'"  . DG  D 4 2  ? 1.589   11.354  9.300   1.00 73.72  ? 11  DG  D "O4'"  1 
ATOM   1125 C  "C3'"  . DG  D 4 2  ? 1.973   13.644  9.659   1.00 102.34 ? 11  DG  D "C3'"  1 
ATOM   1126 O  "O3'"  . DG  D 4 2  ? 3.050   14.564  9.756   1.00 106.98 ? 11  DG  D "O3'"  1 
ATOM   1127 C  "C2'"  . DG  D 4 2  ? 1.473   13.472  8.224   1.00 94.02  ? 11  DG  D "C2'"  1 
ATOM   1128 C  "C1'"  . DG  D 4 2  ? 1.097   11.989  8.134   1.00 69.88  ? 11  DG  D "C1'"  1 
ATOM   1129 N  N9     . DG  D 4 2  ? -0.339  11.732  8.053   1.00 81.80  ? 11  DG  D N9     1 
ATOM   1130 C  C8     . DG  D 4 2  ? -1.177  11.408  9.092   1.00 81.36  ? 11  DG  D C8     1 
ATOM   1131 N  N7     . DG  D 4 2  ? -2.414  11.213  8.721   1.00 77.53  ? 11  DG  D N7     1 
ATOM   1132 C  C5     . DG  D 4 2  ? -2.394  11.413  7.348   1.00 74.20  ? 11  DG  D C5     1 
ATOM   1133 C  C6     . DG  D 4 2  ? -3.445  11.337  6.401   1.00 84.48  ? 11  DG  D C6     1 
ATOM   1134 O  O6     . DG  D 4 2  ? -4.641  11.069  6.600   1.00 85.73  ? 11  DG  D O6     1 
ATOM   1135 N  N1     . DG  D 4 2  ? -2.995  11.612  5.109   1.00 86.02  ? 11  DG  D N1     1 
ATOM   1136 C  C2     . DG  D 4 2  ? -1.692  11.919  4.778   1.00 83.78  ? 11  DG  D C2     1 
ATOM   1137 N  N2     . DG  D 4 2  ? -1.445  12.153  3.481   1.00 84.87  ? 11  DG  D N2     1 
ATOM   1138 N  N3     . DG  D 4 2  ? -0.700  11.992  5.658   1.00 70.27  ? 11  DG  D N3     1 
ATOM   1139 C  C4     . DG  D 4 2  ? -1.123  11.728  6.918   1.00 75.83  ? 11  DG  D C4     1 
ATOM   1140 H  "H5'"  . DG  D 4 2  ? 2.530   11.000  11.657  1.00 95.35  ? 11  DG  D "H5'"  1 
ATOM   1141 H  "H5''" . DG  D 4 2  ? 2.990   12.473  12.002  1.00 95.35  ? 11  DG  D "H5''" 1 
ATOM   1142 H  "H4'"  . DG  D 4 2  ? 3.354   12.137  9.751   1.00 101.25 ? 11  DG  D "H4'"  1 
ATOM   1143 H  "H3'"  . DG  D 4 2  ? 1.243   13.922  10.234  1.00 122.86 ? 11  DG  D "H3'"  1 
ATOM   1144 H  "H2'"  . DG  D 4 2  ? 0.694   14.029  8.067   1.00 112.88 ? 11  DG  D "H2'"  1 
ATOM   1145 H  "H2''" . DG  D 4 2  ? 2.177   13.683  7.592   1.00 112.88 ? 11  DG  D "H2''" 1 
ATOM   1146 H  "H1'"  . DG  D 4 2  ? 1.531   11.602  7.357   1.00 83.91  ? 11  DG  D "H1'"  1 
ATOM   1147 H  H8     . DG  D 4 2  ? -0.893  11.340  9.974   1.00 97.68  ? 11  DG  D H8     1 
ATOM   1148 H  H1     . DG  D 4 2  ? -3.572  11.586  4.472   1.00 103.28 ? 11  DG  D H1     1 
ATOM   1149 H  H21    . DG  D 4 2  ? -0.649  12.350  3.224   1.00 101.89 ? 11  DG  D H21    1 
ATOM   1150 H  H22    . DG  D 4 2  ? -2.083  12.107  2.906   1.00 101.89 ? 11  DG  D H22    1 
ATOM   1151 P  P      . DT  D 4 3  ? 2.980   15.980  9.005   1.00 120.35 ? 12  DT  D P      1 
ATOM   1152 O  OP1    . DT  D 4 3  ? 3.936   16.886  9.679   1.00 114.88 ? 12  DT  D OP1    1 
ATOM   1153 O  OP2    . DT  D 4 3  ? 1.554   16.362  8.890   1.00 96.40  ? 12  DT  D OP2    1 
ATOM   1154 O  "O5'"  . DT  D 4 3  ? 3.513   15.657  7.534   1.00 105.66 ? 12  DT  D "O5'"  1 
ATOM   1155 C  "C5'"  . DT  D 4 3  ? 4.011   16.703  6.730   1.00 108.84 ? 12  DT  D "C5'"  1 
ATOM   1156 C  "C4'"  . DT  D 4 3  ? 3.434   16.639  5.327   1.00 97.53  ? 12  DT  D "C4'"  1 
ATOM   1157 O  "O4'"  . DT  D 4 3  ? 2.228   15.811  5.318   1.00 84.48  ? 12  DT  D "O4'"  1 
ATOM   1158 C  "C3'"  . DT  D 4 3  ? 3.009   17.997  4.749   1.00 113.07 ? 12  DT  D "C3'"  1 
ATOM   1159 O  "O3'"  . DT  D 4 3  ? 3.502   18.159  3.419   1.00 122.34 ? 12  DT  D "O3'"  1 
ATOM   1160 C  "C2'"  . DT  D 4 3  ? 1.489   17.924  4.801   1.00 107.49 ? 12  DT  D "C2'"  1 
ATOM   1161 C  "C1'"  . DT  D 4 3  ? 1.266   16.458  4.519   1.00 91.21  ? 12  DT  D "C1'"  1 
ATOM   1162 N  N1     . DT  D 4 3  ? -0.107  15.961  4.842   1.00 79.04  ? 12  DT  D N1     1 
ATOM   1163 C  C2     . DT  D 4 3  ? -1.012  15.806  3.816   1.00 91.45  ? 12  DT  D C2     1 
ATOM   1164 O  O2     . DT  D 4 3  ? -0.745  16.049  2.653   1.00 102.02 ? 12  DT  D O2     1 
ATOM   1165 N  N3     . DT  D 4 3  ? -2.242  15.351  4.196   1.00 90.04  ? 12  DT  D N3     1 
ATOM   1166 C  C4     . DT  D 4 3  ? -2.660  15.042  5.476   1.00 86.21  ? 12  DT  D C4     1 
ATOM   1167 O  O4     . DT  D 4 3  ? -3.793  14.638  5.716   1.00 80.88  ? 12  DT  D O4     1 
ATOM   1168 C  C5     . DT  D 4 3  ? -1.667  15.228  6.511   1.00 81.98  ? 12  DT  D C5     1 
ATOM   1169 C  C7     . DT  D 4 3  ? -2.012  14.925  7.938   1.00 83.34  ? 12  DT  D C7     1 
ATOM   1170 C  C6     . DT  D 4 3  ? -0.450  15.675  6.149   1.00 78.00  ? 12  DT  D C6     1 
ATOM   1171 H  "H5'"  . DT  D 4 3  ? 4.977   16.633  6.680   1.00 130.66 ? 12  DT  D "H5'"  1 
ATOM   1172 H  "H5''" . DT  D 4 3  ? 3.774   17.553  7.131   1.00 130.66 ? 12  DT  D "H5''" 1 
ATOM   1173 H  "H4'"  . DT  D 4 3  ? 4.092   16.239  4.737   1.00 117.09 ? 12  DT  D "H4'"  1 
ATOM   1174 H  "H3'"  . DT  D 4 3  ? 3.328   18.716  5.316   1.00 135.74 ? 12  DT  D "H3'"  1 
ATOM   1175 H  "H2'"  . DT  D 4 3  ? 1.159   18.164  5.681   1.00 129.04 ? 12  DT  D "H2'"  1 
ATOM   1176 H  "H2''" . DT  D 4 3  ? 1.090   18.477  4.111   1.00 129.04 ? 12  DT  D "H2''" 1 
ATOM   1177 H  "H1'"  . DT  D 4 3  ? 1.457   16.282  3.585   1.00 109.51 ? 12  DT  D "H1'"  1 
ATOM   1178 H  H3     . DT  D 4 3  ? -2.821  15.246  3.569   1.00 108.10 ? 12  DT  D H3     1 
ATOM   1179 H  H71    . DT  D 4 3  ? -1.434  14.220  8.268   1.00 100.06 ? 12  DT  D H71    1 
ATOM   1180 H  H72    . DT  D 4 3  ? -1.888  15.722  8.477   1.00 100.06 ? 12  DT  D H72    1 
ATOM   1181 H  H73    . DT  D 4 3  ? -2.938  14.638  7.994   1.00 100.06 ? 12  DT  D H73    1 
ATOM   1182 H  H6     . DT  D 4 3  ? 0.191   15.797  6.812   1.00 93.65  ? 12  DT  D H6     1 
ATOM   1183 P  P      . DC  D 4 4  ? 3.578   19.620  2.751   1.00 135.13 ? 13  DC  D P      1 
ATOM   1184 O  OP1    . DC  D 4 4  ? 4.965   19.820  2.270   1.00 126.06 ? 13  DC  D OP1    1 
ATOM   1185 O  OP2    . DC  D 4 4  ? 2.985   20.582  3.707   1.00 128.23 ? 13  DC  D OP2    1 
ATOM   1186 O  "O5'"  . DC  D 4 4  ? 2.599   19.517  1.489   1.00 111.42 ? 13  DC  D "O5'"  1 
ATOM   1187 C  "C5'"  . DC  D 4 4  ? 1.228   19.206  1.689   1.00 101.09 ? 13  DC  D "C5'"  1 
ATOM   1188 C  "C4'"  . DC  D 4 4  ? 0.415   19.472  0.440   1.00 116.41 ? 13  DC  D "C4'"  1 
ATOM   1189 O  "O4'"  . DC  D 4 4  ? -0.818  18.710  0.493   1.00 117.62 ? 13  DC  D "O4'"  1 
ATOM   1190 C  "C3'"  . DC  D 4 4  ? 0.014   20.924  0.245   1.00 136.50 ? 13  DC  D "C3'"  1 
ATOM   1191 O  "O3'"  . DC  D 4 4  ? 0.142   21.306  -1.118  1.00 155.52 ? 13  DC  D "O3'"  1 
ATOM   1192 C  "C2'"  . DC  D 4 4  ? -1.435  20.998  0.741   1.00 133.49 ? 13  DC  D "C2'"  1 
ATOM   1193 C  "C1'"  . DC  D 4 4  ? -1.924  19.549  0.769   1.00 113.20 ? 13  DC  D "C1'"  1 
ATOM   1194 N  N1     . DC  D 4 4  ? -2.513  19.143  2.092   1.00 106.01 ? 13  DC  D N1     1 
ATOM   1195 C  C2     . DC  D 4 4  ? -3.841  18.681  2.165   1.00 103.73 ? 13  DC  D C2     1 
ATOM   1196 O  O2     . DC  D 4 4  ? -4.517  18.603  1.131   1.00 96.62  ? 13  DC  D O2     1 
ATOM   1197 N  N3     . DC  D 4 4  ? -4.344  18.326  3.377   1.00 97.95  ? 13  DC  D N3     1 
ATOM   1198 C  C4     . DC  D 4 4  ? -3.583  18.422  4.470   1.00 98.06  ? 13  DC  D C4     1 
ATOM   1199 N  N4     . DC  D 4 4  ? -4.114  18.066  5.643   1.00 92.72  ? 13  DC  D N4     1 
ATOM   1200 C  C5     . DC  D 4 4  ? -2.240  18.892  4.413   1.00 88.95  ? 13  DC  D C5     1 
ATOM   1201 C  C6     . DC  D 4 4  ? -1.751  19.236  3.219   1.00 92.60  ? 13  DC  D C6     1 
ATOM   1202 H  "H5'"  . DC  D 4 4  ? 0.882   19.749  2.415   1.00 121.36 ? 13  DC  D "H5'"  1 
ATOM   1203 H  "H5''" . DC  D 4 4  ? 1.146   18.269  1.927   1.00 121.36 ? 13  DC  D "H5''" 1 
ATOM   1204 H  "H4'"  . DC  D 4 4  ? 0.927   19.184  -0.333  1.00 139.74 ? 13  DC  D "H4'"  1 
ATOM   1205 H  "H3'"  . DC  D 4 4  ? 0.575   21.492  0.796   1.00 163.86 ? 13  DC  D "H3'"  1 
ATOM   1206 H  "H2'"  . DC  D 4 4  ? -1.467  21.381  1.632   1.00 160.23 ? 13  DC  D "H2'"  1 
ATOM   1207 H  "H2''" . DC  D 4 4  ? -1.974  21.522  0.128   1.00 160.23 ? 13  DC  D "H2''" 1 
ATOM   1208 H  "H1'"  . DC  D 4 4  ? -2.592  19.427  0.075   1.00 135.89 ? 13  DC  D "H1'"  1 
ATOM   1209 H  H41    . DC  D 4 4  ? -3.644  18.119  6.361   1.00 111.32 ? 13  DC  D H41    1 
ATOM   1210 H  H42    . DC  D 4 4  ? -4.926  17.784  5.679   1.00 111.32 ? 13  DC  D H42    1 
ATOM   1211 H  H5     . DC  D 4 4  ? -1.720  18.955  5.182   1.00 106.79 ? 13  DC  D H5     1 
ATOM   1212 H  H6     . DC  D 4 4  ? -0.877  19.547  3.155   1.00 111.17 ? 13  DC  D H6     1 
ATOM   1213 P  P      . DT  D 4 5  ? 0.016   22.853  -1.533  1.00 171.13 ? 14  DT  D P      1 
ATOM   1214 O  OP1    . DT  D 4 5  ? 0.639   23.022  -2.864  1.00 167.73 ? 14  DT  D OP1    1 
ATOM   1215 O  OP2    . DT  D 4 5  ? 0.498   23.663  -0.393  1.00 156.80 ? 14  DT  D OP2    1 
ATOM   1216 O  "O5'"  . DT  D 4 5  ? -1.561  23.080  -1.662  1.00 149.38 ? 14  DT  D "O5'"  1 
ATOM   1217 C  "C5'"  . DT  D 4 5  ? -2.338  22.189  -2.452  1.00 151.90 ? 14  DT  D "C5'"  1 
ATOM   1218 C  "C4'"  . DT  D 4 5  ? -3.821  22.360  -2.172  1.00 151.56 ? 14  DT  D "C4'"  1 
ATOM   1219 O  "O4'"  . DT  D 4 5  ? -4.158  21.740  -0.914  1.00 142.74 ? 14  DT  D "O4'"  1 
ATOM   1220 C  "C3'"  . DT  D 4 5  ? -4.285  23.809  -2.057  1.00 155.72 ? 14  DT  D "C3'"  1 
ATOM   1221 O  "O3'"  . DT  D 4 5  ? -4.956  24.198  -3.248  1.00 164.48 ? 14  DT  D "O3'"  1 
ATOM   1222 C  "C2'"  . DT  D 4 5  ? -5.207  23.836  -0.820  1.00 153.80 ? 14  DT  D "C2'"  1 
ATOM   1223 C  "C1'"  . DT  D 4 5  ? -5.297  22.375  -0.385  1.00 137.93 ? 14  DT  D "C1'"  1 
ATOM   1224 N  N1     . DT  D 4 5  ? -5.301  22.165  1.104   1.00 126.08 ? 14  DT  D N1     1 
ATOM   1225 C  C2     . DT  D 4 5  ? -6.432  21.662  1.727   1.00 121.42 ? 14  DT  D C2     1 
ATOM   1226 O  O2     . DT  D 4 5  ? -7.461  21.389  1.131   1.00 112.52 ? 14  DT  D O2     1 
ATOM   1227 N  N3     . DT  D 4 5  ? -6.309  21.500  3.087   1.00 115.28 ? 14  DT  D N3     1 
ATOM   1228 C  C4     . DT  D 4 5  ? -5.195  21.775  3.862   1.00 109.26 ? 14  DT  D C4     1 
ATOM   1229 O  O4     . DT  D 4 5  ? -5.174  21.600  5.074   1.00 101.38 ? 14  DT  D O4     1 
ATOM   1230 C  C5     . DT  D 4 5  ? -4.054  22.288  3.147   1.00 110.16 ? 14  DT  D C5     1 
ATOM   1231 C  C7     . DT  D 4 5  ? -2.797  22.623  3.893   1.00 106.86 ? 14  DT  D C7     1 
ATOM   1232 C  C6     . DT  D 4 5  ? -4.157  22.454  1.820   1.00 111.66 ? 14  DT  D C6     1 
ATOM   1233 H  "H5'"  . DT  D 4 5  ? -2.080  21.277  -2.250  1.00 182.34 ? 14  DT  D "H5'"  1 
ATOM   1234 H  "H5''" . DT  D 4 5  ? -2.169  22.367  -3.390  1.00 182.34 ? 14  DT  D "H5''" 1 
ATOM   1235 H  "H4'"  . DT  D 4 5  ? -4.324  21.926  -2.878  1.00 181.92 ? 14  DT  D "H4'"  1 
ATOM   1236 H  "H3'"  . DT  D 4 5  ? -3.520  24.386  -1.908  1.00 186.92 ? 14  DT  D "H3'"  1 
ATOM   1237 H  "H2'"  . DT  D 4 5  ? -4.813  24.376  -0.116  1.00 184.61 ? 14  DT  D "H2'"  1 
ATOM   1238 H  "H2''" . DT  D 4 5  ? -6.084  24.174  -1.058  1.00 184.61 ? 14  DT  D "H2''" 1 
ATOM   1239 H  "H1'"  . DT  D 4 5  ? -6.093  21.974  -0.767  1.00 165.57 ? 14  DT  D "H1'"  1 
ATOM   1240 H  H3     . DT  D 4 5  ? -6.999  21.193  3.501   1.00 138.38 ? 14  DT  D H3     1 
ATOM   1241 H  H71    . DT  D 4 5  ? -2.930  22.465  4.840   1.00 128.28 ? 14  DT  D H71    1 
ATOM   1242 H  H72    . DT  D 4 5  ? -2.071  22.064  3.571   1.00 128.28 ? 14  DT  D H72    1 
ATOM   1243 H  H73    . DT  D 4 5  ? -2.574  23.557  3.748   1.00 128.28 ? 14  DT  D H73    1 
ATOM   1244 H  H6     . DT  D 4 5  ? -3.420  22.785  1.360   1.00 134.04 ? 14  DT  D H6     1 
ATOM   1245 P  P      . DG  D 4 6  ? -5.337  25.737  -3.502  1.00 187.77 ? 15  DG  D P      1 
ATOM   1246 O  OP1    . DG  D 4 6  ? -5.526  25.922  -4.958  1.00 183.98 ? 15  DG  D OP1    1 
ATOM   1247 O  OP2    . DG  D 4 6  ? -4.353  26.573  -2.777  1.00 170.22 ? 15  DG  D OP2    1 
ATOM   1248 O  "O5'"  . DG  D 4 6  ? -6.765  25.887  -2.802  1.00 161.76 ? 15  DG  D "O5'"  1 
ATOM   1249 C  "C5'"  . DG  D 4 6  ? -7.781  24.923  -3.055  1.00 152.68 ? 15  DG  D "C5'"  1 
ATOM   1250 C  "C4'"  . DG  D 4 6  ? -8.887  25.015  -2.020  1.00 146.32 ? 15  DG  D "C4'"  1 
ATOM   1251 O  "O4'"  . DG  D 4 6  ? -8.433  24.448  -0.772  1.00 141.11 ? 15  DG  D "O4'"  1 
ATOM   1252 C  "C3'"  . DG  D 4 6  ? -9.322  26.438  -1.686  1.00 144.30 ? 15  DG  D "C3'"  1 
ATOM   1253 O  "O3'"  . DG  D 4 6  ? -10.511 26.797  -2.420  1.00 153.05 ? 15  DG  D "O3'"  1 
ATOM   1254 C  "C2'"  . DG  D 4 6  ? -9.536  26.436  -0.160  1.00 136.55 ? 15  DG  D "C2'"  1 
ATOM   1255 C  "C1'"  . DG  D 4 6  ? -9.168  25.018  0.284   1.00 133.83 ? 15  DG  D "C1'"  1 
ATOM   1256 N  N9     . DG  D 4 6  ? -8.354  24.974  1.502   1.00 133.38 ? 15  DG  D N9     1 
ATOM   1257 C  C8     . DG  D 4 6  ? -7.046  25.379  1.629   1.00 131.94 ? 15  DG  D C8     1 
ATOM   1258 N  N7     . DG  D 4 6  ? -6.570  25.232  2.834   1.00 126.96 ? 15  DG  D N7     1 
ATOM   1259 C  C5     . DG  D 4 6  ? -7.628  24.695  3.558   1.00 127.72 ? 15  DG  D C5     1 
ATOM   1260 C  C6     . DG  D 4 6  ? -7.698  24.325  4.923   1.00 118.71 ? 15  DG  D C6     1 
ATOM   1261 O  O6     . DG  D 4 6  ? -6.809  24.402  5.782   1.00 110.46 ? 15  DG  D O6     1 
ATOM   1262 N  N1     . DG  D 4 6  ? -8.954  23.821  5.260   1.00 113.65 ? 15  DG  D N1     1 
ATOM   1263 C  C2     . DG  D 4 6  ? -10.011 23.692  4.386   1.00 119.97 ? 15  DG  D C2     1 
ATOM   1264 N  N2     . DG  D 4 6  ? -11.147 23.185  4.894   1.00 110.63 ? 15  DG  D N2     1 
ATOM   1265 N  N3     . DG  D 4 6  ? -9.957  24.037  3.099   1.00 122.79 ? 15  DG  D N3     1 
ATOM   1266 C  C4     . DG  D 4 6  ? -8.737  24.530  2.756   1.00 129.86 ? 15  DG  D C4     1 
ATOM   1267 H  "H5'"  . DG  D 4 6  ? -7.392  24.035  -3.027  1.00 183.27 ? 15  DG  D "H5'"  1 
ATOM   1268 H  "H5''" . DG  D 4 6  ? -8.156  25.079  -3.936  1.00 183.27 ? 15  DG  D "H5''" 1 
ATOM   1269 H  "H4'"  . DG  D 4 6  ? -9.657  24.514  -2.333  1.00 175.64 ? 15  DG  D "H4'"  1 
ATOM   1270 H  "H3'"  . DG  D 4 6  ? -8.607  27.054  -1.910  1.00 173.21 ? 15  DG  D "H3'"  1 
ATOM   1271 H  "H2'"  . DG  D 4 6  ? -8.951  27.085  0.263   1.00 163.92 ? 15  DG  D "H2'"  1 
ATOM   1272 H  "H2''" . DG  D 4 6  ? -10.463 26.627  0.050   1.00 163.92 ? 15  DG  D "H2''" 1 
ATOM   1273 H  "H1'"  . DG  D 4 6  ? -9.979  24.504  0.422   1.00 160.65 ? 15  DG  D "H1'"  1 
ATOM   1274 H  H8     . DG  D 4 6  ? -6.548  25.724  0.924   1.00 158.38 ? 15  DG  D H8     1 
ATOM   1275 H  H1     . DG  D 4 6  ? -9.078  23.573  6.074   1.00 136.44 ? 15  DG  D H1     1 
ATOM   1276 H  H21    . DG  D 4 6  ? -11.837 23.084  4.389   1.00 132.81 ? 15  DG  D H21    1 
ATOM   1277 H  H22    . DG  D 4 6  ? -11.185 22.961  5.723   1.00 132.81 ? 15  DG  D H22    1 
ATOM   1278 P  P      . DC  D 4 7  ? -11.935 26.115  -2.104  1.00 165.35 ? 16  DC  D P      1 
ATOM   1279 O  OP1    . DC  D 4 7  ? -11.713 24.916  -1.266  1.00 147.54 ? 16  DC  D OP1    1 
ATOM   1280 O  OP2    . DC  D 4 7  ? -12.650 25.984  -3.391  1.00 152.70 ? 16  DC  D OP2    1 
ATOM   1281 O  "O5'"  . DC  D 4 7  ? -12.696 27.218  -1.229  1.00 141.78 ? 16  DC  D "O5'"  1 
ATOM   1282 C  "C5'"  . DC  D 4 7  ? -14.120 27.282  -1.232  1.00 135.57 ? 16  DC  D "C5'"  1 
ATOM   1283 C  "C4'"  . DC  D 4 7  ? -14.722 26.169  -0.392  1.00 132.42 ? 16  DC  D "C4'"  1 
ATOM   1284 O  "O4'"  . DC  D 4 7  ? -13.741 25.707  0.579   1.00 138.63 ? 16  DC  D "O4'"  1 
ATOM   1285 C  "C3'"  . DC  D 4 7  ? -15.956 26.575  0.415   1.00 120.17 ? 16  DC  D "C3'"  1 
ATOM   1286 O  "O3'"  . DC  D 4 7  ? -16.934 25.541  0.404   1.00 117.29 ? 16  DC  D "O3'"  1 
ATOM   1287 C  "C2'"  . DC  D 4 7  ? -15.396 26.828  1.809   1.00 116.94 ? 16  DC  D "C2'"  1 
ATOM   1288 C  "C1'"  . DC  D 4 7  ? -14.256 25.828  1.890   1.00 122.08 ? 16  DC  D "C1'"  1 
ATOM   1289 N  N1     . DC  D 4 7  ? -13.152 26.241  2.799   1.00 117.61 ? 16  DC  D N1     1 
ATOM   1290 C  C2     . DC  D 4 7  ? -13.338 26.205  4.184   1.00 116.77 ? 16  DC  D C2     1 
ATOM   1291 O  O2     . DC  D 4 7  ? -14.429 25.837  4.638   1.00 114.22 ? 16  DC  D O2     1 
ATOM   1292 N  N3     . DC  D 4 7  ? -12.318 26.580  4.994   1.00 112.87 ? 16  DC  D N3     1 
ATOM   1293 C  C4     . DC  D 4 7  ? -11.157 26.972  4.463   1.00 107.06 ? 16  DC  D C4     1 
ATOM   1294 N  N4     . DC  D 4 7  ? -10.178 27.334  5.299   1.00 103.18 ? 16  DC  D N4     1 
ATOM   1295 C  C5     . DC  D 4 7  ? -10.951 27.012  3.057   1.00 114.02 ? 16  DC  D C5     1 
ATOM   1296 C  C6     . DC  D 4 7  ? -11.962 26.640  2.268   1.00 118.54 ? 16  DC  D C6     1 
ATOM   1297 H  "H5'"  . DC  D 4 7  ? -14.440 27.200  -2.145  1.00 162.74 ? 16  DC  D "H5'"  1 
ATOM   1298 H  "H5''" . DC  D 4 7  ? -14.401 28.138  -0.874  1.00 162.74 ? 16  DC  D "H5''" 1 
ATOM   1299 H  "H4'"  . DC  D 4 7  ? -14.959 25.430  -0.975  1.00 158.96 ? 16  DC  D "H4'"  1 
ATOM   1300 H  "H3'"  . DC  D 4 7  ? -16.333 27.393  0.056   1.00 144.25 ? 16  DC  D "H3'"  1 
ATOM   1301 H  "HO3'" . DC  D 4 7  ? -17.184 25.191  1.126   1.00 140.79 ? 16  DC  D "HO3'" 1 
ATOM   1302 H  "H2'"  . DC  D 4 7  ? -15.064 27.735  1.887   1.00 140.38 ? 16  DC  D "H2'"  1 
ATOM   1303 H  "H2''" . DC  D 4 7  ? -16.065 26.642  2.487   1.00 140.38 ? 16  DC  D "H2''" 1 
ATOM   1304 H  "H1'"  . DC  D 4 7  ? -14.603 24.969  2.178   1.00 146.54 ? 16  DC  D "H1'"  1 
ATOM   1305 H  H41    . DC  D 4 7  ? -9.421  27.593  4.987   1.00 123.87 ? 16  DC  D H41    1 
ATOM   1306 H  H42    . DC  D 4 7  ? -10.307 27.307  6.149   1.00 123.87 ? 16  DC  D H42    1 
ATOM   1307 H  H5     . DC  D 4 7  ? -10.137 27.286  2.698   1.00 136.88 ? 16  DC  D H5     1 
ATOM   1308 H  H6     . DC  D 4 7  ? -11.854 26.655  1.345   1.00 142.31 ? 16  DC  D H6     1 
HETATM 1309 AS AS     . CAC E 5 .  ? -5.347  11.336  10.101  1.00 130.00 ? 101 CAC D AS     1 
# 
loop_
_pdbx_poly_seq_scheme.asym_id 
_pdbx_poly_seq_scheme.entity_id 
_pdbx_poly_seq_scheme.seq_id 
_pdbx_poly_seq_scheme.mon_id 
_pdbx_poly_seq_scheme.ndb_seq_num 
_pdbx_poly_seq_scheme.pdb_seq_num 
_pdbx_poly_seq_scheme.auth_seq_num 
_pdbx_poly_seq_scheme.pdb_mon_id 
_pdbx_poly_seq_scheme.auth_mon_id 
_pdbx_poly_seq_scheme.pdb_strand_id 
_pdbx_poly_seq_scheme.pdb_ins_code 
_pdbx_poly_seq_scheme.hetero 
A 1 1  DG 1  1  1  DG DG A . n 
A 1 2  DA 2  2  2  DA DA A . n 
A 1 3  DG 3  3  3  DG DG A . n 
A 1 4  DC 4  4  4  DC DC A . n 
A 1 5  DA 5  5  5  DA DA A . n 
A 1 6  DG 6  6  6  DG DG A . n 
A 1 7  DA 7  7  7  DA DA A . n 
A 1 8  DC 8  8  8  DC DC A . n 
A 1 9  DT 9  9  9  DT DT A . n 
A 1 10 DT 10 10 10 DT DT A . n 
A 1 11 DG 11 11 11 DG DG A . n 
A 1 12 DA 12 12 12 DA DA A . n 
A 1 13 DC 13 13 13 DC DC A . n 
A 1 14 DG 14 14 14 DG DG A . n 
A 1 15 DA 15 15 15 DA DA A . n 
A 1 16 DG 16 16 16 DG DG A . n 
A 1 17 DA 17 17 17 DA DA A . n 
A 1 18 DC 18 18 18 DC DC A . n 
A 1 19 DT 19 19 19 DT DT A . n 
A 1 20 DC 20 20 20 DC DC A . n 
A 1 21 DA 21 21 21 DA DA A . n 
B 2 1  DT 1  0  0  DT DT B . n 
B 2 2  DC 2  1  1  DC DC B . n 
B 2 3  DG 3  2  2  DG DG B . n 
B 2 4  DT 4  3  3  DT DT B . n 
B 2 5  DC 5  4  4  DC DC B . n 
B 2 6  DA 6  5  5  DA DA B . n 
C 3 1  DT 1  1  1  DT DT C . n 
C 3 2  DC 2  2  2  DC DC C . n 
C 3 3  DT 3  3  3  DT DT C . n 
C 3 4  DG 4  4  4  DG DG C . n 
C 3 5  DA 5  5  5  DA DA C . n 
C 3 6  DG 6  6  6  DG DG C . n 
C 3 7  DT 7  7  7  DT DT C . n 
C 3 8  DC 8  8  8  DC DC C . n 
D 4 1  DA 1  10 10 DA DA D . n 
D 4 2  DG 2  11 11 DG DG D . n 
D 4 3  DT 3  12 12 DT DT D . n 
D 4 4  DC 4  13 13 DC DC D . n 
D 4 5  DT 5  14 14 DT DT D . n 
D 4 6  DG 6  15 15 DG DG D . n 
D 4 7  DC 7  16 16 DC DC D . n 
# 
_pdbx_nonpoly_scheme.asym_id         E 
_pdbx_nonpoly_scheme.entity_id       5 
_pdbx_nonpoly_scheme.mon_id          CAC 
_pdbx_nonpoly_scheme.ndb_seq_num     1 
_pdbx_nonpoly_scheme.pdb_seq_num     101 
_pdbx_nonpoly_scheme.auth_seq_num    1 
_pdbx_nonpoly_scheme.pdb_mon_id      CAC 
_pdbx_nonpoly_scheme.auth_mon_id     AS 
_pdbx_nonpoly_scheme.pdb_strand_id   D 
_pdbx_nonpoly_scheme.pdb_ins_code    . 
# 
_pdbx_struct_assembly.id                   1 
_pdbx_struct_assembly.details              author_defined_assembly 
_pdbx_struct_assembly.method_details       ? 
_pdbx_struct_assembly.oligomeric_details   tetrameric 
_pdbx_struct_assembly.oligomeric_count     4 
# 
_pdbx_struct_assembly_gen.assembly_id       1 
_pdbx_struct_assembly_gen.oper_expression   1 
_pdbx_struct_assembly_gen.asym_id_list      A,B,C,D,E 
# 
_pdbx_struct_oper_list.id                   1 
_pdbx_struct_oper_list.type                 'identity operation' 
_pdbx_struct_oper_list.name                 1_555 
_pdbx_struct_oper_list.symmetry_operation   x,y,z 
_pdbx_struct_oper_list.matrix[1][1]         1.0000000000 
_pdbx_struct_oper_list.matrix[1][2]         0.0000000000 
_pdbx_struct_oper_list.matrix[1][3]         0.0000000000 
_pdbx_struct_oper_list.vector[1]            0.0000000000 
_pdbx_struct_oper_list.matrix[2][1]         0.0000000000 
_pdbx_struct_oper_list.matrix[2][2]         1.0000000000 
_pdbx_struct_oper_list.matrix[2][3]         0.0000000000 
_pdbx_struct_oper_list.vector[2]            0.0000000000 
_pdbx_struct_oper_list.matrix[3][1]         0.0000000000 
_pdbx_struct_oper_list.matrix[3][2]         0.0000000000 
_pdbx_struct_oper_list.matrix[3][3]         1.0000000000 
_pdbx_struct_oper_list.vector[3]            0.0000000000 
# 
loop_
_pdbx_audit_revision_history.ordinal 
_pdbx_audit_revision_history.data_content_type 
_pdbx_audit_revision_history.major_revision 
_pdbx_audit_revision_history.minor_revision 
_pdbx_audit_revision_history.revision_date 
1 'Structure model' 1 0 2021-07-14 
2 'Structure model' 1 1 2022-07-06 
3 'Structure model' 1 2 2023-10-18 
# 
_pdbx_audit_revision_details.ordinal             1 
_pdbx_audit_revision_details.revision_ordinal    1 
_pdbx_audit_revision_details.data_content_type   'Structure model' 
_pdbx_audit_revision_details.provider            repository 
_pdbx_audit_revision_details.type                'Initial release' 
_pdbx_audit_revision_details.description         ? 
_pdbx_audit_revision_details.details             ? 
# 
loop_
_pdbx_audit_revision_group.ordinal 
_pdbx_audit_revision_group.revision_ordinal 
_pdbx_audit_revision_group.data_content_type 
_pdbx_audit_revision_group.group 
1 2 'Structure model' 'Database references'    
2 3 'Structure model' 'Data collection'        
3 3 'Structure model' 'Refinement description' 
# 
loop_
_pdbx_audit_revision_category.ordinal 
_pdbx_audit_revision_category.revision_ordinal 
_pdbx_audit_revision_category.data_content_type 
_pdbx_audit_revision_category.category 
1 2 'Structure model' citation                      
2 2 'Structure model' citation_author               
3 2 'Structure model' database_2                    
4 3 'Structure model' chem_comp_atom                
5 3 'Structure model' chem_comp_bond                
6 3 'Structure model' pdbx_initial_refinement_model 
# 
loop_
_pdbx_audit_revision_item.ordinal 
_pdbx_audit_revision_item.revision_ordinal 
_pdbx_audit_revision_item.data_content_type 
_pdbx_audit_revision_item.item 
1  2 'Structure model' '_citation.country'                   
2  2 'Structure model' '_citation.journal_abbrev'            
3  2 'Structure model' '_citation.journal_id_CSD'            
4  2 'Structure model' '_citation.journal_id_ISSN'           
5  2 'Structure model' '_citation.journal_volume'            
6  2 'Structure model' '_citation.page_first'                
7  2 'Structure model' '_citation.page_last'                 
8  2 'Structure model' '_citation.pdbx_database_id_DOI'      
9  2 'Structure model' '_citation.pdbx_database_id_PubMed'   
10 2 'Structure model' '_citation.title'                     
11 2 'Structure model' '_citation.year'                      
12 2 'Structure model' '_database_2.pdbx_DOI'                
13 2 'Structure model' '_database_2.pdbx_database_accession' 
# 
loop_
_software.citation_id 
_software.classification 
_software.compiler_name 
_software.compiler_version 
_software.contact_author 
_software.contact_author_email 
_software.date 
_software.description 
_software.dependencies 
_software.hardware 
_software.language 
_software.location 
_software.mods 
_software.name 
_software.os 
_software.os_version 
_software.type 
_software.version 
_software.pdbx_ordinal 
? refinement        ? ? ? ? ? ? ? ? ? ? ? PHENIX      ? ? ? 1.11.1_2575 1 
? 'data reduction'  ? ? ? ? ? ? ? ? ? ? ? HKL-2000    ? ? ? .           2 
? 'data scaling'    ? ? ? ? ? ? ? ? ? ? ? HKL-2000    ? ? ? .           3 
? 'data extraction' ? ? ? ? ? ? ? ? ? ? ? PDB_EXTRACT ? ? ? 3.25        4 
? phasing           ? ? ? ? ? ? ? ? ? ? ? PHASER      ? ? ? .           5 
# 
_pdbx_entry_details.entry_id                 7JOG 
_pdbx_entry_details.nonpolymer_details       ? 
_pdbx_entry_details.sequence_details         ? 
_pdbx_entry_details.compound_details         ? 
_pdbx_entry_details.source_details           ? 
_pdbx_entry_details.has_ligand_of_interest   N 
# 
loop_
_pdbx_validate_rmsd_angle.id 
_pdbx_validate_rmsd_angle.PDB_model_num 
_pdbx_validate_rmsd_angle.auth_atom_id_1 
_pdbx_validate_rmsd_angle.auth_asym_id_1 
_pdbx_validate_rmsd_angle.auth_comp_id_1 
_pdbx_validate_rmsd_angle.auth_seq_id_1 
_pdbx_validate_rmsd_angle.PDB_ins_code_1 
_pdbx_validate_rmsd_angle.label_alt_id_1 
_pdbx_validate_rmsd_angle.auth_atom_id_2 
_pdbx_validate_rmsd_angle.auth_asym_id_2 
_pdbx_validate_rmsd_angle.auth_comp_id_2 
_pdbx_validate_rmsd_angle.auth_seq_id_2 
_pdbx_validate_rmsd_angle.PDB_ins_code_2 
_pdbx_validate_rmsd_angle.label_alt_id_2 
_pdbx_validate_rmsd_angle.auth_atom_id_3 
_pdbx_validate_rmsd_angle.auth_asym_id_3 
_pdbx_validate_rmsd_angle.auth_comp_id_3 
_pdbx_validate_rmsd_angle.auth_seq_id_3 
_pdbx_validate_rmsd_angle.PDB_ins_code_3 
_pdbx_validate_rmsd_angle.label_alt_id_3 
_pdbx_validate_rmsd_angle.angle_value 
_pdbx_validate_rmsd_angle.angle_target_value 
_pdbx_validate_rmsd_angle.angle_deviation 
_pdbx_validate_rmsd_angle.angle_standard_deviation 
_pdbx_validate_rmsd_angle.linker_flag 
1 1 "O4'" B DT 3  ? ? "C1'" B DT 3  ? ? N1 B DT 3  ? ? 110.32 108.30 2.02 0.30 N 
2 1 "O4'" D DT 12 ? ? "C1'" D DT 12 ? ? N1 D DT 12 ? ? 110.57 108.30 2.27 0.30 N 
# 
loop_
_pdbx_unobs_or_zero_occ_atoms.id 
_pdbx_unobs_or_zero_occ_atoms.PDB_model_num 
_pdbx_unobs_or_zero_occ_atoms.polymer_flag 
_pdbx_unobs_or_zero_occ_atoms.occupancy_flag 
_pdbx_unobs_or_zero_occ_atoms.auth_asym_id 
_pdbx_unobs_or_zero_occ_atoms.auth_comp_id 
_pdbx_unobs_or_zero_occ_atoms.auth_seq_id 
_pdbx_unobs_or_zero_occ_atoms.PDB_ins_code 
_pdbx_unobs_or_zero_occ_atoms.auth_atom_id 
_pdbx_unobs_or_zero_occ_atoms.label_alt_id 
_pdbx_unobs_or_zero_occ_atoms.label_asym_id 
_pdbx_unobs_or_zero_occ_atoms.label_comp_id 
_pdbx_unobs_or_zero_occ_atoms.label_seq_id 
_pdbx_unobs_or_zero_occ_atoms.label_atom_id 
1 1 N 1 D CAC 101 ? O1 ? E CAC 1 O1 
2 1 N 1 D CAC 101 ? O2 ? E CAC 1 O2 
3 1 N 1 D CAC 101 ? C1 ? E CAC 1 C1 
4 1 N 1 D CAC 101 ? C2 ? E CAC 1 C2 
# 
loop_
_chem_comp_atom.comp_id 
_chem_comp_atom.atom_id 
_chem_comp_atom.type_symbol 
_chem_comp_atom.pdbx_aromatic_flag 
_chem_comp_atom.pdbx_stereo_config 
_chem_comp_atom.pdbx_ordinal 
CAC AS     AS N N 1   
CAC O1     O  N N 2   
CAC O2     O  N N 3   
CAC C1     C  N N 4   
CAC C2     C  N N 5   
CAC H11    H  N N 6   
CAC H12    H  N N 7   
CAC H13    H  N N 8   
CAC H21    H  N N 9   
CAC H22    H  N N 10  
CAC H23    H  N N 11  
DA  OP3    O  N N 12  
DA  P      P  N N 13  
DA  OP1    O  N N 14  
DA  OP2    O  N N 15  
DA  "O5'"  O  N N 16  
DA  "C5'"  C  N N 17  
DA  "C4'"  C  N R 18  
DA  "O4'"  O  N N 19  
DA  "C3'"  C  N S 20  
DA  "O3'"  O  N N 21  
DA  "C2'"  C  N N 22  
DA  "C1'"  C  N R 23  
DA  N9     N  Y N 24  
DA  C8     C  Y N 25  
DA  N7     N  Y N 26  
DA  C5     C  Y N 27  
DA  C6     C  Y N 28  
DA  N6     N  N N 29  
DA  N1     N  Y N 30  
DA  C2     C  Y N 31  
DA  N3     N  Y N 32  
DA  C4     C  Y N 33  
DA  HOP3   H  N N 34  
DA  HOP2   H  N N 35  
DA  "H5'"  H  N N 36  
DA  "H5''" H  N N 37  
DA  "H4'"  H  N N 38  
DA  "H3'"  H  N N 39  
DA  "HO3'" H  N N 40  
DA  "H2'"  H  N N 41  
DA  "H2''" H  N N 42  
DA  "H1'"  H  N N 43  
DA  H8     H  N N 44  
DA  H61    H  N N 45  
DA  H62    H  N N 46  
DA  H2     H  N N 47  
DC  OP3    O  N N 48  
DC  P      P  N N 49  
DC  OP1    O  N N 50  
DC  OP2    O  N N 51  
DC  "O5'"  O  N N 52  
DC  "C5'"  C  N N 53  
DC  "C4'"  C  N R 54  
DC  "O4'"  O  N N 55  
DC  "C3'"  C  N S 56  
DC  "O3'"  O  N N 57  
DC  "C2'"  C  N N 58  
DC  "C1'"  C  N R 59  
DC  N1     N  N N 60  
DC  C2     C  N N 61  
DC  O2     O  N N 62  
DC  N3     N  N N 63  
DC  C4     C  N N 64  
DC  N4     N  N N 65  
DC  C5     C  N N 66  
DC  C6     C  N N 67  
DC  HOP3   H  N N 68  
DC  HOP2   H  N N 69  
DC  "H5'"  H  N N 70  
DC  "H5''" H  N N 71  
DC  "H4'"  H  N N 72  
DC  "H3'"  H  N N 73  
DC  "HO3'" H  N N 74  
DC  "H2'"  H  N N 75  
DC  "H2''" H  N N 76  
DC  "H1'"  H  N N 77  
DC  H41    H  N N 78  
DC  H42    H  N N 79  
DC  H5     H  N N 80  
DC  H6     H  N N 81  
DG  OP3    O  N N 82  
DG  P      P  N N 83  
DG  OP1    O  N N 84  
DG  OP2    O  N N 85  
DG  "O5'"  O  N N 86  
DG  "C5'"  C  N N 87  
DG  "C4'"  C  N R 88  
DG  "O4'"  O  N N 89  
DG  "C3'"  C  N S 90  
DG  "O3'"  O  N N 91  
DG  "C2'"  C  N N 92  
DG  "C1'"  C  N R 93  
DG  N9     N  Y N 94  
DG  C8     C  Y N 95  
DG  N7     N  Y N 96  
DG  C5     C  Y N 97  
DG  C6     C  N N 98  
DG  O6     O  N N 99  
DG  N1     N  N N 100 
DG  C2     C  N N 101 
DG  N2     N  N N 102 
DG  N3     N  N N 103 
DG  C4     C  Y N 104 
DG  HOP3   H  N N 105 
DG  HOP2   H  N N 106 
DG  "H5'"  H  N N 107 
DG  "H5''" H  N N 108 
DG  "H4'"  H  N N 109 
DG  "H3'"  H  N N 110 
DG  "HO3'" H  N N 111 
DG  "H2'"  H  N N 112 
DG  "H2''" H  N N 113 
DG  "H1'"  H  N N 114 
DG  H8     H  N N 115 
DG  H1     H  N N 116 
DG  H21    H  N N 117 
DG  H22    H  N N 118 
DT  OP3    O  N N 119 
DT  P      P  N N 120 
DT  OP1    O  N N 121 
DT  OP2    O  N N 122 
DT  "O5'"  O  N N 123 
DT  "C5'"  C  N N 124 
DT  "C4'"  C  N R 125 
DT  "O4'"  O  N N 126 
DT  "C3'"  C  N S 127 
DT  "O3'"  O  N N 128 
DT  "C2'"  C  N N 129 
DT  "C1'"  C  N R 130 
DT  N1     N  N N 131 
DT  C2     C  N N 132 
DT  O2     O  N N 133 
DT  N3     N  N N 134 
DT  C4     C  N N 135 
DT  O4     O  N N 136 
DT  C5     C  N N 137 
DT  C7     C  N N 138 
DT  C6     C  N N 139 
DT  HOP3   H  N N 140 
DT  HOP2   H  N N 141 
DT  "H5'"  H  N N 142 
DT  "H5''" H  N N 143 
DT  "H4'"  H  N N 144 
DT  "H3'"  H  N N 145 
DT  "HO3'" H  N N 146 
DT  "H2'"  H  N N 147 
DT  "H2''" H  N N 148 
DT  "H1'"  H  N N 149 
DT  H3     H  N N 150 
DT  H71    H  N N 151 
DT  H72    H  N N 152 
DT  H73    H  N N 153 
DT  H6     H  N N 154 
# 
loop_
_chem_comp_bond.comp_id 
_chem_comp_bond.atom_id_1 
_chem_comp_bond.atom_id_2 
_chem_comp_bond.value_order 
_chem_comp_bond.pdbx_aromatic_flag 
_chem_comp_bond.pdbx_stereo_config 
_chem_comp_bond.pdbx_ordinal 
CAC AS    O1     doub N N 1   
CAC AS    O2     sing N N 2   
CAC AS    C1     sing N N 3   
CAC AS    C2     sing N N 4   
CAC C1    H11    sing N N 5   
CAC C1    H12    sing N N 6   
CAC C1    H13    sing N N 7   
CAC C2    H21    sing N N 8   
CAC C2    H22    sing N N 9   
CAC C2    H23    sing N N 10  
DA  OP3   P      sing N N 11  
DA  OP3   HOP3   sing N N 12  
DA  P     OP1    doub N N 13  
DA  P     OP2    sing N N 14  
DA  P     "O5'"  sing N N 15  
DA  OP2   HOP2   sing N N 16  
DA  "O5'" "C5'"  sing N N 17  
DA  "C5'" "C4'"  sing N N 18  
DA  "C5'" "H5'"  sing N N 19  
DA  "C5'" "H5''" sing N N 20  
DA  "C4'" "O4'"  sing N N 21  
DA  "C4'" "C3'"  sing N N 22  
DA  "C4'" "H4'"  sing N N 23  
DA  "O4'" "C1'"  sing N N 24  
DA  "C3'" "O3'"  sing N N 25  
DA  "C3'" "C2'"  sing N N 26  
DA  "C3'" "H3'"  sing N N 27  
DA  "O3'" "HO3'" sing N N 28  
DA  "C2'" "C1'"  sing N N 29  
DA  "C2'" "H2'"  sing N N 30  
DA  "C2'" "H2''" sing N N 31  
DA  "C1'" N9     sing N N 32  
DA  "C1'" "H1'"  sing N N 33  
DA  N9    C8     sing Y N 34  
DA  N9    C4     sing Y N 35  
DA  C8    N7     doub Y N 36  
DA  C8    H8     sing N N 37  
DA  N7    C5     sing Y N 38  
DA  C5    C6     sing Y N 39  
DA  C5    C4     doub Y N 40  
DA  C6    N6     sing N N 41  
DA  C6    N1     doub Y N 42  
DA  N6    H61    sing N N 43  
DA  N6    H62    sing N N 44  
DA  N1    C2     sing Y N 45  
DA  C2    N3     doub Y N 46  
DA  C2    H2     sing N N 47  
DA  N3    C4     sing Y N 48  
DC  OP3   P      sing N N 49  
DC  OP3   HOP3   sing N N 50  
DC  P     OP1    doub N N 51  
DC  P     OP2    sing N N 52  
DC  P     "O5'"  sing N N 53  
DC  OP2   HOP2   sing N N 54  
DC  "O5'" "C5'"  sing N N 55  
DC  "C5'" "C4'"  sing N N 56  
DC  "C5'" "H5'"  sing N N 57  
DC  "C5'" "H5''" sing N N 58  
DC  "C4'" "O4'"  sing N N 59  
DC  "C4'" "C3'"  sing N N 60  
DC  "C4'" "H4'"  sing N N 61  
DC  "O4'" "C1'"  sing N N 62  
DC  "C3'" "O3'"  sing N N 63  
DC  "C3'" "C2'"  sing N N 64  
DC  "C3'" "H3'"  sing N N 65  
DC  "O3'" "HO3'" sing N N 66  
DC  "C2'" "C1'"  sing N N 67  
DC  "C2'" "H2'"  sing N N 68  
DC  "C2'" "H2''" sing N N 69  
DC  "C1'" N1     sing N N 70  
DC  "C1'" "H1'"  sing N N 71  
DC  N1    C2     sing N N 72  
DC  N1    C6     sing N N 73  
DC  C2    O2     doub N N 74  
DC  C2    N3     sing N N 75  
DC  N3    C4     doub N N 76  
DC  C4    N4     sing N N 77  
DC  C4    C5     sing N N 78  
DC  N4    H41    sing N N 79  
DC  N4    H42    sing N N 80  
DC  C5    C6     doub N N 81  
DC  C5    H5     sing N N 82  
DC  C6    H6     sing N N 83  
DG  OP3   P      sing N N 84  
DG  OP3   HOP3   sing N N 85  
DG  P     OP1    doub N N 86  
DG  P     OP2    sing N N 87  
DG  P     "O5'"  sing N N 88  
DG  OP2   HOP2   sing N N 89  
DG  "O5'" "C5'"  sing N N 90  
DG  "C5'" "C4'"  sing N N 91  
DG  "C5'" "H5'"  sing N N 92  
DG  "C5'" "H5''" sing N N 93  
DG  "C4'" "O4'"  sing N N 94  
DG  "C4'" "C3'"  sing N N 95  
DG  "C4'" "H4'"  sing N N 96  
DG  "O4'" "C1'"  sing N N 97  
DG  "C3'" "O3'"  sing N N 98  
DG  "C3'" "C2'"  sing N N 99  
DG  "C3'" "H3'"  sing N N 100 
DG  "O3'" "HO3'" sing N N 101 
DG  "C2'" "C1'"  sing N N 102 
DG  "C2'" "H2'"  sing N N 103 
DG  "C2'" "H2''" sing N N 104 
DG  "C1'" N9     sing N N 105 
DG  "C1'" "H1'"  sing N N 106 
DG  N9    C8     sing Y N 107 
DG  N9    C4     sing Y N 108 
DG  C8    N7     doub Y N 109 
DG  C8    H8     sing N N 110 
DG  N7    C5     sing Y N 111 
DG  C5    C6     sing N N 112 
DG  C5    C4     doub Y N 113 
DG  C6    O6     doub N N 114 
DG  C6    N1     sing N N 115 
DG  N1    C2     sing N N 116 
DG  N1    H1     sing N N 117 
DG  C2    N2     sing N N 118 
DG  C2    N3     doub N N 119 
DG  N2    H21    sing N N 120 
DG  N2    H22    sing N N 121 
DG  N3    C4     sing N N 122 
DT  OP3   P      sing N N 123 
DT  OP3   HOP3   sing N N 124 
DT  P     OP1    doub N N 125 
DT  P     OP2    sing N N 126 
DT  P     "O5'"  sing N N 127 
DT  OP2   HOP2   sing N N 128 
DT  "O5'" "C5'"  sing N N 129 
DT  "C5'" "C4'"  sing N N 130 
DT  "C5'" "H5'"  sing N N 131 
DT  "C5'" "H5''" sing N N 132 
DT  "C4'" "O4'"  sing N N 133 
DT  "C4'" "C3'"  sing N N 134 
DT  "C4'" "H4'"  sing N N 135 
DT  "O4'" "C1'"  sing N N 136 
DT  "C3'" "O3'"  sing N N 137 
DT  "C3'" "C2'"  sing N N 138 
DT  "C3'" "H3'"  sing N N 139 
DT  "O3'" "HO3'" sing N N 140 
DT  "C2'" "C1'"  sing N N 141 
DT  "C2'" "H2'"  sing N N 142 
DT  "C2'" "H2''" sing N N 143 
DT  "C1'" N1     sing N N 144 
DT  "C1'" "H1'"  sing N N 145 
DT  N1    C2     sing N N 146 
DT  N1    C6     sing N N 147 
DT  C2    O2     doub N N 148 
DT  C2    N3     sing N N 149 
DT  N3    C4     sing N N 150 
DT  N3    H3     sing N N 151 
DT  C4    O4     doub N N 152 
DT  C4    C5     sing N N 153 
DT  C5    C7     sing N N 154 
DT  C5    C6     doub N N 155 
DT  C7    H71    sing N N 156 
DT  C7    H72    sing N N 157 
DT  C7    H73    sing N N 158 
DT  C6    H6     sing N N 159 
# 
loop_
_ndb_struct_conf_na.entry_id 
_ndb_struct_conf_na.feature 
7JOG 'double helix'        
7JOG 'a-form double helix' 
7JOG 'b-form double helix' 
# 
loop_
_ndb_struct_na_base_pair.model_number 
_ndb_struct_na_base_pair.i_label_asym_id 
_ndb_struct_na_base_pair.i_label_comp_id 
_ndb_struct_na_base_pair.i_label_seq_id 
_ndb_struct_na_base_pair.i_symmetry 
_ndb_struct_na_base_pair.j_label_asym_id 
_ndb_struct_na_base_pair.j_label_comp_id 
_ndb_struct_na_base_pair.j_label_seq_id 
_ndb_struct_na_base_pair.j_symmetry 
_ndb_struct_na_base_pair.shear 
_ndb_struct_na_base_pair.stretch 
_ndb_struct_na_base_pair.stagger 
_ndb_struct_na_base_pair.buckle 
_ndb_struct_na_base_pair.propeller 
_ndb_struct_na_base_pair.opening 
_ndb_struct_na_base_pair.pair_number 
_ndb_struct_na_base_pair.pair_name 
_ndb_struct_na_base_pair.i_auth_asym_id 
_ndb_struct_na_base_pair.i_auth_seq_id 
_ndb_struct_na_base_pair.i_PDB_ins_code 
_ndb_struct_na_base_pair.j_auth_asym_id 
_ndb_struct_na_base_pair.j_auth_seq_id 
_ndb_struct_na_base_pair.j_PDB_ins_code 
_ndb_struct_na_base_pair.hbond_type_28 
_ndb_struct_na_base_pair.hbond_type_12 
1 A DG 3  1_555 D DC 7 1_555 3.170  0.606  0.887  12.444 -4.998 -13.713 1  A_DG3:DC16_D A 3  ? D 16 ? ?  ? 
1 A DC 4  1_555 D DG 6 1_555 0.162  -0.109 0.200  -2.777 -2.769 -1.564  2  A_DC4:DG15_D A 4  ? D 15 ? 19 1 
1 A DA 5  1_555 D DT 5 1_555 0.170  -0.027 0.344  -1.206 -5.078 -8.824  3  A_DA5:DT14_D A 5  ? D 14 ? 20 1 
1 A DG 6  1_555 D DC 4 1_555 -0.168 -0.129 -0.023 -0.829 -2.284 -1.573  4  A_DG6:DC13_D A 6  ? D 13 ? 19 1 
1 A DA 7  1_555 D DT 3 1_555 1.421  0.253  -0.101 0.752  -0.223 -9.218  5  A_DA7:DT12_D A 7  ? D 12 ? 20 1 
1 A DC 8  1_555 D DG 2 1_555 -1.353 0.630  0.123  3.087  -4.945 0.120   6  A_DC8:DG11_D A 8  ? D 11 ? 19 1 
1 A DT 9  1_555 D DA 1 1_555 -0.266 -0.108 0.642  -5.430 -8.751 -12.381 7  A_DT9:DA10_D A 9  ? D 10 ? 20 1 
1 A DG 11 1_555 B DC 5 1_555 -0.197 -0.107 0.500  0.176  -0.513 0.765   8  A_DG11:DC4_B A 11 ? B 4  ? 19 1 
1 A DA 12 1_555 B DT 4 1_555 1.706  0.529  0.836  1.592  -2.833 -8.629  9  A_DA12:DT3_B A 12 ? B 3  ? ?  ? 
1 A DC 13 1_555 B DG 3 1_555 0.075  -0.177 0.940  -0.644 -4.227 -9.310  10 A_DC13:DG2_B A 13 ? B 2  ? 19 1 
1 A DG 14 1_555 B DC 2 1_555 0.908  0.228  0.592  3.379  -8.889 -6.485  11 A_DG14:DC1_B A 14 ? B 1  ? 19 1 
1 A DA 15 1_555 B DT 1 1_555 0.194  -0.198 0.565  0.724  -8.055 -4.398  12 A_DA15:DT0_B A 15 ? B 0  ? 20 1 
1 A DG 16 1_555 C DC 8 1_555 -0.116 -0.270 0.898  5.281  -6.842 -3.207  13 A_DG16:DC8_C A 16 ? C 8  ? 19 1 
1 A DA 17 1_555 C DT 7 1_555 0.205  -0.173 0.845  -0.555 -7.953 -7.264  14 A_DA17:DT7_C A 17 ? C 7  ? 20 1 
1 A DC 18 1_555 C DG 6 1_555 -2.251 0.521  0.608  -4.362 -6.560 14.623  15 A_DC18:DG6_C A 18 ? C 6  ? ?  1 
1 A DT 19 1_555 C DA 5 1_555 -0.179 -0.061 0.039  -3.509 -9.886 -3.332  16 A_DT19:DA5_C A 19 ? C 5  ? 20 1 
1 A DC 20 1_555 C DG 4 1_555 0.220  -0.143 -0.159 -2.215 -7.488 4.072   17 A_DC20:DG4_C A 20 ? C 4  ? 19 1 
1 A DA 21 1_555 C DT 3 1_555 0.132  -0.082 -0.409 -4.138 -5.120 -0.435  18 A_DA21:DT3_C A 21 ? C 3  ? 20 1 
# 
loop_
_ndb_struct_na_base_pair_step.model_number 
_ndb_struct_na_base_pair_step.i_label_asym_id_1 
_ndb_struct_na_base_pair_step.i_label_comp_id_1 
_ndb_struct_na_base_pair_step.i_label_seq_id_1 
_ndb_struct_na_base_pair_step.i_symmetry_1 
_ndb_struct_na_base_pair_step.j_label_asym_id_1 
_ndb_struct_na_base_pair_step.j_label_comp_id_1 
_ndb_struct_na_base_pair_step.j_label_seq_id_1 
_ndb_struct_na_base_pair_step.j_symmetry_1 
_ndb_struct_na_base_pair_step.i_label_asym_id_2 
_ndb_struct_na_base_pair_step.i_label_comp_id_2 
_ndb_struct_na_base_pair_step.i_label_seq_id_2 
_ndb_struct_na_base_pair_step.i_symmetry_2 
_ndb_struct_na_base_pair_step.j_label_asym_id_2 
_ndb_struct_na_base_pair_step.j_label_comp_id_2 
_ndb_struct_na_base_pair_step.j_label_seq_id_2 
_ndb_struct_na_base_pair_step.j_symmetry_2 
_ndb_struct_na_base_pair_step.shift 
_ndb_struct_na_base_pair_step.slide 
_ndb_struct_na_base_pair_step.rise 
_ndb_struct_na_base_pair_step.tilt 
_ndb_struct_na_base_pair_step.roll 
_ndb_struct_na_base_pair_step.twist 
_ndb_struct_na_base_pair_step.x_displacement 
_ndb_struct_na_base_pair_step.y_displacement 
_ndb_struct_na_base_pair_step.helical_rise 
_ndb_struct_na_base_pair_step.inclination 
_ndb_struct_na_base_pair_step.tip 
_ndb_struct_na_base_pair_step.helical_twist 
_ndb_struct_na_base_pair_step.step_number 
_ndb_struct_na_base_pair_step.step_name 
_ndb_struct_na_base_pair_step.i_auth_asym_id_1 
_ndb_struct_na_base_pair_step.i_auth_seq_id_1 
_ndb_struct_na_base_pair_step.i_PDB_ins_code_1 
_ndb_struct_na_base_pair_step.j_auth_asym_id_1 
_ndb_struct_na_base_pair_step.j_auth_seq_id_1 
_ndb_struct_na_base_pair_step.j_PDB_ins_code_1 
_ndb_struct_na_base_pair_step.i_auth_asym_id_2 
_ndb_struct_na_base_pair_step.i_auth_seq_id_2 
_ndb_struct_na_base_pair_step.i_PDB_ins_code_2 
_ndb_struct_na_base_pair_step.j_auth_asym_id_2 
_ndb_struct_na_base_pair_step.j_auth_seq_id_2 
_ndb_struct_na_base_pair_step.j_PDB_ins_code_2 
1 A DG 3  1_555 D DC 7 1_555 A DC 4  1_555 D DG 6 1_555 0.856  -0.927 3.642 8.141  -0.332 28.038 -1.757 0.346  3.747 -0.667 
-16.370 29.175 1  AA_DG3DC4:DG15DC16_DD A 3  ? D 16 ? A 4  ? D 15 ? 
1 A DC 4  1_555 D DG 6 1_555 A DA 5  1_555 D DT 5 1_555 -0.715 -0.329 3.401 -1.880 2.335  29.633 -1.149 0.981  3.403 4.550  3.665 
29.781 2  AA_DC4DA5:DT14DG15_DD A 4  ? D 15 ? A 5  ? D 14 ? 
1 A DA 5  1_555 D DT 5 1_555 A DG 6  1_555 D DC 4 1_555 0.154  -0.442 3.342 0.412  1.043  27.271 -1.202 -0.221 3.325 2.211  -0.873 
27.293 3  AA_DA5DG6:DC13DT14_DD A 5  ? D 14 ? A 6  ? D 13 ? 
1 A DG 6  1_555 D DC 4 1_555 A DA 7  1_555 D DT 3 1_555 -0.462 -0.622 3.282 0.660  1.835  48.856 -0.891 0.608  3.252 2.218  -0.798 
48.892 4  AA_DG6DA7:DT12DC13_DD A 6  ? D 13 ? A 7  ? D 12 ? 
1 A DA 7  1_555 D DT 3 1_555 A DC 8  1_555 D DG 2 1_555 0.797  -1.206 3.187 -3.383 2.493  21.099 -4.171 -3.408 2.865 6.721  9.122 
21.508 5  AA_DA7DC8:DG11DT12_DD A 7  ? D 12 ? A 8  ? D 11 ? 
1 A DC 8  1_555 D DG 2 1_555 A DT 9  1_555 D DA 1 1_555 -1.150 -1.792 3.481 -5.618 -1.466 38.655 -2.486 0.976  3.669 -2.200 8.429 
39.072 6  AA_DC8DT9:DA10DG11_DD A 8  ? D 11 ? A 9  ? D 10 ? 
1 A DT 9  1_555 D DA 1 1_555 A DG 11 1_555 B DC 5 1_555 -1.224 -1.223 6.403 -6.451 2.876  50.878 -1.801 0.540  6.430 3.330  7.467 
51.333 7  AA_DT9DG11:DC4DA10_BD A 9  ? D 10 ? A 11 ? B 4  ? 
1 A DG 11 1_555 B DC 5 1_555 A DA 12 1_555 B DT 4 1_555 -0.604 -0.158 3.311 0.277  1.915  47.630 -0.350 0.770  3.299 2.370  -0.343 
47.667 8  AA_DG11DA12:DT3DC4_BB A 11 ? B 4  ? A 12 ? B 3  ? 
1 A DA 12 1_555 B DT 4 1_555 A DC 13 1_555 B DG 3 1_555 0.407  -1.664 3.261 -1.677 2.561  29.146 -3.827 -1.157 3.079 5.070  3.320 
29.303 9  AA_DA12DC13:DG2DT3_BB A 12 ? B 3  ? A 13 ? B 2  ? 
1 A DC 13 1_555 B DG 3 1_555 A DG 14 1_555 B DC 2 1_555 -0.480 -0.776 3.202 1.489  -0.677 35.671 -1.170 0.993  3.194 -1.105 -2.429 
35.708 10 AA_DC13DG14:DC1DG2_BB A 13 ? B 2  ? A 14 ? B 1  ? 
1 A DG 14 1_555 B DC 2 1_555 A DA 15 1_555 B DT 1 1_555 0.163  -0.846 3.324 -4.868 2.985  28.737 -2.317 -1.375 3.152 5.940  9.688 
29.287 11 AA_DG14DA15:DT0DC1_BB A 14 ? B 1  ? A 15 ? B 0  ? 
1 A DA 15 1_555 B DT 1 1_555 A DG 16 1_555 C DC 8 1_555 -1.719 -1.484 2.814 -7.292 -0.695 27.133 -2.906 1.938  3.194 -1.448 15.195 
28.087 12 AA_DA15DG16:DC8DT0_CB A 15 ? B 0  ? A 16 ? C 8  ? 
1 A DG 16 1_555 C DC 8 1_555 A DA 17 1_555 C DT 7 1_555 -0.705 -0.710 3.224 -4.034 0.159  40.243 -1.046 0.569  3.274 0.231  5.846 
40.437 13 AA_DG16DA17:DT7DC8_CC A 16 ? C 8  ? A 17 ? C 7  ? 
1 A DA 17 1_555 C DT 7 1_555 A DC 18 1_555 C DG 6 1_555 0.633  -1.428 3.290 -0.229 -0.075 21.857 -3.737 -1.760 3.288 -0.198 0.605 
21.858 14 AA_DA17DC18:DG6DT7_CC A 17 ? C 7  ? A 18 ? C 6  ? 
1 A DC 18 1_555 C DG 6 1_555 A DT 19 1_555 C DA 5 1_555 -1.269 -0.670 3.157 2.008  -3.287 47.623 -0.575 1.722  3.141 -4.063 -2.482 
47.769 15 AA_DC18DT19:DA5DG6_CC A 18 ? C 6  ? A 19 ? C 5  ? 
1 A DT 19 1_555 C DA 5 1_555 A DC 20 1_555 C DG 4 1_555 1.012  1.173  3.388 3.101  0.770  37.099 1.729  -1.152 3.481 1.207  -4.863 
37.232 16 AA_DT19DC20:DG4DA5_CC A 19 ? C 5  ? A 20 ? C 4  ? 
1 A DC 20 1_555 C DG 4 1_555 A DA 21 1_555 C DT 3 1_555 -1.118 1.544  3.513 -3.948 1.563  36.395 2.219  1.182  3.671 2.492  6.295 
36.633 17 AA_DC20DA21:DT3DG4_CC A 20 ? C 4  ? A 21 ? C 3  ? 
# 
loop_
_pdbx_audit_support.funding_organization 
_pdbx_audit_support.country 
_pdbx_audit_support.grant_number 
_pdbx_audit_support.ordinal 
'National Science Foundation (NSF, United States)'                                         'United States' 1360635     1 
'National Institutes of Health/National Institute of General Medical Sciences (NIH/NIGMS)' 'United States' R01GM104960 2 
'National Science Foundation (NSF, United States)'                                         'United States' NSF2004250  3 
# 
_pdbx_entity_nonpoly.entity_id   5 
_pdbx_entity_nonpoly.name        'CACODYLATE ION' 
_pdbx_entity_nonpoly.comp_id     CAC 
# 
_pdbx_initial_refinement_model.id               1 
_pdbx_initial_refinement_model.entity_id_list   ? 
_pdbx_initial_refinement_model.type             'experimental model' 
_pdbx_initial_refinement_model.source_name      PDB 
_pdbx_initial_refinement_model.accession_code   5VY6 
_pdbx_initial_refinement_model.details          ? 
# 
_pdbx_struct_assembly_auth_evidence.id                     1 
_pdbx_struct_assembly_auth_evidence.assembly_id            1 
_pdbx_struct_assembly_auth_evidence.experimental_support   none 
_pdbx_struct_assembly_auth_evidence.details                ? 
# 
